data_8S8P
#
_entry.id   8S8P
#
_cell.length_a   1.00
_cell.length_b   1.00
_cell.length_c   1.00
_cell.angle_alpha   90.00
_cell.angle_beta   90.00
_cell.angle_gamma   90.00
#
_symmetry.space_group_name_H-M   'P 1'
#
loop_
_entity.id
_entity.type
_entity.pdbx_description
1 polymer "DNA (5'-D(*AP*CP*AP*CP*AP*CP*AP*CP*AP*CP*CP*CP*AP*CP*AP*CP*AP*CP*CP*AP*C)-3')"
2 polymer "DNA (5'-D(*GP*TP*GP*GP*TP*GP*TP*GP*TP*GP*GP*GP*TP*GP*TP*GP*TP*GP*TP*GP*T)-3')"
3 polymer 'ATP-dependent DNA helicase II subunit 1'
4 polymer 'ATP-dependent DNA helicase II subunit 2'
5 polymer 'DNA-binding protein RAP1'
#
loop_
_entity_poly.entity_id
_entity_poly.type
_entity_poly.pdbx_seq_one_letter_code
_entity_poly.pdbx_strand_id
1 'polydeoxyribonucleotide'
;(DA)(DC)(DA)(DC)(DA)(DC)(DA)(DC)(DA)(DC)(DC)(DC)(DA)(DC)(DA)(DC)(DA)(DC)(DC)(DA)
(DC)
;
C
2 'polydeoxyribonucleotide'
;(DG)(DT)(DG)(DG)(DT)(DG)(DT)(DG)(DT)(DG)(DG)(DG)(DT)(DG)(DT)(DG)(DT)(DG)(DT)(DG)
(DT)
;
D
3 'polypeptide(L)'
;IHEGILFCIELSETMFKESSDLEYKSPLLEILESLDELMSQLVITRPGTAIGCYFYYCNREDAKEGIYELFPLRDINATF
MKKLNDLLEDLSSGRISLYDYFMFQQTGSEKQVRLSVLFTFMLDTFLEEIPGQKQLSNKRVFLFTDIDKPQEAQDIDERA
RLRRLTIDLFDNKVNFATFFIGYADKPFDNEFYSDILQLGSHTNENTGLDSEFDGPSTKPIDAKYIKSRILRKKEVKRIM
FQCPLILDEKTNFIVGVKGYTMYTHEKAGVRYKLVYEHEDIRQEAYSKRKFLNPITGEDVTGKTVKVYPYGDLDINLSDS
QDQIVMEAYTQKDAFLKIIGFRSSSKSIHYFNNIDKSSFIVPDEAKYEGSIRTLASLLKILRKKDKIAILWGKLKSNSHP
SLYTLSPSSVKDYNEGFYLYRVPFLDEIRKFPSLLSYDDGSEHKLDYDNMKKVTQSIMGYFNLRDGYNPSDFKNPLLQKH
YKVLHDYLLQIETTFDENETPNTKKDRMMREDDSLRKLYYIRNKILESEKSEDPIIQRLNKYVKIWNMFYKKFNDDN
;
K
4 'polypeptide(L)'
;SSESTTFIVDVSPSMMKNNNVSKSMAYLEYTLLNKSKKSRKTDWISCYLANCPVSENSQEIPNVFQIQSFLAPVTTTATI
GFIKRLKQYCDQHSHDSSNEGLQSMIQCLLVVSLDIKQQFQARKILKQIVVFTDNLDDLDITDEEIDLLTEELSTRIILI
DCGKDTQEERKKSNWLKLVEAIPNSRIYNMNELLVEITSPATSVVKPVRVFSGELRLGADILSTQTSNPSGSMQDENCLC
IKVEAFPATKAVSGLNRKTAVEVEDSQKKERYVGVKSIIEYEIHNEGNKKNVSEDDQSGSSYIPVTISKDSVTKAYRYGA
DYVVLPSVLVDQTVYESFPGLDLRGFLNREALPRYFLTSESSFITADTRLGCQSDLMAFSALVDVMLENRKIAVARYVSK
KDSEVNMCALCPVLIEHSNINSEKKFVKSLTLCRLPFAEDERVTDFPKLLDRTTTSGVPLKKETDGHQIDELMEQFVDSM
DTDELPEIPLGNYYQPIGEVTTDTTLPLPSLNKDQEENKKDPLRIPTVFVYRQQQVLLEWIHQLMINDSREFEIPELPDS
LKNKISPYTHKKFDSTKLVEVLGIKKV
;
L
5 'polypeptide(L)'
;KASFTDEEDEFILDVVRKNPTRRTTHTLYDEISHYVPNHTGNSIRHRFRVYLSKRLEYVYEVDKFGKLVRDDDGNLIKTK
VLPPSIKRKFSADEDYTLAIAVKKQFYRDLFQIDPDTGRSLITDEDTPTAIARRNMTMDPNHVPGSEPNFAAYRTQSRRG
PIAREFFKHFAEEHAAHTENAWRDRFRKFLLAYGIDDYISYYEAEKAQNREPEPMKNLTNRPKRPGVPTPGNYNSAAKRA
RN
;
R
#
# COMPACT_ATOMS: atom_id res chain seq x y z
N ILE C 1 1.72 -15.33 26.72
CA ILE C 1 0.41 -14.89 26.26
C ILE C 1 -0.41 -14.41 27.46
N HIS C 2 -0.51 -15.28 28.47
CA HIS C 2 -1.24 -14.96 29.69
C HIS C 2 -0.35 -14.14 30.63
N GLU C 3 -0.96 -13.62 31.69
CA GLU C 3 -0.24 -12.88 32.72
C GLU C 3 -1.15 -12.78 33.94
N GLY C 4 -0.58 -12.96 35.12
CA GLY C 4 -1.34 -12.79 36.34
C GLY C 4 -0.82 -11.67 37.21
N ILE C 5 -1.57 -10.58 37.30
CA ILE C 5 -1.27 -9.50 38.22
C ILE C 5 -2.00 -9.75 39.52
N LEU C 6 -1.43 -9.26 40.63
CA LEU C 6 -2.00 -9.48 41.96
C LEU C 6 -1.86 -8.18 42.74
N PHE C 7 -2.90 -7.35 42.71
CA PHE C 7 -2.89 -6.09 43.44
C PHE C 7 -2.99 -6.35 44.94
N CYS C 8 -1.90 -6.08 45.65
CA CYS C 8 -1.86 -6.19 47.11
C CYS C 8 -1.62 -4.80 47.67
N ILE C 9 -2.63 -4.24 48.33
CA ILE C 9 -2.60 -2.88 48.84
C ILE C 9 -2.64 -2.93 50.36
N GLU C 10 -1.67 -2.28 51.00
CA GLU C 10 -1.65 -2.21 52.45
C GLU C 10 -2.39 -0.97 52.92
N LEU C 11 -3.25 -1.14 53.92
CA LEU C 11 -4.09 -0.06 54.40
C LEU C 11 -3.43 0.67 55.56
N SER C 12 -3.51 1.99 55.54
CA SER C 12 -2.97 2.82 56.62
C SER C 12 -3.85 4.04 56.78
N GLU C 13 -3.72 4.69 57.95
CA GLU C 13 -4.53 5.88 58.23
C GLU C 13 -4.22 7.00 57.25
N THR C 14 -2.97 7.12 56.82
CA THR C 14 -2.61 8.13 55.82
C THR C 14 -3.19 7.80 54.45
N MET C 15 -3.24 6.52 54.09
CA MET C 15 -3.73 6.13 52.77
C MET C 15 -5.19 6.53 52.60
N PHE C 16 -6.02 6.32 53.63
CA PHE C 16 -7.42 6.74 53.56
C PHE C 16 -7.54 8.26 53.49
N LYS C 17 -6.68 8.97 54.22
CA LYS C 17 -6.73 10.43 54.23
C LYS C 17 -6.37 10.98 52.87
N GLU C 18 -7.14 11.97 52.40
CA GLU C 18 -6.83 12.65 51.16
C GLU C 18 -5.58 13.50 51.33
N SER C 19 -4.72 13.49 50.31
CA SER C 19 -3.46 14.22 50.34
C SER C 19 -3.49 15.38 49.36
N SER C 20 -2.87 16.49 49.75
CA SER C 20 -2.79 17.64 48.87
C SER C 20 -1.94 17.39 47.63
N ASP C 21 -1.16 16.31 47.63
CA ASP C 21 -0.37 15.97 46.44
C ASP C 21 -1.27 15.74 45.24
N LEU C 22 -2.28 14.87 45.40
CA LEU C 22 -3.24 14.60 44.35
C LEU C 22 -4.39 15.59 44.33
N GLU C 23 -4.22 16.75 44.98
CA GLU C 23 -5.26 17.77 45.09
C GLU C 23 -6.54 17.20 45.74
N TYR C 24 -6.38 16.79 47.00
CA TYR C 24 -7.47 16.28 47.83
C TYR C 24 -8.07 15.00 47.24
N LYS C 25 -7.22 14.13 46.71
CA LYS C 25 -7.62 12.81 46.25
C LYS C 25 -6.86 11.77 47.06
N SER C 26 -7.58 10.82 47.65
CA SER C 26 -6.95 9.84 48.51
C SER C 26 -6.01 8.95 47.71
N PRO C 27 -4.86 8.58 48.26
CA PRO C 27 -4.00 7.62 47.55
C PRO C 27 -4.68 6.28 47.29
N LEU C 28 -5.50 5.80 48.22
CA LEU C 28 -6.26 4.58 47.99
C LEU C 28 -7.27 4.77 46.85
N LEU C 29 -7.96 5.92 46.83
CA LEU C 29 -8.85 6.23 45.72
C LEU C 29 -8.10 6.34 44.40
N GLU C 30 -6.90 6.93 44.42
CA GLU C 30 -6.09 6.98 43.21
C GLU C 30 -5.72 5.59 42.74
N ILE C 31 -5.36 4.70 43.67
CA ILE C 31 -5.03 3.32 43.30
C ILE C 31 -6.23 2.62 42.70
N LEU C 32 -7.41 2.80 43.29
CA LEU C 32 -8.61 2.14 42.77
C LEU C 32 -8.98 2.68 41.38
N GLU C 33 -8.88 3.99 41.19
CA GLU C 33 -9.16 4.56 39.88
C GLU C 33 -8.14 4.08 38.85
N SER C 34 -6.87 3.95 39.25
CA SER C 34 -5.86 3.40 38.36
C SER C 34 -6.17 1.96 38.00
N LEU C 35 -6.65 1.17 38.96
CA LEU C 35 -7.06 -0.20 38.67
C LEU C 35 -8.20 -0.22 37.66
N ASP C 36 -9.18 0.66 37.83
CA ASP C 36 -10.30 0.71 36.88
C ASP C 36 -9.83 1.06 35.48
N GLU C 37 -8.99 2.10 35.37
CA GLU C 37 -8.46 2.49 34.07
C GLU C 37 -7.61 1.38 33.46
N LEU C 38 -6.79 0.72 34.28
CA LEU C 38 -5.93 -0.35 33.80
C LEU C 38 -6.74 -1.52 33.25
N MET C 39 -7.80 -1.91 33.98
CA MET C 39 -8.65 -2.99 33.48
C MET C 39 -9.37 -2.58 32.20
N SER C 40 -9.85 -1.34 32.14
CA SER C 40 -10.53 -0.86 30.94
C SER C 40 -9.60 -0.90 29.73
N GLN C 41 -8.35 -0.46 29.91
CA GLN C 41 -7.38 -0.50 28.81
C GLN C 41 -7.01 -1.93 28.45
N LEU C 42 -6.84 -2.79 29.44
CA LEU C 42 -6.39 -4.15 29.18
C LEU C 42 -7.45 -4.99 28.49
N VAL C 43 -8.73 -4.69 28.71
CA VAL C 43 -9.77 -5.45 28.01
C VAL C 43 -9.69 -5.22 26.51
N ILE C 44 -9.01 -4.16 26.07
CA ILE C 44 -8.81 -3.89 24.66
C ILE C 44 -7.43 -4.38 24.22
N THR C 45 -6.40 -3.92 24.93
CA THR C 45 -5.02 -4.20 24.51
C THR C 45 -4.69 -5.68 24.65
N ARG C 46 -4.95 -6.26 25.82
CA ARG C 46 -4.53 -7.63 26.12
C ARG C 46 -5.57 -8.28 27.01
N PRO C 47 -6.56 -8.94 26.41
CA PRO C 47 -7.63 -9.55 27.22
C PRO C 47 -7.20 -10.80 27.97
N GLY C 48 -6.02 -11.35 27.70
CA GLY C 48 -5.59 -12.56 28.38
C GLY C 48 -5.06 -12.35 29.78
N THR C 49 -4.90 -11.10 30.20
CA THR C 49 -4.36 -10.80 31.52
C THR C 49 -5.35 -11.23 32.61
N ALA C 50 -4.83 -11.80 33.69
CA ALA C 50 -5.60 -12.13 34.87
C ALA C 50 -5.24 -11.16 35.99
N ILE C 51 -6.26 -10.59 36.62
CA ILE C 51 -6.07 -9.54 37.62
C ILE C 51 -6.81 -9.90 38.90
N GLY C 52 -6.17 -9.66 40.04
CA GLY C 52 -6.82 -9.79 41.32
C GLY C 52 -6.42 -8.63 42.22
N CYS C 53 -7.28 -8.35 43.19
CA CYS C 53 -7.07 -7.24 44.12
C CYS C 53 -7.36 -7.70 45.54
N TYR C 54 -6.45 -7.38 46.46
CA TYR C 54 -6.60 -7.74 47.87
C TYR C 54 -6.25 -6.56 48.74
N PHE C 55 -7.02 -6.33 49.79
CA PHE C 55 -6.79 -5.25 50.74
C PHE C 55 -6.50 -5.81 52.13
N TYR C 56 -5.70 -5.06 52.88
CA TYR C 56 -5.25 -5.46 54.22
C TYR C 56 -4.49 -4.28 54.81
N TYR C 57 -4.59 -4.13 56.13
CA TYR C 57 -5.46 -4.93 57.00
C TYR C 57 -6.81 -4.25 57.13
N CYS C 58 -7.88 -5.00 56.89
CA CYS C 58 -9.23 -4.47 56.97
C CYS C 58 -10.07 -5.32 57.91
N ASN C 59 -11.14 -4.72 58.42
CA ASN C 59 -11.99 -5.37 59.41
C ASN C 59 -13.26 -5.97 58.81
N ARG C 60 -13.31 -6.15 57.49
CA ARG C 60 -14.46 -6.76 56.85
C ARG C 60 -14.66 -8.18 57.34
N GLU C 61 -15.92 -8.57 57.56
CA GLU C 61 -16.22 -9.95 57.90
C GLU C 61 -15.92 -10.88 56.73
N ASP C 62 -16.02 -10.37 55.49
CA ASP C 62 -15.61 -11.15 54.33
C ASP C 62 -14.11 -11.38 54.28
N ALA C 63 -13.32 -10.51 54.91
CA ALA C 63 -11.87 -10.63 54.89
C ALA C 63 -11.41 -11.92 55.56
N LYS C 64 -10.85 -12.83 54.78
CA LYS C 64 -10.36 -14.10 55.31
C LYS C 64 -9.05 -13.86 56.04
N GLU C 65 -9.12 -13.81 57.37
CA GLU C 65 -7.96 -13.57 58.23
C GLU C 65 -7.28 -12.24 57.92
N GLY C 66 -8.07 -11.23 57.59
CA GLY C 66 -7.57 -9.87 57.46
C GLY C 66 -7.25 -9.40 56.07
N ILE C 67 -7.40 -10.25 55.05
CA ILE C 67 -7.18 -9.86 53.66
C ILE C 67 -8.53 -9.88 52.95
N TYR C 68 -8.86 -8.78 52.29
CA TYR C 68 -10.17 -8.60 51.67
C TYR C 68 -10.03 -8.75 50.15
N GLU C 69 -10.77 -9.69 49.59
CA GLU C 69 -10.69 -10.02 48.16
C GLU C 69 -11.78 -9.25 47.43
N LEU C 70 -11.39 -8.11 46.84
CA LEU C 70 -12.34 -7.35 46.04
C LEU C 70 -12.81 -8.15 44.83
N PHE C 71 -11.87 -8.82 44.14
CA PHE C 71 -12.17 -9.83 43.16
C PHE C 71 -10.97 -10.75 43.07
N PRO C 72 -11.17 -12.06 42.97
CA PRO C 72 -10.03 -13.00 43.03
C PRO C 72 -9.13 -12.93 41.81
N LEU C 73 -8.07 -13.74 41.83
CA LEU C 73 -7.13 -13.82 40.71
C LEU C 73 -7.80 -14.63 39.61
N ARG C 74 -8.54 -13.95 38.75
CA ARG C 74 -9.22 -14.56 37.63
C ARG C 74 -8.94 -13.77 36.37
N ASP C 75 -9.26 -14.37 35.22
CA ASP C 75 -9.14 -13.68 33.95
C ASP C 75 -10.04 -12.46 33.94
N ILE C 76 -9.69 -11.49 33.09
CA ILE C 76 -10.43 -10.23 33.04
C ILE C 76 -11.90 -10.50 32.71
N ASN C 77 -12.79 -9.95 33.52
CA ASN C 77 -14.22 -10.18 33.39
C ASN C 77 -14.95 -8.85 33.49
N ALA C 78 -16.08 -8.75 32.79
CA ALA C 78 -16.88 -7.52 32.86
C ALA C 78 -17.54 -7.36 34.23
N THR C 79 -17.83 -8.48 34.91
CA THR C 79 -18.45 -8.41 36.23
C THR C 79 -17.56 -7.68 37.22
N PHE C 80 -16.25 -7.96 37.18
CA PHE C 80 -15.34 -7.29 38.10
C PHE C 80 -15.21 -5.81 37.80
N MET C 81 -15.23 -5.41 36.52
CA MET C 81 -15.25 -3.99 36.20
C MET C 81 -16.52 -3.34 36.69
N LYS C 82 -17.66 -4.01 36.57
CA LYS C 82 -18.90 -3.46 37.09
C LYS C 82 -18.83 -3.29 38.60
N LYS C 83 -18.26 -4.28 39.30
CA LYS C 83 -18.13 -4.18 40.75
C LYS C 83 -17.23 -2.99 41.15
N LEU C 84 -16.09 -2.86 40.48
CA LEU C 84 -15.18 -1.76 40.79
C LEU C 84 -15.77 -0.41 40.42
N ASN C 85 -16.54 -0.34 39.34
CA ASN C 85 -17.19 0.91 38.97
C ASN C 85 -18.31 1.26 39.94
N ASP C 86 -19.02 0.25 40.46
CA ASP C 86 -19.99 0.52 41.53
C ASP C 86 -19.29 1.08 42.76
N LEU C 87 -18.13 0.51 43.10
CA LEU C 87 -17.35 1.03 44.22
C LEU C 87 -16.96 2.49 43.97
N LEU C 88 -16.48 2.79 42.76
CA LEU C 88 -16.08 4.16 42.44
C LEU C 88 -17.27 5.11 42.47
N GLU C 89 -18.43 4.66 41.99
CA GLU C 89 -19.62 5.49 42.01
C GLU C 89 -20.07 5.78 43.44
N ASP C 90 -20.00 4.76 44.31
CA ASP C 90 -20.36 4.96 45.70
C ASP C 90 -19.40 5.95 46.37
N LEU C 91 -18.11 5.84 46.07
CA LEU C 91 -17.15 6.80 46.63
C LEU C 91 -17.40 8.21 46.11
N SER C 92 -17.70 8.36 44.81
CA SER C 92 -17.85 9.69 44.23
C SER C 92 -19.14 10.37 44.68
N SER C 93 -20.24 9.62 44.72
CA SER C 93 -21.52 10.20 45.11
C SER C 93 -21.63 10.44 46.60
N GLY C 94 -20.70 9.93 47.40
CA GLY C 94 -20.76 10.08 48.83
C GLY C 94 -21.67 9.10 49.54
N ARG C 95 -22.19 8.09 48.83
CA ARG C 95 -23.08 7.13 49.47
C ARG C 95 -22.36 6.37 50.58
N ILE C 96 -21.17 5.83 50.28
CA ILE C 96 -20.36 5.13 51.27
C ILE C 96 -18.95 5.69 51.22
N SER C 97 -18.41 6.02 52.38
CA SER C 97 -17.03 6.49 52.49
C SER C 97 -16.08 5.30 52.49
N LEU C 98 -14.80 5.60 52.25
CA LEU C 98 -13.79 4.54 52.25
C LEU C 98 -13.65 3.90 53.61
N TYR C 99 -13.72 4.71 54.68
CA TYR C 99 -13.67 4.16 56.03
C TYR C 99 -14.82 3.22 56.28
N ASP C 100 -16.04 3.60 55.86
CA ASP C 100 -17.19 2.73 56.05
C ASP C 100 -17.06 1.44 55.24
N TYR C 101 -16.57 1.54 54.01
CA TYR C 101 -16.42 0.35 53.17
C TYR C 101 -15.42 -0.62 53.78
N PHE C 102 -14.24 -0.13 54.16
CA PHE C 102 -13.19 -1.00 54.68
C PHE C 102 -13.24 -1.16 56.19
N MET C 103 -14.18 -0.50 56.86
CA MET C 103 -14.30 -0.51 58.32
C MET C 103 -12.94 -0.26 58.97
N PHE C 104 -12.39 0.91 58.68
CA PHE C 104 -11.10 1.35 59.20
C PHE C 104 -11.35 2.51 60.14
N GLN C 105 -11.48 2.21 61.43
CA GLN C 105 -11.68 3.23 62.45
C GLN C 105 -10.36 3.93 62.75
N GLN C 106 -10.40 5.25 62.85
CA GLN C 106 -9.20 6.06 63.05
C GLN C 106 -8.88 6.08 64.54
N THR C 107 -7.93 5.24 64.97
CA THR C 107 -7.50 5.18 66.36
C THR C 107 -6.07 5.61 66.57
N GLY C 108 -5.21 5.52 65.55
CA GLY C 108 -3.81 5.84 65.69
C GLY C 108 -2.93 4.68 66.13
N SER C 109 -3.53 3.54 66.51
CA SER C 109 -2.78 2.36 66.90
C SER C 109 -3.38 1.10 66.29
N GLU C 110 -3.84 1.19 65.05
CA GLU C 110 -4.49 0.07 64.40
C GLU C 110 -3.51 -1.08 64.18
N LYS C 111 -4.01 -2.31 64.32
CA LYS C 111 -3.19 -3.49 64.16
C LYS C 111 -2.73 -3.64 62.71
N GLN C 112 -1.73 -4.50 62.50
CA GLN C 112 -1.18 -4.72 61.18
C GLN C 112 -0.96 -6.22 60.99
N VAL C 113 -0.97 -6.63 59.72
CA VAL C 113 -0.77 -8.03 59.37
C VAL C 113 0.71 -8.36 59.39
N ARG C 114 1.03 -9.61 59.70
CA ARG C 114 2.40 -10.09 59.68
C ARG C 114 2.76 -10.55 58.27
N LEU C 115 3.91 -10.12 57.78
CA LEU C 115 4.27 -10.32 56.38
C LEU C 115 4.43 -11.79 56.02
N SER C 116 4.62 -12.67 57.00
CA SER C 116 4.78 -14.09 56.69
C SER C 116 3.50 -14.66 56.08
N VAL C 117 2.36 -14.42 56.72
CA VAL C 117 1.09 -14.92 56.19
C VAL C 117 0.76 -14.22 54.87
N LEU C 118 1.12 -12.94 54.75
CA LEU C 118 0.88 -12.21 53.51
C LEU C 118 1.64 -12.85 52.35
N PHE C 119 2.92 -13.15 52.55
CA PHE C 119 3.72 -13.75 51.48
C PHE C 119 3.32 -15.19 51.19
N THR C 120 2.92 -15.96 52.22
CA THR C 120 2.42 -17.31 51.95
C THR C 120 1.13 -17.25 51.14
N PHE C 121 0.24 -16.31 51.47
CA PHE C 121 -0.98 -16.12 50.68
C PHE C 121 -0.64 -15.70 49.25
N MET C 122 0.37 -14.86 49.08
CA MET C 122 0.83 -14.50 47.75
C MET C 122 1.28 -15.73 46.98
N LEU C 123 2.04 -16.61 47.63
CA LEU C 123 2.48 -17.84 46.98
C LEU C 123 1.29 -18.78 46.71
N ASP C 124 0.39 -18.90 47.69
CA ASP C 124 -0.72 -19.84 47.55
C ASP C 124 -1.71 -19.40 46.48
N THR C 125 -1.89 -18.08 46.31
CA THR C 125 -2.82 -17.59 45.31
C THR C 125 -2.42 -18.01 43.91
N PHE C 126 -1.13 -17.92 43.59
CA PHE C 126 -0.64 -18.33 42.28
C PHE C 126 -0.52 -19.85 42.14
N LEU C 127 -0.73 -20.60 43.22
CA LEU C 127 -0.71 -22.06 43.16
C LEU C 127 -2.07 -22.65 42.84
N GLU C 128 -3.15 -22.02 43.31
CA GLU C 128 -4.51 -22.51 43.07
C GLU C 128 -4.99 -22.12 41.67
N GLU C 129 -4.35 -22.72 40.67
CA GLU C 129 -4.72 -22.46 39.28
C GLU C 129 -6.15 -22.89 39.01
N ILE C 130 -6.91 -22.01 38.36
CA ILE C 130 -8.33 -22.23 38.12
C ILE C 130 -8.52 -23.24 36.99
N PRO C 131 -9.30 -24.29 37.18
CA PRO C 131 -9.53 -25.25 36.09
C PRO C 131 -10.17 -24.63 34.85
N GLY C 132 -10.99 -23.60 35.03
CA GLY C 132 -11.68 -22.95 33.93
C GLY C 132 -10.89 -21.90 33.19
N GLN C 133 -9.64 -21.67 33.57
CA GLN C 133 -8.79 -20.69 32.89
C GLN C 133 -7.41 -21.30 32.65
N LYS C 134 -6.73 -20.81 31.63
CA LYS C 134 -5.45 -21.37 31.23
C LYS C 134 -4.35 -20.97 32.21
N GLN C 135 -3.19 -21.61 32.05
CA GLN C 135 -2.08 -21.43 32.98
C GLN C 135 -1.51 -20.02 32.88
N LEU C 136 -0.81 -19.61 33.94
CA LEU C 136 -0.23 -18.28 34.03
C LEU C 136 1.20 -18.32 33.49
N SER C 137 1.42 -17.62 32.37
CA SER C 137 2.76 -17.55 31.80
C SER C 137 3.67 -16.63 32.60
N ASN C 138 3.15 -15.48 33.02
CA ASN C 138 3.91 -14.51 33.80
C ASN C 138 3.13 -14.18 35.06
N LYS C 139 3.85 -14.08 36.18
CA LYS C 139 3.23 -13.83 37.48
C LYS C 139 3.87 -12.59 38.09
N ARG C 140 3.03 -11.70 38.61
CA ARG C 140 3.49 -10.46 39.22
C ARG C 140 2.68 -10.17 40.48
N VAL C 141 3.22 -9.28 41.31
CA VAL C 141 2.54 -8.78 42.50
C VAL C 141 2.76 -7.28 42.56
N PHE C 142 1.69 -6.51 42.40
CA PHE C 142 1.76 -5.05 42.47
C PHE C 142 1.61 -4.65 43.93
N LEU C 143 2.73 -4.43 44.60
CA LEU C 143 2.76 -4.20 46.04
C LEU C 143 2.62 -2.72 46.32
N PHE C 144 1.51 -2.35 46.96
CA PHE C 144 1.30 -0.99 47.45
C PHE C 144 1.28 -1.00 48.97
N THR C 145 2.02 -0.08 49.57
CA THR C 145 2.05 0.02 51.04
C THR C 145 2.53 1.40 51.43
N ASP C 146 2.29 1.75 52.69
CA ASP C 146 2.75 3.00 53.27
C ASP C 146 3.44 2.80 54.62
N ILE C 147 3.33 1.62 55.22
CA ILE C 147 3.94 1.33 56.50
C ILE C 147 5.29 0.68 56.22
N ASP C 148 6.35 1.49 56.27
CA ASP C 148 7.68 1.00 55.96
C ASP C 148 8.32 0.24 57.10
N LYS C 149 7.78 0.33 58.32
CA LYS C 149 8.35 -0.29 59.49
C LYS C 149 7.28 -1.11 60.20
N PRO C 150 7.02 -2.33 59.74
CA PRO C 150 6.06 -3.21 60.41
C PRO C 150 6.70 -3.87 61.64
N GLN C 151 5.93 -4.75 62.27
CA GLN C 151 6.43 -5.43 63.45
C GLN C 151 7.59 -6.35 63.13
N GLU C 152 7.53 -7.04 61.98
CA GLU C 152 8.59 -7.99 61.61
C GLU C 152 9.90 -7.30 61.28
N ALA C 153 9.88 -5.98 61.08
CA ALA C 153 11.11 -5.27 60.73
C ALA C 153 12.14 -5.31 61.85
N GLN C 154 11.69 -5.24 63.11
CA GLN C 154 12.63 -5.20 64.22
C GLN C 154 13.39 -6.52 64.38
N ASP C 155 12.71 -7.65 64.19
CA ASP C 155 13.35 -8.95 64.32
C ASP C 155 14.31 -9.19 63.16
N ILE C 156 15.21 -10.16 63.34
CA ILE C 156 16.19 -10.49 62.32
C ILE C 156 16.04 -11.96 61.92
N ASP C 157 15.58 -12.79 62.86
CA ASP C 157 15.31 -14.19 62.53
C ASP C 157 14.10 -14.32 61.62
N GLU C 158 13.01 -13.62 61.96
CA GLU C 158 11.86 -13.60 61.07
C GLU C 158 12.16 -12.84 59.79
N ARG C 159 13.18 -11.96 59.80
CA ARG C 159 13.68 -11.42 58.54
C ARG C 159 14.24 -12.54 57.67
N ALA C 160 14.97 -13.47 58.27
CA ALA C 160 15.45 -14.62 57.51
C ALA C 160 14.30 -15.49 57.02
N ARG C 161 13.26 -15.64 57.84
CA ARG C 161 12.08 -16.40 57.41
C ARG C 161 11.40 -15.72 56.22
N LEU C 162 11.26 -14.39 56.27
CA LEU C 162 10.70 -13.64 55.16
C LEU C 162 11.58 -13.76 53.92
N ARG C 163 12.89 -13.77 54.10
CA ARG C 163 13.80 -13.99 52.96
C ARG C 163 13.58 -15.37 52.35
N ARG C 164 13.38 -16.38 53.19
CA ARG C 164 13.09 -17.73 52.67
C ARG C 164 11.80 -17.75 51.88
N LEU C 165 10.76 -17.08 52.40
CA LEU C 165 9.50 -17.00 51.68
C LEU C 165 9.67 -16.26 50.35
N THR C 166 10.46 -15.19 50.35
CA THR C 166 10.72 -14.45 49.11
C THR C 166 11.47 -15.31 48.12
N ILE C 167 12.42 -16.11 48.58
CA ILE C 167 13.14 -17.02 47.70
C ILE C 167 12.18 -18.04 47.10
N ASP C 168 11.24 -18.55 47.92
CA ASP C 168 10.23 -19.47 47.39
C ASP C 168 9.38 -18.79 46.33
N LEU C 169 8.99 -17.53 46.58
CA LEU C 169 8.19 -16.80 45.60
C LEU C 169 8.93 -16.62 44.29
N PHE C 170 10.20 -16.24 44.37
CA PHE C 170 11.00 -16.09 43.15
C PHE C 170 11.17 -17.41 42.43
N ASP C 171 11.38 -18.51 43.18
CA ASP C 171 11.48 -19.83 42.57
C ASP C 171 10.18 -20.22 41.88
N ASN C 172 9.05 -19.73 42.39
CA ASN C 172 7.77 -19.95 41.72
C ASN C 172 7.48 -18.90 40.65
N LYS C 173 8.48 -18.12 40.24
CA LYS C 173 8.42 -17.13 39.17
C LYS C 173 7.46 -16.00 39.45
N VAL C 174 7.18 -15.70 40.71
CA VAL C 174 6.29 -14.60 41.08
C VAL C 174 7.17 -13.39 41.40
N ASN C 175 7.45 -12.58 40.40
CA ASN C 175 8.27 -11.39 40.56
C ASN C 175 7.44 -10.27 41.17
N PHE C 176 8.09 -9.41 41.94
CA PHE C 176 7.41 -8.30 42.58
C PHE C 176 7.52 -7.02 41.75
N ALA C 177 6.53 -6.15 41.90
CA ALA C 177 6.55 -4.80 41.33
C ALA C 177 6.08 -3.85 42.42
N THR C 178 7.03 -3.18 43.07
CA THR C 178 6.74 -2.40 44.27
C THR C 178 6.27 -1.00 43.91
N PHE C 179 5.37 -0.46 44.73
CA PHE C 179 4.84 0.89 44.60
C PHE C 179 4.88 1.61 45.93
N PHE C 180 6.04 1.56 46.60
CA PHE C 180 6.18 2.21 47.89
C PHE C 180 5.98 3.71 47.75
N ILE C 181 5.11 4.28 48.58
CA ILE C 181 4.64 5.65 48.43
C ILE C 181 5.34 6.53 49.45
N GLY C 182 5.84 7.67 48.99
CA GLY C 182 6.42 8.67 49.87
C GLY C 182 5.85 10.03 49.58
N TYR C 183 5.75 10.85 50.62
CA TYR C 183 5.15 12.17 50.52
C TYR C 183 6.19 13.25 50.79
N ALA C 184 5.87 14.47 50.38
CA ALA C 184 6.73 15.60 50.68
C ALA C 184 6.79 15.86 52.19
N ASP C 185 5.66 15.72 52.86
CA ASP C 185 5.59 15.90 54.31
C ASP C 185 5.98 14.65 55.08
N LYS C 186 6.20 13.53 54.40
CA LYS C 186 6.60 12.29 55.07
C LYS C 186 7.40 11.41 54.11
N PRO C 187 8.72 11.44 54.19
CA PRO C 187 9.53 10.56 53.32
C PRO C 187 9.33 9.09 53.67
N PHE C 188 9.79 8.23 52.77
CA PHE C 188 9.66 6.78 52.90
C PHE C 188 11.03 6.17 53.13
N ASP C 189 11.15 5.35 54.17
CA ASP C 189 12.38 4.65 54.48
C ASP C 189 12.42 3.32 53.76
N ASN C 190 13.53 3.04 53.08
CA ASN C 190 13.63 1.91 52.16
C ASN C 190 14.42 0.73 52.71
N GLU C 191 14.95 0.82 53.93
CA GLU C 191 15.91 -0.17 54.40
C GLU C 191 15.29 -1.56 54.53
N PHE C 192 14.11 -1.66 55.15
CA PHE C 192 13.56 -2.98 55.47
C PHE C 192 13.17 -3.75 54.21
N TYR C 193 12.40 -3.11 53.32
CA TYR C 193 11.92 -3.80 52.14
C TYR C 193 13.06 -4.13 51.19
N SER C 194 14.02 -3.23 51.06
CA SER C 194 15.22 -3.54 50.27
C SER C 194 15.99 -4.70 50.88
N ASP C 195 16.06 -4.75 52.21
CA ASP C 195 16.74 -5.86 52.86
C ASP C 195 16.08 -7.19 52.52
N ILE C 196 14.74 -7.23 52.59
CA ILE C 196 14.06 -8.51 52.45
C ILE C 196 13.99 -8.94 50.99
N LEU C 197 13.69 -8.01 50.09
CA LEU C 197 13.31 -8.32 48.71
C LEU C 197 14.49 -8.56 47.77
N GLN C 198 15.72 -8.27 48.20
CA GLN C 198 16.89 -8.52 47.36
C GLN C 198 17.61 -9.79 47.79
N LEU C 199 18.30 -10.40 46.83
CA LEU C 199 19.04 -11.64 47.06
C LEU C 199 20.34 -11.41 47.82
N GLY C 200 20.85 -10.18 47.84
CA GLY C 200 22.14 -9.92 48.45
C GLY C 200 23.28 -10.03 47.47
N SER C 201 23.20 -9.28 46.37
CA SER C 201 24.21 -9.34 45.32
C SER C 201 25.57 -8.96 45.86
N HIS C 202 26.48 -9.94 45.87
CA HIS C 202 27.84 -9.76 46.38
C HIS C 202 28.83 -10.26 45.33
N THR C 203 29.91 -9.52 45.14
CA THR C 203 30.90 -9.88 44.13
C THR C 203 31.57 -11.20 44.50
N ASN C 204 31.71 -12.08 43.51
CA ASN C 204 32.25 -13.42 43.73
C ASN C 204 33.77 -13.40 43.56
N GLU C 205 34.42 -12.66 44.46
CA GLU C 205 35.89 -12.58 44.53
C GLU C 205 36.53 -12.28 43.18
N ASN C 206 37.62 -12.97 42.87
CA ASN C 206 38.35 -12.78 41.62
C ASN C 206 38.17 -13.94 40.66
N THR C 207 37.13 -14.77 40.86
CA THR C 207 36.86 -15.92 40.01
C THR C 207 35.70 -15.66 39.05
N GLY C 208 35.45 -14.40 38.73
CA GLY C 208 34.38 -14.03 37.82
C GLY C 208 33.35 -13.14 38.50
N LEU C 209 32.28 -12.88 37.77
CA LEU C 209 31.21 -12.02 38.24
C LEU C 209 30.09 -12.86 38.87
N ASP C 210 29.08 -12.16 39.38
CA ASP C 210 27.91 -12.77 39.97
C ASP C 210 26.69 -12.49 39.10
N SER C 211 25.53 -12.93 39.59
CA SER C 211 24.29 -12.75 38.83
C SER C 211 23.93 -11.27 38.72
N GLU C 212 23.51 -10.87 37.52
CA GLU C 212 23.12 -9.48 37.31
C GLU C 212 21.83 -9.14 38.03
N PHE C 213 20.89 -10.08 38.08
CA PHE C 213 19.62 -9.86 38.77
C PHE C 213 19.83 -9.92 40.27
N ASP C 214 19.24 -8.96 40.98
CA ASP C 214 19.37 -8.94 42.44
C ASP C 214 18.02 -8.84 43.15
N GLY C 215 17.05 -8.14 42.58
CA GLY C 215 15.75 -8.00 43.20
C GLY C 215 14.96 -6.83 42.66
N PRO C 216 13.71 -6.71 43.07
CA PRO C 216 12.86 -5.63 42.55
C PRO C 216 13.34 -4.25 42.99
N SER C 217 13.01 -3.26 42.18
CA SER C 217 13.40 -1.87 42.42
C SER C 217 12.47 -1.31 43.49
N THR C 218 12.99 -1.14 44.70
CA THR C 218 12.21 -0.67 45.84
C THR C 218 12.32 0.84 46.06
N LYS C 219 12.68 1.59 45.04
CA LYS C 219 12.81 3.04 45.19
C LYS C 219 11.43 3.65 45.42
N PRO C 220 11.24 4.45 46.47
CA PRO C 220 9.92 5.05 46.71
C PRO C 220 9.49 5.94 45.57
N ILE C 221 8.18 5.91 45.28
CA ILE C 221 7.58 6.74 44.25
C ILE C 221 6.65 7.74 44.94
N ASP C 222 6.71 8.99 44.49
CA ASP C 222 5.84 10.01 45.05
C ASP C 222 4.38 9.71 44.72
N ALA C 223 3.49 10.16 45.60
CA ALA C 223 2.05 9.98 45.37
C ALA C 223 1.59 10.67 44.10
N LYS C 224 2.36 11.65 43.60
CA LYS C 224 2.03 12.31 42.35
C LYS C 224 2.10 11.37 41.15
N TYR C 225 2.84 10.25 41.27
CA TYR C 225 3.14 9.39 40.14
C TYR C 225 2.50 8.01 40.26
N ILE C 226 1.52 7.84 41.15
CA ILE C 226 0.93 6.52 41.37
C ILE C 226 0.24 6.04 40.10
N LYS C 227 -0.63 6.89 39.53
CA LYS C 227 -1.40 6.48 38.36
C LYS C 227 -0.51 6.27 37.14
N SER C 228 0.46 7.18 36.94
CA SER C 228 1.36 7.05 35.80
C SER C 228 2.24 5.81 35.92
N ARG C 229 2.62 5.43 37.15
CA ARG C 229 3.44 4.24 37.33
C ARG C 229 2.63 2.96 37.14
N ILE C 230 1.40 2.93 37.66
CA ILE C 230 0.58 1.72 37.49
C ILE C 230 0.22 1.50 36.03
N LEU C 231 -0.17 2.57 35.32
CA LEU C 231 -0.69 2.41 33.97
C LEU C 231 0.39 2.00 32.98
N ARG C 232 1.64 2.38 33.23
CA ARG C 232 2.74 2.04 32.33
C ARG C 232 3.49 0.78 32.76
N LYS C 233 3.05 0.14 33.84
CA LYS C 233 3.65 -1.11 34.30
C LYS C 233 2.82 -2.33 33.94
N LYS C 234 1.69 -2.15 33.25
CA LYS C 234 0.82 -3.25 32.88
C LYS C 234 1.24 -3.95 31.59
N GLU C 235 2.17 -3.38 30.84
CA GLU C 235 2.49 -3.87 29.51
C GLU C 235 3.59 -4.93 29.59
N VAL C 236 3.39 -6.04 28.89
CA VAL C 236 4.38 -7.11 28.78
C VAL C 236 5.27 -6.85 27.57
N LYS C 237 6.54 -7.19 27.68
CA LYS C 237 7.48 -7.04 26.57
C LYS C 237 7.15 -8.07 25.50
N ARG C 238 6.71 -7.59 24.35
CA ARG C 238 6.31 -8.44 23.23
C ARG C 238 7.47 -8.50 22.24
N ILE C 239 8.26 -9.57 22.34
CA ILE C 239 9.46 -9.71 21.51
C ILE C 239 9.05 -9.98 20.07
N MET C 240 9.45 -9.09 19.16
CA MET C 240 9.18 -9.30 17.74
C MET C 240 10.17 -10.30 17.14
N PHE C 241 11.46 -10.00 17.24
CA PHE C 241 12.49 -10.83 16.64
C PHE C 241 13.71 -10.89 17.53
N GLN C 242 14.56 -11.87 17.27
CA GLN C 242 15.89 -11.97 17.90
C GLN C 242 16.83 -12.51 16.83
N CYS C 243 17.56 -11.60 16.19
CA CYS C 243 18.43 -11.94 15.07
C CYS C 243 19.84 -11.45 15.36
N PRO C 244 20.86 -12.27 15.11
CA PRO C 244 22.23 -11.82 15.34
C PRO C 244 22.58 -10.62 14.48
N LEU C 245 23.33 -9.68 15.06
CA LEU C 245 23.80 -8.50 14.35
C LEU C 245 25.27 -8.73 14.01
N ILE C 246 25.55 -8.90 12.73
CA ILE C 246 26.89 -9.26 12.27
C ILE C 246 27.58 -7.95 11.88
N LEU C 247 28.24 -7.32 12.85
CA LEU C 247 28.88 -6.03 12.60
C LEU C 247 30.02 -6.16 11.60
N ASP C 248 30.82 -7.22 11.71
CA ASP C 248 31.91 -7.49 10.78
C ASP C 248 31.86 -8.97 10.44
N GLU C 249 31.78 -9.29 9.15
CA GLU C 249 31.57 -10.66 8.72
C GLU C 249 32.81 -11.52 8.94
N LYS C 250 33.93 -11.10 8.34
CA LYS C 250 35.11 -11.97 8.27
C LYS C 250 35.70 -12.25 9.64
N THR C 251 35.74 -11.25 10.52
CA THR C 251 36.35 -11.40 11.84
C THR C 251 35.38 -11.97 12.88
N ASN C 252 34.18 -12.36 12.47
CA ASN C 252 33.16 -12.90 13.37
C ASN C 252 32.88 -11.93 14.52
N PHE C 253 32.62 -10.68 14.14
CA PHE C 253 32.29 -9.62 15.08
C PHE C 253 30.77 -9.52 15.15
N ILE C 254 30.15 -10.57 15.68
CA ILE C 254 28.70 -10.73 15.63
C ILE C 254 28.15 -10.76 17.05
N VAL C 255 27.02 -10.07 17.25
CA VAL C 255 26.40 -9.94 18.56
C VAL C 255 24.91 -10.28 18.45
N GLY C 256 24.32 -10.61 19.59
CA GLY C 256 22.89 -10.85 19.62
C GLY C 256 22.10 -9.57 19.78
N VAL C 257 20.84 -9.61 19.34
CA VAL C 257 19.96 -8.44 19.34
C VAL C 257 18.53 -8.92 19.56
N LYS C 258 17.80 -8.19 20.40
CA LYS C 258 16.37 -8.42 20.61
C LYS C 258 15.57 -7.28 19.99
N GLY C 259 14.38 -7.61 19.50
CA GLY C 259 13.54 -6.62 18.86
C GLY C 259 12.14 -6.56 19.43
N TYR C 260 11.75 -5.38 19.92
CA TYR C 260 10.44 -5.17 20.52
C TYR C 260 9.70 -4.09 19.74
N THR C 261 8.43 -4.35 19.45
CA THR C 261 7.62 -3.40 18.68
C THR C 261 7.19 -2.26 19.58
N MET C 262 7.68 -1.06 19.29
CA MET C 262 7.30 0.11 20.09
C MET C 262 5.82 0.41 19.97
N TYR C 263 5.27 0.33 18.76
CA TYR C 263 3.87 0.64 18.51
C TYR C 263 3.29 -0.37 17.54
N THR C 264 1.97 -0.54 17.62
CA THR C 264 1.23 -1.46 16.75
C THR C 264 0.08 -0.71 16.10
N HIS C 265 -0.77 -1.46 15.41
CA HIS C 265 -2.00 -0.94 14.82
C HIS C 265 -3.16 -1.72 15.41
N GLU C 266 -3.96 -1.05 16.25
CA GLU C 266 -5.08 -1.69 16.92
C GLU C 266 -6.33 -1.57 16.05
N LYS C 267 -6.96 -2.69 15.79
CA LYS C 267 -8.13 -2.75 14.93
C LYS C 267 -9.39 -2.98 15.76
N ALA C 268 -10.54 -2.56 15.21
CA ALA C 268 -11.77 -2.52 15.98
C ALA C 268 -12.22 -3.91 16.42
N GLY C 269 -12.33 -4.83 15.47
CA GLY C 269 -12.99 -6.09 15.77
C GLY C 269 -12.33 -7.36 15.28
N VAL C 270 -11.00 -7.43 15.32
CA VAL C 270 -10.32 -8.64 14.87
C VAL C 270 -10.42 -9.80 15.84
N ARG C 271 -10.66 -9.54 17.13
CA ARG C 271 -10.82 -10.62 18.10
C ARG C 271 -12.29 -11.03 18.12
N TYR C 272 -12.57 -12.26 17.70
CA TYR C 272 -13.93 -12.75 17.59
C TYR C 272 -13.91 -14.27 17.65
N LYS C 273 -15.04 -14.88 17.32
CA LYS C 273 -15.15 -16.33 17.29
C LYS C 273 -16.36 -16.70 16.44
N LEU C 274 -16.14 -17.51 15.41
CA LEU C 274 -17.24 -17.95 14.55
C LEU C 274 -18.08 -18.96 15.32
N VAL C 275 -19.37 -18.67 15.47
CA VAL C 275 -20.27 -19.45 16.31
C VAL C 275 -21.34 -20.09 15.45
N TYR C 276 -21.52 -21.40 15.61
CA TYR C 276 -22.60 -22.14 14.97
C TYR C 276 -23.76 -22.17 15.95
N GLU C 277 -24.75 -21.30 15.71
CA GLU C 277 -25.91 -21.19 16.59
C GLU C 277 -26.97 -22.17 16.10
N HIS C 278 -27.18 -23.24 16.87
CA HIS C 278 -28.17 -24.26 16.56
C HIS C 278 -29.15 -24.32 17.72
N GLU C 279 -30.33 -23.73 17.53
CA GLU C 279 -31.37 -23.68 18.55
C GLU C 279 -30.86 -23.01 19.81
N ASP C 280 -30.41 -23.80 20.78
CA ASP C 280 -29.89 -23.28 22.04
C ASP C 280 -28.44 -23.63 22.32
N ILE C 281 -27.88 -24.63 21.64
CA ILE C 281 -26.51 -25.05 21.86
C ILE C 281 -25.59 -24.20 21.00
N ARG C 282 -24.66 -23.51 21.64
CA ARG C 282 -23.68 -22.66 20.97
C ARG C 282 -22.31 -23.30 21.09
N GLN C 283 -21.59 -23.40 19.97
CA GLN C 283 -20.27 -24.02 19.95
C GLN C 283 -19.43 -23.40 18.85
N GLU C 284 -18.13 -23.65 18.92
CA GLU C 284 -17.18 -23.06 17.99
C GLU C 284 -17.37 -23.63 16.58
N ALA C 285 -17.18 -22.76 15.58
CA ALA C 285 -17.20 -23.14 14.18
C ALA C 285 -15.88 -22.70 13.56
N TYR C 286 -15.14 -23.65 13.02
CA TYR C 286 -13.82 -23.37 12.46
C TYR C 286 -13.90 -23.21 10.95
N SER C 287 -12.93 -22.48 10.40
CA SER C 287 -12.87 -22.17 8.98
C SER C 287 -11.64 -22.81 8.35
N LYS C 288 -11.84 -23.47 7.21
CA LYS C 288 -10.76 -24.13 6.49
C LYS C 288 -10.73 -23.63 5.05
N ARG C 289 -9.54 -23.68 4.46
CA ARG C 289 -9.32 -23.26 3.08
C ARG C 289 -9.21 -24.49 2.20
N LYS C 290 -10.35 -24.96 1.71
CA LYS C 290 -10.37 -26.12 0.83
C LYS C 290 -10.03 -25.72 -0.60
N PHE C 291 -8.98 -26.32 -1.15
CA PHE C 291 -8.58 -26.03 -2.53
C PHE C 291 -9.29 -26.99 -3.48
N LEU C 292 -9.77 -26.44 -4.59
CA LEU C 292 -10.54 -27.19 -5.57
C LEU C 292 -9.79 -27.27 -6.89
N ASN C 293 -9.86 -28.43 -7.52
CA ASN C 293 -9.39 -28.58 -8.89
C ASN C 293 -10.42 -27.96 -9.83
N PRO C 294 -10.06 -26.97 -10.63
CA PRO C 294 -11.07 -26.31 -11.49
C PRO C 294 -11.58 -27.19 -12.62
N ILE C 295 -11.00 -28.38 -12.83
CA ILE C 295 -11.43 -29.28 -13.89
C ILE C 295 -12.35 -30.34 -13.31
N THR C 296 -11.85 -31.10 -12.34
CA THR C 296 -12.62 -32.19 -11.78
C THR C 296 -13.47 -31.76 -10.59
N GLY C 297 -12.94 -30.87 -9.75
CA GLY C 297 -13.64 -30.42 -8.56
C GLY C 297 -13.24 -31.11 -7.27
N GLU C 298 -12.17 -31.91 -7.28
CA GLU C 298 -11.75 -32.63 -6.09
C GLU C 298 -11.15 -31.68 -5.06
N ASP C 299 -11.24 -32.08 -3.79
CA ASP C 299 -10.55 -31.37 -2.73
C ASP C 299 -9.06 -31.65 -2.86
N VAL C 300 -8.31 -30.66 -3.37
CA VAL C 300 -6.92 -30.85 -3.75
C VAL C 300 -5.95 -30.27 -2.74
N THR C 301 -6.44 -29.70 -1.64
CA THR C 301 -5.56 -29.14 -0.63
C THR C 301 -4.62 -30.21 -0.08
N GLY C 302 -3.34 -29.85 0.05
CA GLY C 302 -2.32 -30.76 0.53
C GLY C 302 -1.57 -31.50 -0.55
N LYS C 303 -1.99 -31.38 -1.81
CA LYS C 303 -1.34 -32.06 -2.93
C LYS C 303 -1.13 -31.08 -4.08
N THR C 304 -0.75 -29.85 -3.76
CA THR C 304 -0.52 -28.82 -4.76
C THR C 304 0.96 -28.43 -4.78
N VAL C 305 1.42 -27.95 -5.93
CA VAL C 305 2.80 -27.52 -6.12
C VAL C 305 2.78 -26.07 -6.62
N LYS C 306 3.65 -25.25 -6.05
CA LYS C 306 3.77 -23.85 -6.45
C LYS C 306 4.62 -23.74 -7.72
N VAL C 307 4.11 -23.02 -8.72
CA VAL C 307 4.81 -22.82 -9.97
C VAL C 307 4.84 -21.33 -10.28
N TYR C 308 5.86 -20.89 -11.01
CA TYR C 308 5.98 -19.49 -11.38
C TYR C 308 5.36 -19.25 -12.75
N PRO C 309 4.28 -18.47 -12.85
CA PRO C 309 3.72 -18.16 -14.17
C PRO C 309 4.39 -16.97 -14.82
N TYR C 310 5.03 -17.18 -15.98
CA TYR C 310 5.65 -16.06 -16.68
C TYR C 310 4.70 -15.48 -17.71
N GLY C 311 4.35 -16.29 -18.71
CA GLY C 311 3.32 -15.94 -19.66
C GLY C 311 2.23 -17.00 -19.67
N ASP C 312 2.09 -17.70 -20.79
CA ASP C 312 1.35 -18.97 -20.79
C ASP C 312 2.30 -20.14 -20.56
N LEU C 313 3.12 -20.00 -19.52
CA LEU C 313 4.14 -20.98 -19.19
C LEU C 313 4.33 -20.99 -17.69
N ASP C 314 4.34 -22.18 -17.09
CA ASP C 314 4.49 -22.34 -15.65
C ASP C 314 5.85 -22.98 -15.37
N ILE C 315 6.67 -22.28 -14.60
CA ILE C 315 8.03 -22.72 -14.28
C ILE C 315 7.98 -23.42 -12.93
N ASN C 316 8.35 -24.69 -12.90
CA ASN C 316 8.28 -25.50 -11.68
C ASN C 316 9.67 -25.62 -11.08
N LEU C 317 10.03 -24.63 -10.27
CA LEU C 317 11.29 -24.65 -9.55
C LEU C 317 11.14 -25.54 -8.31
N SER C 318 12.04 -26.51 -8.16
CA SER C 318 11.95 -27.43 -7.04
C SER C 318 12.48 -26.78 -5.77
N ASP C 319 12.45 -27.55 -4.68
CA ASP C 319 12.85 -27.04 -3.36
C ASP C 319 14.32 -26.66 -3.35
N SER C 320 15.18 -27.53 -3.89
CA SER C 320 16.62 -27.25 -3.89
C SER C 320 16.95 -26.03 -4.73
N GLN C 321 16.34 -25.90 -5.91
CA GLN C 321 16.61 -24.74 -6.76
C GLN C 321 16.15 -23.45 -6.10
N ASP C 322 14.99 -23.49 -5.44
CA ASP C 322 14.53 -22.32 -4.69
C ASP C 322 15.49 -21.98 -3.56
N GLN C 323 16.00 -23.00 -2.87
CA GLN C 323 16.94 -22.79 -1.79
C GLN C 323 18.21 -22.12 -2.30
N ILE C 324 18.73 -22.58 -3.44
CA ILE C 324 19.95 -22.00 -3.99
C ILE C 324 19.68 -20.58 -4.49
N VAL C 325 18.51 -20.35 -5.10
CA VAL C 325 18.20 -19.02 -5.63
C VAL C 325 18.08 -18.01 -4.49
N MET C 326 17.38 -18.38 -3.42
CA MET C 326 17.19 -17.45 -2.31
C MET C 326 18.52 -17.12 -1.62
N GLU C 327 19.39 -18.12 -1.48
CA GLU C 327 20.62 -17.96 -0.70
C GLU C 327 21.63 -17.03 -1.34
N ALA C 328 21.33 -16.42 -2.49
CA ALA C 328 22.26 -15.48 -3.09
C ALA C 328 22.36 -14.18 -2.31
N TYR C 329 21.36 -13.85 -1.50
CA TYR C 329 21.38 -12.63 -0.71
C TYR C 329 20.92 -12.80 0.72
N THR C 330 20.26 -13.90 1.08
CA THR C 330 19.76 -14.10 2.43
C THR C 330 19.93 -15.56 2.84
N GLN C 331 20.20 -15.77 4.13
CA GLN C 331 20.26 -17.11 4.68
C GLN C 331 18.86 -17.59 5.08
N LYS C 332 18.81 -18.80 5.65
CA LYS C 332 17.51 -19.39 5.99
C LYS C 332 16.87 -18.70 7.19
N ASP C 333 17.68 -18.19 8.13
CA ASP C 333 17.17 -17.63 9.37
C ASP C 333 17.37 -16.12 9.37
N ALA C 334 16.69 -15.46 10.32
CA ALA C 334 16.74 -14.00 10.41
C ALA C 334 18.14 -13.53 10.76
N PHE C 335 18.47 -12.32 10.30
CA PHE C 335 19.79 -11.74 10.55
C PHE C 335 19.72 -10.25 10.24
N LEU C 336 20.76 -9.53 10.66
CA LEU C 336 20.93 -8.13 10.33
C LEU C 336 22.43 -7.85 10.19
N LYS C 337 22.83 -7.28 9.06
CA LYS C 337 24.23 -7.03 8.76
C LYS C 337 24.51 -5.54 8.72
N ILE C 338 25.57 -5.12 9.40
CA ILE C 338 26.05 -3.74 9.35
C ILE C 338 26.71 -3.50 8.01
N ILE C 339 26.12 -2.63 7.20
CA ILE C 339 26.68 -2.33 5.88
C ILE C 339 27.51 -1.05 5.91
N GLY C 340 27.04 -0.02 6.60
CA GLY C 340 27.77 1.23 6.66
C GLY C 340 27.15 2.23 7.61
N PHE C 341 27.98 3.03 8.26
CA PHE C 341 27.49 4.08 9.13
C PHE C 341 27.36 5.39 8.36
N ARG C 342 26.26 6.10 8.63
CA ARG C 342 25.95 7.31 7.87
C ARG C 342 25.45 8.38 8.82
N SER C 343 25.54 9.63 8.39
CA SER C 343 25.07 10.73 9.20
C SER C 343 23.55 10.68 9.36
N SER C 344 23.06 11.32 10.41
CA SER C 344 21.64 11.31 10.73
C SER C 344 20.87 12.42 10.05
N SER C 345 21.55 13.36 9.41
CA SER C 345 20.88 14.43 8.68
C SER C 345 20.61 14.06 7.23
N LYS C 346 21.09 12.91 6.77
CA LYS C 346 20.89 12.48 5.39
C LYS C 346 20.21 11.12 5.28
N SER C 347 19.78 10.53 6.38
CA SER C 347 19.23 9.18 6.33
C SER C 347 17.86 9.07 6.99
N ILE C 348 17.61 9.83 8.04
CA ILE C 348 16.34 9.77 8.77
C ILE C 348 15.45 10.89 8.22
N HIS C 349 14.35 10.49 7.57
CA HIS C 349 13.43 11.43 6.95
C HIS C 349 12.02 11.16 7.47
N TYR C 350 11.21 12.21 7.50
CA TYR C 350 9.85 12.12 8.02
C TYR C 350 8.82 11.92 6.92
N PHE C 351 9.24 11.77 5.67
CA PHE C 351 8.33 11.61 4.54
C PHE C 351 8.55 10.31 3.78
N ASN C 352 9.23 9.33 4.38
CA ASN C 352 9.53 8.09 3.68
C ASN C 352 9.34 6.86 4.56
N ASN C 353 8.39 6.91 5.49
CA ASN C 353 8.13 5.73 6.30
C ASN C 353 7.27 4.72 5.54
N ILE C 354 7.51 3.44 5.82
CA ILE C 354 6.79 2.36 5.15
C ILE C 354 6.29 1.35 6.17
N ASP C 355 6.79 1.43 7.40
CA ASP C 355 6.45 0.47 8.43
C ASP C 355 6.73 1.08 9.80
N LYS C 356 6.19 0.44 10.83
CA LYS C 356 6.44 0.87 12.20
C LYS C 356 7.80 0.37 12.67
N SER C 357 8.48 1.22 13.45
CA SER C 357 9.82 0.94 13.91
C SER C 357 9.82 -0.08 15.04
N SER C 358 11.00 -0.64 15.31
CA SER C 358 11.19 -1.60 16.38
C SER C 358 12.31 -1.12 17.30
N PHE C 359 12.28 -1.62 18.53
CA PHE C 359 13.27 -1.27 19.54
C PHE C 359 14.31 -2.39 19.62
N ILE C 360 15.58 -2.03 19.46
CA ILE C 360 16.67 -3.00 19.49
C ILE C 360 17.37 -2.90 20.84
N VAL C 361 17.56 -4.06 21.47
CA VAL C 361 18.20 -4.13 22.78
C VAL C 361 19.13 -5.35 22.74
N PRO C 362 20.24 -5.36 23.47
CA PRO C 362 21.17 -6.50 23.38
C PRO C 362 20.55 -7.79 23.88
N ASP C 363 21.16 -8.90 23.45
CA ASP C 363 20.75 -10.24 23.84
C ASP C 363 22.01 -11.04 24.13
N GLU C 364 22.27 -11.30 25.40
CA GLU C 364 23.47 -12.03 25.82
C GLU C 364 23.20 -13.50 26.12
N ALA C 365 21.98 -13.98 25.91
CA ALA C 365 21.68 -15.38 26.16
C ALA C 365 22.15 -16.32 25.05
N LYS C 366 22.50 -15.78 23.89
CA LYS C 366 22.95 -16.58 22.75
C LYS C 366 24.34 -16.22 22.27
N TYR C 367 24.73 -14.95 22.35
CA TYR C 367 26.06 -14.51 21.94
C TYR C 367 26.63 -13.64 23.06
N GLU C 368 27.63 -14.16 23.76
CA GLU C 368 28.22 -13.46 24.89
C GLU C 368 28.90 -12.17 24.43
N GLY C 369 28.97 -11.21 25.35
CA GLY C 369 29.59 -9.93 25.04
C GLY C 369 28.80 -9.08 24.07
N SER C 370 27.48 -9.19 24.09
CA SER C 370 26.62 -8.35 23.25
C SER C 370 26.29 -7.02 23.90
N ILE C 371 26.07 -7.03 25.22
CA ILE C 371 25.68 -5.81 25.92
C ILE C 371 26.80 -4.78 25.86
N ARG C 372 28.05 -5.22 26.10
CA ARG C 372 29.19 -4.30 26.02
C ARG C 372 29.30 -3.70 24.63
N THR C 373 29.24 -4.55 23.60
CA THR C 373 29.37 -4.08 22.22
C THR C 373 28.31 -3.06 21.88
N LEU C 374 27.05 -3.38 22.16
CA LEU C 374 25.96 -2.49 21.77
C LEU C 374 25.92 -1.24 22.63
N ALA C 375 26.34 -1.32 23.89
CA ALA C 375 26.44 -0.12 24.72
C ALA C 375 27.48 0.84 24.16
N SER C 376 28.66 0.31 23.79
CA SER C 376 29.68 1.17 23.19
C SER C 376 29.19 1.75 21.86
N LEU C 377 28.51 0.93 21.06
CA LEU C 377 28.00 1.42 19.78
C LEU C 377 26.96 2.51 19.98
N LEU C 378 26.07 2.36 20.97
CA LEU C 378 25.08 3.38 21.26
C LEU C 378 25.74 4.67 21.75
N LYS C 379 26.76 4.54 22.59
CA LYS C 379 27.48 5.71 23.06
C LYS C 379 28.13 6.47 21.90
N ILE C 380 28.72 5.73 20.96
CA ILE C 380 29.44 6.35 19.85
C ILE C 380 28.49 6.95 18.83
N LEU C 381 27.38 6.26 18.52
CA LEU C 381 26.49 6.73 17.46
C LEU C 381 25.93 8.11 17.80
N ARG C 382 25.54 8.32 19.05
CA ARG C 382 25.23 9.68 19.51
C ARG C 382 26.51 10.38 19.95
N LYS C 383 26.38 11.68 20.21
CA LYS C 383 27.44 12.67 20.44
C LYS C 383 28.14 13.01 19.11
N LYS C 384 27.87 12.29 18.03
CA LYS C 384 28.20 12.68 16.67
C LYS C 384 27.12 12.03 15.79
N ASP C 385 26.08 12.81 15.48
CA ASP C 385 24.83 12.25 14.97
C ASP C 385 25.05 11.34 13.78
N LYS C 386 24.82 10.05 13.98
CA LYS C 386 25.04 9.03 12.96
C LYS C 386 24.04 7.91 13.16
N ILE C 387 24.01 6.99 12.21
CA ILE C 387 23.16 5.80 12.26
C ILE C 387 24.00 4.60 11.83
N ALA C 388 23.33 3.45 11.73
CA ALA C 388 23.93 2.24 11.20
C ALA C 388 23.00 1.68 10.13
N ILE C 389 23.44 1.72 8.88
CA ILE C 389 22.65 1.18 7.77
C ILE C 389 22.75 -0.34 7.80
N LEU C 390 21.62 -1.01 7.96
CA LEU C 390 21.57 -2.44 8.13
C LEU C 390 21.02 -3.12 6.88
N TRP C 391 21.15 -4.44 6.83
CA TRP C 391 20.60 -5.24 5.75
C TRP C 391 20.30 -6.64 6.26
N GLY C 392 19.02 -7.01 6.26
CA GLY C 392 18.64 -8.35 6.65
C GLY C 392 17.14 -8.45 6.79
N LYS C 393 16.70 -9.61 7.24
CA LYS C 393 15.29 -9.87 7.50
C LYS C 393 15.08 -10.21 8.97
N LEU C 394 14.02 -9.65 9.55
CA LEU C 394 13.72 -9.86 10.96
C LEU C 394 12.90 -11.13 11.21
N LYS C 395 12.40 -11.77 10.16
CA LYS C 395 11.63 -13.00 10.31
C LYS C 395 12.17 -14.03 9.33
N SER C 396 12.11 -15.30 9.72
CA SER C 396 12.63 -16.36 8.87
C SER C 396 11.89 -16.41 7.54
N ASN C 397 10.57 -16.30 7.58
CA ASN C 397 9.75 -16.29 6.37
C ASN C 397 9.36 -14.85 6.06
N SER C 398 10.26 -14.17 5.36
CA SER C 398 10.06 -12.77 4.98
C SER C 398 11.08 -12.43 3.90
N HIS C 399 11.07 -11.16 3.50
CA HIS C 399 12.00 -10.67 2.49
C HIS C 399 12.97 -9.67 3.09
N PRO C 400 14.20 -9.64 2.62
CA PRO C 400 15.20 -8.71 3.18
C PRO C 400 14.83 -7.27 2.91
N SER C 401 15.49 -6.37 3.64
CA SER C 401 15.32 -4.95 3.46
C SER C 401 16.52 -4.25 4.05
N LEU C 402 16.68 -2.98 3.71
CA LEU C 402 17.78 -2.15 4.19
C LEU C 402 17.23 -1.20 5.24
N TYR C 403 17.67 -1.36 6.48
CA TYR C 403 17.18 -0.58 7.61
C TYR C 403 18.17 0.50 8.00
N THR C 404 17.76 1.34 8.95
CA THR C 404 18.58 2.42 9.49
C THR C 404 18.53 2.35 11.01
N LEU C 405 19.45 1.59 11.60
CA LEU C 405 19.54 1.52 13.05
C LEU C 405 19.93 2.88 13.60
N SER C 406 19.06 3.46 14.43
CA SER C 406 19.29 4.79 14.98
C SER C 406 19.37 4.73 16.50
N PRO C 407 20.25 5.52 17.12
CA PRO C 407 20.37 5.51 18.57
C PRO C 407 19.34 6.41 19.24
N SER C 408 18.75 5.89 20.32
CA SER C 408 17.78 6.66 21.08
C SER C 408 18.45 7.89 21.72
N SER C 409 17.70 8.98 21.77
CA SER C 409 18.20 10.20 22.37
C SER C 409 18.27 10.07 23.88
N VAL C 410 18.92 11.04 24.53
CA VAL C 410 19.04 11.04 25.98
C VAL C 410 17.73 11.41 26.66
N LYS C 411 16.75 11.91 25.92
CA LYS C 411 15.45 12.25 26.50
C LYS C 411 14.68 10.99 26.91
N ASP C 412 14.63 10.00 26.02
CA ASP C 412 13.86 8.80 26.26
C ASP C 412 14.43 8.03 27.45
N TYR C 413 13.54 7.52 28.30
CA TYR C 413 13.98 6.71 29.43
C TYR C 413 14.63 5.41 28.95
N ASN C 414 14.07 4.80 27.91
CA ASN C 414 14.62 3.56 27.39
C ASN C 414 15.93 3.81 26.66
N GLU C 415 16.89 2.90 26.85
CA GLU C 415 18.18 2.97 26.21
C GLU C 415 18.27 1.85 25.17
N GLY C 416 18.57 2.21 23.94
CA GLY C 416 18.64 1.24 22.86
C GLY C 416 18.60 1.94 21.51
N PHE C 417 18.36 1.13 20.49
CA PHE C 417 18.33 1.60 19.11
C PHE C 417 16.94 1.41 18.51
N TYR C 418 16.60 2.29 17.58
CA TYR C 418 15.35 2.21 16.83
C TYR C 418 15.66 1.75 15.41
N LEU C 419 14.88 0.80 14.91
CA LEU C 419 15.12 0.18 13.61
C LEU C 419 14.02 0.58 12.64
N TYR C 420 14.24 1.71 11.97
CA TYR C 420 13.36 2.09 10.87
C TYR C 420 13.73 1.29 9.62
N ARG C 421 12.76 1.17 8.72
CA ARG C 421 12.95 0.45 7.46
C ARG C 421 12.92 1.41 6.30
N VAL C 422 13.94 1.35 5.46
CA VAL C 422 14.09 2.28 4.34
C VAL C 422 13.36 1.72 3.12
N PRO C 423 12.46 2.50 2.51
CA PRO C 423 11.73 2.00 1.33
C PRO C 423 12.68 1.67 0.19
N PHE C 424 12.35 0.60 -0.54
CA PHE C 424 13.08 0.26 -1.74
C PHE C 424 12.73 1.24 -2.86
N LEU C 425 13.54 1.23 -3.91
CA LEU C 425 13.28 2.12 -5.03
C LEU C 425 11.94 1.81 -5.70
N ASP C 426 11.53 0.54 -5.66
CA ASP C 426 10.20 0.19 -6.16
C ASP C 426 9.10 0.77 -5.29
N GLU C 427 9.31 0.79 -3.97
CA GLU C 427 8.26 1.21 -3.04
C GLU C 427 8.05 2.72 -3.01
N ILE C 428 9.02 3.51 -3.46
CA ILE C 428 8.88 4.96 -3.50
C ILE C 428 7.98 5.28 -4.70
N ARG C 429 6.72 5.58 -4.43
CA ARG C 429 5.76 5.86 -5.49
C ARG C 429 6.07 7.19 -6.16
N LYS C 430 5.31 7.49 -7.20
CA LYS C 430 5.52 8.66 -8.04
C LYS C 430 4.43 9.70 -7.81
N PHE C 431 4.85 10.96 -7.78
CA PHE C 431 3.90 12.06 -7.62
C PHE C 431 2.94 12.07 -8.81
N PRO C 432 1.65 12.30 -8.59
CA PRO C 432 0.68 12.24 -9.69
C PRO C 432 0.91 13.34 -10.72
N SER C 433 0.13 13.26 -11.79
CA SER C 433 0.17 14.24 -12.87
C SER C 433 -0.89 15.29 -12.59
N LEU C 434 -0.45 16.44 -12.06
CA LEU C 434 -1.37 17.50 -11.68
C LEU C 434 -1.95 18.17 -12.91
N LEU C 435 -3.11 18.80 -12.73
CA LEU C 435 -3.80 19.51 -13.79
C LEU C 435 -3.45 20.99 -13.84
N SER C 436 -2.61 21.47 -12.93
CA SER C 436 -2.14 22.85 -12.94
C SER C 436 -0.86 22.93 -12.13
N TYR C 437 0.01 23.87 -12.49
CA TYR C 437 1.29 24.01 -11.84
C TYR C 437 1.70 25.44 -11.54
N ASP C 438 0.92 26.44 -11.94
CA ASP C 438 1.24 27.85 -11.67
C ASP C 438 0.52 28.26 -10.40
N ASP C 439 1.01 27.76 -9.26
CA ASP C 439 0.30 27.95 -8.01
C ASP C 439 0.24 29.43 -7.59
N GLY C 440 1.37 30.00 -7.18
CA GLY C 440 1.42 31.41 -6.86
C GLY C 440 2.76 32.07 -7.15
N SER C 441 3.71 31.29 -7.68
CA SER C 441 5.09 31.74 -7.72
C SER C 441 5.27 32.97 -8.59
N GLU C 442 4.59 33.02 -9.75
CA GLU C 442 4.72 34.17 -10.63
C GLU C 442 4.14 35.43 -9.99
N HIS C 443 3.07 35.28 -9.19
CA HIS C 443 2.47 36.41 -8.49
C HIS C 443 3.17 36.58 -7.16
N LYS C 444 4.29 37.32 -7.19
CA LYS C 444 5.15 37.42 -6.02
C LYS C 444 4.44 38.10 -4.85
N LEU C 445 3.75 39.21 -5.11
CA LEU C 445 3.16 39.98 -4.03
C LEU C 445 2.01 39.23 -3.35
N ASP C 446 1.08 38.70 -4.16
CA ASP C 446 -0.06 37.99 -3.59
C ASP C 446 0.38 36.73 -2.86
N TYR C 447 1.31 35.98 -3.44
CA TYR C 447 1.80 34.77 -2.79
C TYR C 447 2.53 35.11 -1.50
N ASP C 448 3.35 36.16 -1.50
CA ASP C 448 4.05 36.58 -0.29
C ASP C 448 3.07 36.97 0.81
N ASN C 449 2.04 37.76 0.47
CA ASN C 449 1.05 38.16 1.46
C ASN C 449 0.31 36.95 2.01
N MET C 450 -0.10 36.03 1.12
CA MET C 450 -0.88 34.88 1.55
C MET C 450 -0.05 33.97 2.44
N LYS C 451 1.22 33.76 2.10
CA LYS C 451 2.03 32.87 2.92
C LYS C 451 2.41 33.51 4.25
N LYS C 452 2.62 34.83 4.28
CA LYS C 452 2.86 35.47 5.57
C LYS C 452 1.61 35.41 6.45
N VAL C 453 0.42 35.51 5.84
CA VAL C 453 -0.81 35.38 6.60
C VAL C 453 -0.96 33.96 7.15
N THR C 454 -0.67 32.95 6.32
CA THR C 454 -0.75 31.57 6.79
C THR C 454 0.30 31.26 7.84
N GLN C 455 1.47 31.90 7.76
CA GLN C 455 2.46 31.77 8.81
C GLN C 455 1.99 32.38 10.12
N SER C 456 1.29 33.52 10.03
CA SER C 456 0.72 34.13 11.24
C SER C 456 -0.29 33.20 11.90
N ILE C 457 -1.15 32.56 11.11
CA ILE C 457 -2.15 31.65 11.67
C ILE C 457 -1.49 30.46 12.33
N MET C 458 -0.45 29.91 11.68
CA MET C 458 0.22 28.73 12.20
C MET C 458 0.82 28.95 13.59
N GLY C 459 1.33 30.15 13.87
CA GLY C 459 1.94 30.40 15.16
C GLY C 459 0.97 30.31 16.32
N TYR C 460 -0.32 30.47 16.05
CA TYR C 460 -1.31 30.39 17.12
C TYR C 460 -1.53 28.96 17.58
N PHE C 461 -1.39 27.99 16.68
CA PHE C 461 -1.70 26.59 16.97
C PHE C 461 -0.47 25.73 17.11
N ASN C 462 0.60 26.27 17.69
CA ASN C 462 1.78 25.46 18.00
C ASN C 462 1.48 24.53 19.17
N LEU C 463 1.89 23.28 19.04
CA LEU C 463 1.66 22.25 20.06
C LEU C 463 2.81 22.31 21.06
N ARG C 464 2.55 22.91 22.23
CA ARG C 464 3.59 23.01 23.25
C ARG C 464 3.98 21.65 23.78
N ASP C 465 2.98 20.79 24.06
CA ASP C 465 3.27 19.48 24.64
C ASP C 465 3.80 18.50 23.60
N GLY C 466 3.47 18.69 22.33
CA GLY C 466 3.76 17.72 21.31
C GLY C 466 2.73 16.60 21.32
N TYR C 467 2.86 15.71 20.33
CA TYR C 467 1.92 14.60 20.22
C TYR C 467 2.17 13.59 21.34
N ASN C 468 1.10 13.23 22.04
CA ASN C 468 1.13 12.19 23.05
C ASN C 468 0.06 11.15 22.71
N PRO C 469 0.43 9.90 22.45
CA PRO C 469 -0.59 8.89 22.12
C PRO C 469 -1.63 8.71 23.20
N SER C 470 -1.26 8.89 24.48
CA SER C 470 -2.21 8.69 25.57
C SER C 470 -3.37 9.67 25.52
N ASP C 471 -3.19 10.83 24.90
CA ASP C 471 -4.25 11.82 24.80
C ASP C 471 -5.31 11.45 23.77
N PHE C 472 -5.04 10.49 22.89
CA PHE C 472 -5.93 10.14 21.79
C PHE C 472 -6.29 8.65 21.89
N LYS C 473 -7.49 8.37 22.38
CA LYS C 473 -8.01 7.02 22.35
C LYS C 473 -8.66 6.75 21.00
N ASN C 474 -8.58 5.50 20.55
CA ASN C 474 -9.07 5.15 19.22
C ASN C 474 -10.59 5.14 19.22
N PRO C 475 -11.23 6.03 18.46
CA PRO C 475 -12.69 6.14 18.54
C PRO C 475 -13.44 4.89 18.13
N LEU C 476 -12.96 4.19 17.09
CA LEU C 476 -13.64 2.98 16.64
C LEU C 476 -13.57 1.89 17.71
N LEU C 477 -12.37 1.65 18.25
CA LEU C 477 -12.21 0.65 19.30
C LEU C 477 -12.96 1.05 20.56
N GLN C 478 -12.92 2.34 20.91
CA GLN C 478 -13.66 2.81 22.08
C GLN C 478 -15.15 2.53 21.93
N LYS C 479 -15.72 2.88 20.78
CA LYS C 479 -17.15 2.64 20.58
C LYS C 479 -17.48 1.16 20.56
N HIS C 480 -16.66 0.36 19.88
CA HIS C 480 -16.93 -1.08 19.78
C HIS C 480 -16.91 -1.73 21.17
N TYR C 481 -15.86 -1.46 21.94
CA TYR C 481 -15.78 -2.08 23.26
C TYR C 481 -16.75 -1.46 24.25
N LYS C 482 -17.15 -0.20 24.07
CA LYS C 482 -18.20 0.36 24.92
C LYS C 482 -19.54 -0.31 24.64
N VAL C 483 -19.84 -0.59 23.38
CA VAL C 483 -21.06 -1.33 23.04
C VAL C 483 -21.01 -2.72 23.65
N LEU C 484 -19.87 -3.40 23.51
CA LEU C 484 -19.70 -4.71 24.13
C LEU C 484 -19.92 -4.65 25.63
N HIS C 485 -19.30 -3.66 26.27
CA HIS C 485 -19.33 -3.52 27.73
C HIS C 485 -20.75 -3.27 28.23
N ASP C 486 -21.43 -2.29 27.64
CA ASP C 486 -22.76 -1.95 28.12
C ASP C 486 -23.83 -2.95 27.68
N TYR C 487 -23.56 -3.78 26.66
CA TYR C 487 -24.47 -4.88 26.38
C TYR C 487 -24.27 -6.03 27.37
N LEU C 488 -23.02 -6.30 27.75
CA LEU C 488 -22.75 -7.41 28.67
C LEU C 488 -23.36 -7.15 30.04
N LEU C 489 -23.43 -5.89 30.44
CA LEU C 489 -23.98 -5.52 31.74
C LEU C 489 -25.44 -5.10 31.66
N GLN C 490 -26.08 -5.24 30.49
CA GLN C 490 -27.47 -4.87 30.28
C GLN C 490 -27.70 -3.39 30.55
N ILE C 491 -26.67 -2.58 30.30
CA ILE C 491 -26.81 -1.13 30.34
C ILE C 491 -27.38 -0.67 29.00
N GLU C 492 -28.43 0.14 29.04
CA GLU C 492 -29.09 0.57 27.81
C GLU C 492 -28.11 1.32 26.92
N THR C 493 -28.13 1.01 25.63
CA THR C 493 -27.26 1.70 24.69
C THR C 493 -27.86 3.06 24.32
N THR C 494 -27.00 4.05 24.17
CA THR C 494 -27.47 5.40 23.86
C THR C 494 -27.67 5.55 22.35
N PHE C 495 -28.91 5.85 21.96
CA PHE C 495 -29.24 6.09 20.56
C PHE C 495 -30.23 7.24 20.47
N ASP C 496 -29.92 8.22 19.64
CA ASP C 496 -30.78 9.37 19.44
C ASP C 496 -30.30 10.14 18.21
N GLU C 497 -31.25 10.61 17.40
CA GLU C 497 -30.94 11.41 16.23
C GLU C 497 -31.74 12.70 16.17
N ASN C 498 -32.53 12.99 17.21
CA ASN C 498 -33.21 14.27 17.35
C ASN C 498 -32.50 15.19 18.32
N GLU C 499 -31.21 14.94 18.57
CA GLU C 499 -30.47 15.69 19.59
C GLU C 499 -30.37 17.16 19.22
N THR C 500 -30.36 18.00 20.25
CA THR C 500 -30.13 19.43 20.05
C THR C 500 -28.69 19.66 19.62
N PRO C 501 -28.43 20.78 18.92
CA PRO C 501 -27.05 21.05 18.50
C PRO C 501 -26.06 21.14 19.66
N ASN C 502 -26.52 21.51 20.85
CA ASN C 502 -25.62 21.60 21.99
C ASN C 502 -25.27 20.21 22.54
N THR C 503 -26.25 19.29 22.58
CA THR C 503 -26.01 18.00 23.20
C THR C 503 -25.42 16.99 22.22
N LYS C 504 -25.76 17.12 20.93
CA LYS C 504 -25.16 16.26 19.92
C LYS C 504 -23.66 16.55 19.80
N LYS C 505 -23.29 17.83 19.84
CA LYS C 505 -21.88 18.18 19.83
C LYS C 505 -21.16 17.60 21.05
N ASP C 506 -21.78 17.69 22.22
CA ASP C 506 -21.17 17.13 23.43
C ASP C 506 -20.99 15.62 23.30
N ARG C 507 -21.98 14.92 22.75
CA ARG C 507 -21.82 13.49 22.51
C ARG C 507 -20.67 13.21 21.55
N MET C 508 -20.56 13.99 20.48
CA MET C 508 -19.52 13.77 19.50
C MET C 508 -18.13 13.96 20.10
N MET C 509 -17.96 15.00 20.91
CA MET C 509 -16.69 15.19 21.60
C MET C 509 -16.45 14.19 22.73
N ARG C 510 -17.51 13.61 23.30
CA ARG C 510 -17.33 12.58 24.30
C ARG C 510 -16.85 11.27 23.69
N GLU C 511 -17.36 10.93 22.50
CA GLU C 511 -16.94 9.69 21.85
C GLU C 511 -15.56 9.81 21.22
N ASP C 512 -15.20 10.98 20.71
CA ASP C 512 -13.93 11.19 20.01
C ASP C 512 -13.07 12.15 20.81
N ASP C 513 -11.85 11.72 21.15
CA ASP C 513 -10.93 12.60 21.86
C ASP C 513 -10.41 13.70 20.95
N SER C 514 -10.18 13.40 19.67
CA SER C 514 -9.67 14.39 18.74
C SER C 514 -10.69 15.49 18.48
N LEU C 515 -11.98 15.15 18.46
CA LEU C 515 -13.00 16.15 18.23
C LEU C 515 -13.06 17.17 19.35
N ARG C 516 -12.71 16.78 20.58
CA ARG C 516 -12.61 17.75 21.65
C ARG C 516 -11.59 18.83 21.33
N LYS C 517 -10.42 18.43 20.85
CA LYS C 517 -9.38 19.40 20.53
C LYS C 517 -9.73 20.20 19.28
N LEU C 518 -10.45 19.58 18.33
CA LEU C 518 -10.93 20.35 17.18
C LEU C 518 -11.93 21.41 17.59
N TYR C 519 -12.84 21.07 18.50
CA TYR C 519 -13.77 22.09 19.01
C TYR C 519 -13.02 23.15 19.79
N TYR C 520 -11.95 22.76 20.49
CA TYR C 520 -11.12 23.76 21.17
C TYR C 520 -10.49 24.73 20.17
N ILE C 521 -10.01 24.21 19.04
CA ILE C 521 -9.45 25.06 18.00
C ILE C 521 -10.51 26.01 17.46
N ARG C 522 -11.71 25.48 17.17
CA ARG C 522 -12.79 26.32 16.66
C ARG C 522 -13.18 27.39 17.68
N ASN C 523 -13.23 27.02 18.97
CA ASN C 523 -13.55 27.98 20.02
C ASN C 523 -12.46 29.03 20.15
N LYS C 524 -11.20 28.64 19.98
CA LYS C 524 -10.11 29.62 20.01
C LYS C 524 -10.27 30.62 18.87
N ILE C 525 -10.64 30.14 17.69
CA ILE C 525 -10.90 31.06 16.58
C ILE C 525 -12.07 31.98 16.89
N LEU C 526 -13.14 31.42 17.47
CA LEU C 526 -14.34 32.21 17.76
C LEU C 526 -14.08 33.29 18.80
N GLU C 527 -13.35 32.95 19.87
CA GLU C 527 -13.14 33.90 20.96
C GLU C 527 -12.35 35.11 20.50
N SER C 528 -11.44 34.92 19.54
CA SER C 528 -10.70 36.05 18.99
C SER C 528 -11.61 37.03 18.27
N GLU C 529 -12.72 36.53 17.71
CA GLU C 529 -13.68 37.40 17.06
C GLU C 529 -14.47 38.22 18.06
N LYS C 530 -14.94 37.58 19.14
CA LYS C 530 -15.81 38.26 20.09
C LYS C 530 -15.06 39.20 21.01
N SER C 531 -13.82 38.90 21.36
CA SER C 531 -13.09 39.69 22.35
C SER C 531 -12.79 41.08 21.82
N GLU C 532 -12.74 42.04 22.73
CA GLU C 532 -12.46 43.43 22.39
C GLU C 532 -10.99 43.79 22.50
N ASP C 533 -10.19 42.98 23.21
CA ASP C 533 -8.78 43.28 23.34
C ASP C 533 -8.09 43.14 21.98
N PRO C 534 -7.15 44.04 21.65
CA PRO C 534 -6.51 43.98 20.33
C PRO C 534 -5.43 42.91 20.23
N ILE C 535 -4.83 42.56 21.37
CA ILE C 535 -3.73 41.58 21.34
C ILE C 535 -4.25 40.20 20.96
N ILE C 536 -5.52 39.90 21.26
CA ILE C 536 -6.09 38.59 20.96
C ILE C 536 -7.04 38.62 19.77
N GLN C 537 -7.53 39.80 19.37
CA GLN C 537 -8.42 39.93 18.23
C GLN C 537 -7.73 39.70 16.90
N ARG C 538 -6.44 39.37 16.90
CA ARG C 538 -5.70 39.23 15.65
C ARG C 538 -6.03 37.93 14.93
N LEU C 539 -6.39 36.88 15.67
CA LEU C 539 -6.55 35.56 15.05
C LEU C 539 -7.72 35.56 14.07
N ASN C 540 -8.87 36.10 14.47
CA ASN C 540 -10.01 36.12 13.56
C ASN C 540 -9.76 37.04 12.37
N LYS C 541 -9.05 38.16 12.60
CA LYS C 541 -8.71 39.04 11.50
C LYS C 541 -7.81 38.33 10.49
N TYR C 542 -6.84 37.56 10.98
CA TYR C 542 -5.96 36.80 10.09
C TYR C 542 -6.75 35.75 9.32
N VAL C 543 -7.67 35.05 9.99
CA VAL C 543 -8.47 34.04 9.32
C VAL C 543 -9.35 34.68 8.25
N LYS C 544 -9.95 35.83 8.56
CA LYS C 544 -10.79 36.51 7.58
C LYS C 544 -9.97 37.01 6.39
N ILE C 545 -8.76 37.51 6.65
CA ILE C 545 -7.88 37.94 5.56
C ILE C 545 -7.52 36.75 4.68
N TRP C 546 -7.23 35.61 5.30
CA TRP C 546 -6.94 34.40 4.54
C TRP C 546 -8.15 33.98 3.69
N ASN C 547 -9.35 34.08 4.26
CA ASN C 547 -10.55 33.69 3.51
C ASN C 547 -10.85 34.66 2.38
N MET C 548 -10.47 35.93 2.53
CA MET C 548 -10.64 36.87 1.43
C MET C 548 -9.61 36.63 0.33
N PHE C 549 -8.37 36.32 0.71
CA PHE C 549 -7.36 35.96 -0.27
C PHE C 549 -7.75 34.69 -1.01
N TYR C 550 -8.40 33.76 -0.31
CA TYR C 550 -8.83 32.52 -0.93
C TYR C 550 -9.90 32.77 -2.00
N LYS C 551 -10.82 33.70 -1.74
CA LYS C 551 -11.91 33.94 -2.68
C LYS C 551 -11.43 34.73 -3.90
N LYS C 552 -10.44 35.60 -3.71
CA LYS C 552 -10.01 36.48 -4.80
C LYS C 552 -9.38 35.71 -5.96
N PHE C 553 -8.58 34.68 -5.65
CA PHE C 553 -7.66 34.15 -6.66
C PHE C 553 -8.39 33.33 -7.72
N ASN C 554 -9.53 32.72 -7.38
CA ASN C 554 -10.25 31.98 -8.40
C ASN C 554 -10.93 32.89 -9.42
N ASP C 555 -10.97 34.19 -9.16
CA ASP C 555 -11.55 35.16 -10.09
C ASP C 555 -10.48 35.79 -10.98
N ASP C 556 -9.30 36.08 -10.42
CA ASP C 556 -8.25 36.73 -11.19
C ASP C 556 -7.77 35.84 -12.33
N ASN C 557 -7.62 34.55 -12.07
CA ASN C 557 -7.15 33.62 -13.09
C ASN C 557 -8.29 32.74 -13.60
N SER D 1 -1.27 3.71 -25.58
CA SER D 1 -1.97 3.44 -26.84
C SER D 1 -1.48 2.15 -27.47
N SER D 2 -1.95 1.87 -28.68
CA SER D 2 -1.56 0.68 -29.40
C SER D 2 -0.20 0.89 -30.06
N GLU D 3 0.68 -0.10 -29.92
CA GLU D 3 2.03 -0.01 -30.44
C GLU D 3 2.40 -1.29 -31.18
N SER D 4 3.27 -1.16 -32.18
CA SER D 4 3.78 -2.29 -32.94
C SER D 4 5.26 -2.07 -33.20
N THR D 5 6.06 -3.11 -33.00
CA THR D 5 7.50 -3.04 -33.21
C THR D 5 7.92 -4.09 -34.23
N THR D 6 8.92 -3.72 -35.04
CA THR D 6 9.48 -4.62 -36.05
C THR D 6 10.99 -4.63 -35.88
N PHE D 7 11.59 -5.82 -36.02
CA PHE D 7 13.02 -6.01 -35.81
C PHE D 7 13.67 -6.50 -37.09
N ILE D 8 14.78 -5.86 -37.47
CA ILE D 8 15.57 -6.25 -38.63
C ILE D 8 16.98 -6.52 -38.12
N VAL D 9 17.42 -7.77 -38.23
CA VAL D 9 18.73 -8.19 -37.73
C VAL D 9 19.60 -8.48 -38.93
N ASP D 10 20.73 -7.78 -39.04
CA ASP D 10 21.66 -8.04 -40.13
C ASP D 10 22.32 -9.40 -39.95
N VAL D 11 22.33 -10.18 -41.03
CA VAL D 11 22.90 -11.52 -41.04
C VAL D 11 24.25 -11.55 -41.75
N SER D 12 24.61 -10.46 -42.43
CA SER D 12 25.86 -10.37 -43.18
C SER D 12 27.05 -10.82 -42.34
N PRO D 13 28.09 -11.36 -42.98
CA PRO D 13 29.19 -11.99 -42.22
C PRO D 13 29.89 -11.05 -41.24
N SER D 14 29.83 -9.74 -41.46
CA SER D 14 30.42 -8.82 -40.50
C SER D 14 29.75 -8.97 -39.13
N MET D 15 28.42 -9.12 -39.12
CA MET D 15 27.71 -9.42 -37.88
C MET D 15 28.07 -10.80 -37.36
N MET D 16 28.03 -11.82 -38.24
CA MET D 16 28.11 -13.20 -37.78
C MET D 16 29.47 -13.50 -37.17
N LYS D 17 30.55 -13.00 -37.79
CA LYS D 17 31.89 -13.27 -37.26
C LYS D 17 32.15 -12.47 -35.98
N ASN D 18 31.59 -11.26 -35.89
CA ASN D 18 31.79 -10.42 -34.72
C ASN D 18 30.91 -10.82 -33.54
N ASN D 19 30.06 -11.84 -33.71
CA ASN D 19 29.14 -12.36 -32.68
C ASN D 19 28.08 -11.34 -32.32
N ASN D 20 27.87 -10.29 -33.13
CA ASN D 20 26.82 -9.33 -32.83
C ASN D 20 25.44 -9.92 -33.05
N VAL D 21 25.34 -10.97 -33.87
CA VAL D 21 24.06 -11.65 -34.04
C VAL D 21 23.63 -12.30 -32.73
N SER D 22 24.59 -12.82 -31.96
CA SER D 22 24.26 -13.36 -30.65
C SER D 22 23.74 -12.27 -29.71
N LYS D 23 24.36 -11.08 -29.76
CA LYS D 23 23.87 -9.97 -28.95
C LYS D 23 22.46 -9.57 -29.35
N SER D 24 22.20 -9.52 -30.66
CA SER D 24 20.86 -9.19 -31.14
C SER D 24 19.85 -10.23 -30.70
N MET D 25 20.22 -11.51 -30.75
CA MET D 25 19.34 -12.57 -30.31
C MET D 25 19.05 -12.46 -28.81
N ALA D 26 20.06 -12.13 -28.01
CA ALA D 26 19.85 -11.97 -26.57
C ALA D 26 18.93 -10.79 -26.28
N TYR D 27 19.15 -9.67 -26.97
CA TYR D 27 18.30 -8.50 -26.74
C TYR D 27 16.86 -8.78 -27.16
N LEU D 28 16.67 -9.44 -28.31
CA LEU D 28 15.32 -9.78 -28.74
C LEU D 28 14.66 -10.76 -27.78
N GLU D 29 15.43 -11.72 -27.27
CA GLU D 29 14.91 -12.65 -26.28
C GLU D 29 14.41 -11.92 -25.04
N TYR D 30 15.23 -10.98 -24.54
CA TYR D 30 14.81 -10.23 -23.36
C TYR D 30 13.56 -9.41 -23.63
N THR D 31 13.54 -8.69 -24.76
CA THR D 31 12.42 -7.82 -25.06
C THR D 31 11.13 -8.63 -25.24
N LEU D 32 11.22 -9.77 -25.93
CA LEU D 32 10.02 -10.56 -26.19
C LEU D 32 9.55 -11.29 -24.94
N LEU D 33 10.47 -11.77 -24.10
CA LEU D 33 10.05 -12.38 -22.85
C LEU D 33 9.47 -11.36 -21.88
N ASN D 34 9.91 -10.10 -22.00
CA ASN D 34 9.28 -9.02 -21.26
C ASN D 34 7.89 -8.70 -21.78
N LYS D 35 7.71 -8.69 -23.10
CA LYS D 35 6.40 -8.44 -23.68
C LYS D 35 5.43 -9.60 -23.44
N SER D 36 5.96 -10.81 -23.25
CA SER D 36 5.09 -11.98 -23.09
C SER D 36 4.41 -12.01 -21.73
N LYS D 37 5.08 -11.52 -20.69
CA LYS D 37 4.50 -11.56 -19.36
C LYS D 37 3.29 -10.64 -19.21
N LYS D 38 3.13 -9.67 -20.12
CA LYS D 38 1.92 -8.87 -20.18
C LYS D 38 0.93 -9.40 -21.22
N SER D 39 1.43 -9.81 -22.38
CA SER D 39 0.61 -10.39 -23.45
C SER D 39 -0.54 -9.47 -23.85
N ARG D 40 -0.23 -8.19 -24.02
CA ARG D 40 -1.23 -7.24 -24.49
C ARG D 40 -1.66 -7.59 -25.91
N LYS D 41 -2.97 -7.50 -26.14
CA LYS D 41 -3.53 -7.81 -27.46
C LYS D 41 -3.17 -6.77 -28.52
N THR D 42 -2.67 -5.60 -28.10
CA THR D 42 -2.32 -4.53 -29.03
C THR D 42 -0.81 -4.31 -29.08
N ASP D 43 -0.03 -5.37 -28.92
CA ASP D 43 1.43 -5.31 -28.94
C ASP D 43 1.93 -6.24 -30.03
N TRP D 44 2.21 -5.68 -31.20
CA TRP D 44 2.65 -6.47 -32.35
C TRP D 44 4.17 -6.52 -32.42
N ILE D 45 4.69 -7.68 -32.80
CA ILE D 45 6.10 -7.87 -33.07
C ILE D 45 6.24 -8.55 -34.43
N SER D 46 7.40 -8.35 -35.06
CA SER D 46 7.73 -8.98 -36.32
C SER D 46 9.22 -8.85 -36.56
N CYS D 47 9.88 -9.94 -36.89
CA CYS D 47 11.33 -9.96 -37.06
C CYS D 47 11.67 -10.38 -38.48
N TYR D 48 12.52 -9.60 -39.13
CA TYR D 48 13.06 -9.92 -40.45
C TYR D 48 14.55 -10.16 -40.36
N LEU D 49 15.12 -10.68 -41.44
CA LEU D 49 16.55 -10.82 -41.59
C LEU D 49 16.99 -10.12 -42.87
N ALA D 50 17.95 -9.21 -42.73
CA ALA D 50 18.47 -8.45 -43.86
C ALA D 50 19.84 -8.97 -44.25
N ASN D 51 20.16 -8.85 -45.54
CA ASN D 51 21.38 -9.43 -46.11
C ASN D 51 21.45 -10.92 -45.82
N CYS D 52 20.29 -11.56 -45.88
CA CYS D 52 20.20 -12.98 -45.56
C CYS D 52 20.75 -13.83 -46.70
N PRO D 53 21.31 -14.99 -46.39
CA PRO D 53 21.83 -15.88 -47.45
C PRO D 53 20.72 -16.56 -48.25
N VAL D 54 19.69 -17.02 -47.55
CA VAL D 54 18.54 -17.67 -48.17
C VAL D 54 17.30 -16.85 -47.84
N SER D 55 16.57 -16.45 -48.88
CA SER D 55 15.48 -15.50 -48.75
C SER D 55 14.14 -16.14 -49.07
N GLU D 56 13.17 -15.93 -48.18
CA GLU D 56 11.77 -16.26 -48.42
C GLU D 56 10.93 -15.06 -48.01
N ASN D 57 10.19 -14.51 -48.97
CA ASN D 57 9.48 -13.26 -48.74
C ASN D 57 8.10 -13.34 -49.34
N SER D 58 7.17 -12.57 -48.76
CA SER D 58 5.79 -12.52 -49.23
C SER D 58 5.61 -11.66 -50.47
N GLN D 59 6.65 -10.94 -50.90
CA GLN D 59 6.58 -10.08 -52.08
C GLN D 59 7.61 -10.47 -53.13
N GLU D 60 8.25 -11.63 -52.99
CA GLU D 60 9.18 -12.16 -53.99
C GLU D 60 10.32 -11.19 -54.27
N ILE D 61 11.14 -10.96 -53.23
CA ILE D 61 12.33 -10.12 -53.34
C ILE D 61 13.48 -10.85 -52.66
N PRO D 62 14.61 -11.07 -53.34
CA PRO D 62 15.71 -11.83 -52.74
C PRO D 62 16.37 -11.07 -51.60
N ASN D 63 17.30 -11.76 -50.93
CA ASN D 63 18.08 -11.23 -49.81
C ASN D 63 17.21 -10.51 -48.77
N VAL D 64 15.95 -10.94 -48.67
CA VAL D 64 15.02 -10.46 -47.65
C VAL D 64 14.23 -11.65 -47.15
N PHE D 65 14.25 -11.86 -45.83
CA PHE D 65 13.59 -13.00 -45.22
C PHE D 65 12.77 -12.55 -44.02
N GLN D 66 11.52 -13.01 -43.96
CA GLN D 66 10.65 -12.77 -42.80
C GLN D 66 10.70 -14.04 -41.93
N ILE D 67 11.60 -14.03 -40.95
CA ILE D 67 11.75 -15.19 -40.09
C ILE D 67 10.59 -15.28 -39.11
N GLN D 68 9.85 -14.20 -38.90
CA GLN D 68 8.73 -14.19 -37.97
C GLN D 68 7.72 -13.16 -38.46
N SER D 69 6.48 -13.60 -38.68
CA SER D 69 5.43 -12.71 -39.14
C SER D 69 4.93 -11.84 -37.99
N PHE D 70 3.95 -10.99 -38.30
CA PHE D 70 3.37 -10.14 -37.27
C PHE D 70 2.61 -10.98 -36.27
N LEU D 71 2.83 -10.69 -34.98
CA LEU D 71 2.29 -11.50 -33.91
C LEU D 71 1.72 -10.61 -32.81
N ALA D 72 0.52 -10.94 -32.35
CA ALA D 72 -0.13 -10.25 -31.24
C ALA D 72 -1.27 -11.09 -30.71
N PRO D 73 -1.33 -11.33 -29.39
CA PRO D 73 -0.40 -10.88 -28.35
C PRO D 73 0.87 -11.71 -28.31
N VAL D 74 1.99 -11.14 -27.85
CA VAL D 74 3.21 -11.92 -27.72
C VAL D 74 3.04 -12.91 -26.57
N THR D 75 3.52 -14.13 -26.80
CA THR D 75 3.40 -15.20 -25.81
C THR D 75 4.77 -15.84 -25.60
N THR D 76 4.92 -16.47 -24.43
CA THR D 76 6.20 -17.08 -24.08
C THR D 76 6.54 -18.23 -25.03
N THR D 77 5.55 -19.06 -25.38
CA THR D 77 5.80 -20.16 -26.30
C THR D 77 6.20 -19.65 -27.68
N ALA D 78 5.50 -18.62 -28.18
CA ALA D 78 5.86 -18.05 -29.47
C ALA D 78 7.24 -17.42 -29.43
N THR D 79 7.59 -16.75 -28.32
CA THR D 79 8.92 -16.17 -28.19
C THR D 79 10.00 -17.25 -28.20
N ILE D 80 9.79 -18.34 -27.48
CA ILE D 80 10.77 -19.43 -27.45
C ILE D 80 10.91 -20.03 -28.84
N GLY D 81 9.79 -20.28 -29.51
CA GLY D 81 9.84 -20.84 -30.85
C GLY D 81 10.58 -19.96 -31.82
N PHE D 82 10.27 -18.66 -31.83
CA PHE D 82 10.93 -17.73 -32.73
C PHE D 82 12.42 -17.62 -32.42
N ILE D 83 12.78 -17.54 -31.14
CA ILE D 83 14.18 -17.38 -30.78
C ILE D 83 14.98 -18.61 -31.19
N LYS D 84 14.45 -19.80 -30.92
CA LYS D 84 15.17 -21.01 -31.31
C LYS D 84 15.18 -21.20 -32.83
N ARG D 85 14.15 -20.71 -33.53
CA ARG D 85 14.17 -20.75 -34.99
C ARG D 85 15.26 -19.85 -35.55
N LEU D 86 15.40 -18.64 -35.00
CA LEU D 86 16.46 -17.75 -35.43
C LEU D 86 17.83 -18.34 -35.10
N LYS D 87 17.96 -18.97 -33.94
CA LYS D 87 19.22 -19.62 -33.57
C LYS D 87 19.54 -20.76 -34.53
N GLN D 88 18.54 -21.55 -34.91
CA GLN D 88 18.77 -22.64 -35.86
C GLN D 88 19.18 -22.09 -37.23
N TYR D 89 18.54 -21.01 -37.67
CA TYR D 89 18.93 -20.37 -38.92
C TYR D 89 20.37 -19.89 -38.87
N CYS D 90 20.75 -19.25 -37.77
CA CYS D 90 22.12 -18.78 -37.59
C CYS D 90 23.11 -19.94 -37.61
N ASP D 91 22.79 -21.03 -36.92
CA ASP D 91 23.66 -22.20 -36.91
C ASP D 91 23.82 -22.80 -38.29
N GLN D 92 22.72 -22.90 -39.04
CA GLN D 92 22.76 -23.56 -40.34
C GLN D 92 23.50 -22.70 -41.37
N HIS D 93 23.30 -21.38 -41.31
CA HIS D 93 23.87 -20.48 -42.31
C HIS D 93 25.13 -19.77 -41.83
N SER D 94 25.79 -20.29 -40.78
CA SER D 94 26.95 -19.60 -40.24
C SER D 94 28.17 -19.73 -41.13
N HIS D 95 28.48 -20.92 -41.62
CA HIS D 95 29.72 -21.18 -42.33
C HIS D 95 29.51 -21.62 -43.77
N ASP D 96 28.72 -22.68 -44.00
CA ASP D 96 28.61 -23.27 -45.33
C ASP D 96 27.86 -22.40 -46.32
N SER D 97 27.01 -21.50 -45.85
CA SER D 97 26.24 -20.61 -46.71
C SER D 97 26.35 -19.17 -46.22
N SER D 98 27.56 -18.74 -45.91
CA SER D 98 27.79 -17.38 -45.45
C SER D 98 27.90 -16.43 -46.65
N ASN D 99 27.29 -15.26 -46.53
CA ASN D 99 27.34 -14.27 -47.58
C ASN D 99 28.73 -13.62 -47.61
N GLU D 100 28.92 -12.69 -48.55
CA GLU D 100 30.17 -11.97 -48.69
C GLU D 100 29.90 -10.47 -48.82
N GLY D 101 30.78 -9.68 -48.23
CA GLY D 101 30.63 -8.24 -48.28
C GLY D 101 29.41 -7.79 -47.50
N LEU D 102 28.79 -6.70 -47.98
CA LEU D 102 27.58 -6.16 -47.36
C LEU D 102 26.56 -5.93 -48.47
N GLN D 103 25.44 -6.64 -48.42
CA GLN D 103 24.43 -6.55 -49.45
C GLN D 103 23.60 -5.29 -49.29
N SER D 104 22.55 -5.18 -50.09
CA SER D 104 21.68 -4.00 -50.08
C SER D 104 20.66 -4.17 -48.95
N MET D 105 20.91 -3.50 -47.83
CA MET D 105 19.99 -3.55 -46.70
C MET D 105 18.81 -2.62 -46.88
N ILE D 106 18.89 -1.69 -47.84
CA ILE D 106 17.78 -0.76 -48.09
C ILE D 106 16.56 -1.53 -48.61
N GLN D 107 16.79 -2.58 -49.39
CA GLN D 107 15.69 -3.37 -49.93
C GLN D 107 14.83 -3.95 -48.82
N CYS D 108 15.45 -4.39 -47.73
CA CYS D 108 14.70 -4.93 -46.60
C CYS D 108 13.78 -3.88 -46.00
N LEU D 109 14.26 -2.64 -45.90
CA LEU D 109 13.45 -1.56 -45.33
C LEU D 109 12.19 -1.33 -46.15
N LEU D 110 12.31 -1.35 -47.48
CA LEU D 110 11.13 -1.14 -48.33
C LEU D 110 10.11 -2.25 -48.14
N VAL D 111 10.57 -3.50 -48.09
CA VAL D 111 9.64 -4.62 -47.90
C VAL D 111 8.96 -4.54 -46.54
N VAL D 112 9.73 -4.20 -45.50
CA VAL D 112 9.15 -4.08 -44.17
C VAL D 112 8.14 -2.95 -44.13
N SER D 113 8.44 -1.83 -44.79
CA SER D 113 7.49 -0.73 -44.85
C SER D 113 6.22 -1.14 -45.57
N LEU D 114 6.34 -1.88 -46.67
CA LEU D 114 5.15 -2.33 -47.39
C LEU D 114 4.31 -3.27 -46.52
N ASP D 115 4.97 -4.18 -45.79
CA ASP D 115 4.23 -5.08 -44.91
C ASP D 115 3.55 -4.31 -43.78
N ILE D 116 4.23 -3.30 -43.24
CA ILE D 116 3.64 -2.48 -42.18
C ILE D 116 2.43 -1.74 -42.69
N LYS D 117 2.52 -1.16 -43.90
CA LYS D 117 1.37 -0.45 -44.47
C LYS D 117 0.26 -1.42 -44.83
N GLN D 118 0.59 -2.67 -45.11
CA GLN D 118 -0.46 -3.67 -45.32
C GLN D 118 -1.18 -3.99 -44.03
N GLN D 119 -0.44 -4.16 -42.93
CA GLN D 119 -1.04 -4.58 -41.67
C GLN D 119 -1.76 -3.42 -40.97
N PHE D 120 -1.24 -2.21 -41.09
CA PHE D 120 -1.71 -1.03 -40.35
C PHE D 120 -1.98 0.13 -41.32
N GLN D 121 -2.79 -0.14 -42.34
CA GLN D 121 -2.96 0.77 -43.48
C GLN D 121 -3.25 2.21 -43.06
N ALA D 122 -4.23 2.40 -42.17
CA ALA D 122 -4.59 3.74 -41.74
C ALA D 122 -4.82 3.86 -40.23
N ARG D 123 -4.62 2.79 -39.47
CA ARG D 123 -4.83 2.84 -38.04
C ARG D 123 -3.84 3.78 -37.37
N LYS D 124 -4.31 4.47 -36.34
CA LYS D 124 -3.45 5.36 -35.54
C LYS D 124 -2.65 4.54 -34.54
N ILE D 125 -1.86 3.62 -35.07
CA ILE D 125 -1.06 2.69 -34.29
C ILE D 125 0.41 3.09 -34.41
N LEU D 126 1.09 3.18 -33.27
CA LEU D 126 2.51 3.51 -33.27
C LEU D 126 3.29 2.35 -33.87
N LYS D 127 3.68 2.48 -35.13
CA LYS D 127 4.51 1.48 -35.77
C LYS D 127 5.98 1.80 -35.53
N GLN D 128 6.79 0.75 -35.42
CA GLN D 128 8.19 0.90 -35.06
C GLN D 128 9.02 -0.16 -35.76
N ILE D 129 10.17 0.25 -36.28
CA ILE D 129 11.15 -0.67 -36.85
C ILE D 129 12.46 -0.46 -36.13
N VAL D 130 13.00 -1.53 -35.55
CA VAL D 130 14.25 -1.49 -34.80
C VAL D 130 15.24 -2.37 -35.55
N VAL D 131 16.13 -1.74 -36.32
CA VAL D 131 17.06 -2.46 -37.18
C VAL D 131 18.38 -2.62 -36.46
N PHE D 132 19.05 -3.74 -36.70
CA PHE D 132 20.37 -4.02 -36.14
C PHE D 132 21.32 -4.18 -37.32
N THR D 133 22.15 -3.17 -37.58
CA THR D 133 23.12 -3.22 -38.66
C THR D 133 24.51 -2.93 -38.11
N ASP D 134 25.52 -3.57 -38.71
CA ASP D 134 26.89 -3.50 -38.26
C ASP D 134 27.69 -2.38 -38.93
N ASN D 135 27.11 -1.69 -39.90
CA ASN D 135 27.84 -0.66 -40.63
C ASN D 135 26.89 0.50 -40.92
N LEU D 136 27.29 1.70 -40.48
CA LEU D 136 26.55 2.92 -40.73
C LEU D 136 27.22 3.80 -41.79
N ASP D 137 28.53 3.96 -41.72
CA ASP D 137 29.27 4.74 -42.68
C ASP D 137 29.62 3.98 -43.95
N ASP D 138 29.32 2.68 -44.01
CA ASP D 138 29.60 1.86 -45.19
C ASP D 138 28.41 1.75 -46.12
N LEU D 139 27.22 1.48 -45.59
CA LEU D 139 26.02 1.41 -46.41
C LEU D 139 25.68 2.78 -46.98
N ASP D 140 25.26 2.80 -48.24
CA ASP D 140 24.98 4.03 -48.96
C ASP D 140 23.49 4.07 -49.31
N ILE D 141 22.77 5.02 -48.73
CA ILE D 141 21.39 5.30 -49.09
C ILE D 141 21.37 6.70 -49.69
N THR D 142 21.23 6.77 -51.02
CA THR D 142 21.39 8.02 -51.74
C THR D 142 20.21 8.96 -51.46
N ASP D 143 20.29 10.17 -52.03
CA ASP D 143 19.27 11.19 -51.77
C ASP D 143 17.91 10.75 -52.28
N GLU D 144 17.86 10.18 -53.49
CA GLU D 144 16.59 9.66 -54.00
C GLU D 144 16.09 8.52 -53.13
N GLU D 145 16.98 7.63 -52.70
CA GLU D 145 16.59 6.52 -51.85
C GLU D 145 16.01 7.00 -50.52
N ILE D 146 16.70 7.93 -49.86
CA ILE D 146 16.20 8.41 -48.58
C ILE D 146 14.92 9.20 -48.75
N ASP D 147 14.78 9.95 -49.85
CA ASP D 147 13.55 10.68 -50.11
C ASP D 147 12.38 9.72 -50.28
N LEU D 148 12.56 8.68 -51.09
CA LEU D 148 11.48 7.71 -51.28
C LEU D 148 11.18 6.97 -49.98
N LEU D 149 12.21 6.64 -49.20
CA LEU D 149 12.01 5.92 -47.95
C LEU D 149 11.22 6.77 -46.94
N THR D 150 11.60 8.03 -46.78
CA THR D 150 10.89 8.90 -45.85
C THR D 150 9.50 9.26 -46.37
N GLU D 151 9.27 9.20 -47.68
CA GLU D 151 7.92 9.32 -48.20
C GLU D 151 7.09 8.08 -47.84
N GLU D 152 7.71 6.90 -47.92
CA GLU D 152 6.98 5.67 -47.64
C GLU D 152 6.70 5.51 -46.15
N LEU D 153 7.68 5.78 -45.30
CA LEU D 153 7.56 5.53 -43.87
C LEU D 153 6.96 6.73 -43.16
N SER D 154 5.85 6.50 -42.46
CA SER D 154 5.37 7.39 -41.41
C SER D 154 5.75 6.90 -40.03
N THR D 155 6.61 5.87 -39.97
CA THR D 155 6.98 5.20 -38.73
C THR D 155 8.39 5.62 -38.32
N ARG D 156 8.65 5.52 -37.02
CA ARG D 156 9.95 5.88 -36.46
C ARG D 156 10.93 4.73 -36.60
N ILE D 157 12.21 5.07 -36.68
CA ILE D 157 13.28 4.09 -36.82
C ILE D 157 14.16 4.14 -35.58
N ILE D 158 14.40 2.99 -34.98
CA ILE D 158 15.34 2.86 -33.86
C ILE D 158 16.50 2.03 -34.38
N LEU D 159 17.53 2.70 -34.89
CA LEU D 159 18.67 2.04 -35.49
C LEU D 159 19.71 1.78 -34.41
N ILE D 160 20.18 0.54 -34.32
CA ILE D 160 21.13 0.13 -33.29
C ILE D 160 22.49 -0.06 -33.95
N ASP D 161 23.50 0.62 -33.43
CA ASP D 161 24.86 0.56 -33.96
C ASP D 161 25.58 -0.58 -33.24
N CYS D 162 25.49 -1.78 -33.80
CA CYS D 162 26.08 -2.95 -33.17
C CYS D 162 27.60 -2.98 -33.24
N GLY D 163 28.21 -2.20 -34.14
CA GLY D 163 29.65 -2.19 -34.26
C GLY D 163 30.28 -0.89 -33.81
N LYS D 164 30.95 -0.89 -32.66
CA LYS D 164 31.61 0.30 -32.14
C LYS D 164 32.97 -0.11 -31.59
N ASP D 165 33.99 0.67 -31.92
CA ASP D 165 35.35 0.39 -31.48
C ASP D 165 36.00 1.68 -30.99
N THR D 166 36.98 1.52 -30.11
CA THR D 166 37.65 2.67 -29.53
C THR D 166 38.48 3.40 -30.57
N GLN D 167 38.57 4.72 -30.42
CA GLN D 167 39.30 5.59 -31.32
C GLN D 167 39.37 6.98 -30.70
N GLU D 168 40.42 7.73 -31.05
CA GLU D 168 40.57 9.08 -30.56
C GLU D 168 39.49 10.02 -31.08
N GLU D 169 38.78 9.64 -32.14
CA GLU D 169 37.69 10.47 -32.67
C GLU D 169 36.72 9.55 -33.41
N ARG D 170 35.43 9.87 -33.30
CA ARG D 170 34.38 9.10 -33.94
C ARG D 170 33.65 9.99 -34.96
N LYS D 171 33.44 9.46 -36.16
CA LYS D 171 32.73 10.16 -37.21
C LYS D 171 31.83 9.19 -37.95
N LYS D 172 30.59 9.62 -38.24
CA LYS D 172 29.63 8.81 -38.97
C LYS D 172 28.90 9.70 -39.96
N SER D 173 28.27 9.06 -40.94
CA SER D 173 27.50 9.77 -41.96
C SER D 173 26.49 8.79 -42.56
N ASN D 174 25.89 9.21 -43.68
CA ASN D 174 25.01 8.36 -44.47
C ASN D 174 23.71 8.05 -43.73
N TRP D 175 23.78 7.15 -42.74
CA TRP D 175 22.58 6.69 -42.05
C TRP D 175 21.86 7.81 -41.32
N LEU D 176 22.57 8.88 -40.97
CA LEU D 176 21.95 9.98 -40.25
C LEU D 176 20.91 10.70 -41.10
N LYS D 177 21.06 10.64 -42.42
CA LYS D 177 20.10 11.31 -43.30
C LYS D 177 18.70 10.74 -43.16
N LEU D 178 18.59 9.41 -43.14
CA LEU D 178 17.29 8.78 -42.95
C LEU D 178 16.72 9.07 -41.57
N VAL D 179 17.58 9.04 -40.54
CA VAL D 179 17.15 9.33 -39.18
C VAL D 179 16.67 10.78 -39.07
N GLU D 180 17.41 11.71 -39.66
CA GLU D 180 17.03 13.12 -39.59
C GLU D 180 15.72 13.39 -40.31
N ALA D 181 15.52 12.76 -41.48
CA ALA D 181 14.33 13.03 -42.28
C ALA D 181 13.06 12.59 -41.56
N ILE D 182 13.10 11.43 -40.90
CA ILE D 182 11.94 10.86 -40.24
C ILE D 182 11.93 11.36 -38.79
N PRO D 183 10.90 12.05 -38.34
CA PRO D 183 10.87 12.53 -36.95
C PRO D 183 10.79 11.37 -35.97
N ASN D 184 11.28 11.64 -34.76
CA ASN D 184 11.30 10.68 -33.65
C ASN D 184 12.16 9.46 -33.95
N SER D 185 13.15 9.59 -34.82
CA SER D 185 14.10 8.53 -35.09
C SER D 185 15.32 8.68 -34.17
N ARG D 186 15.81 7.56 -33.67
CA ARG D 186 16.85 7.57 -32.65
C ARG D 186 17.93 6.56 -33.01
N ILE D 187 19.10 6.76 -32.43
CA ILE D 187 20.27 5.91 -32.68
C ILE D 187 20.91 5.58 -31.34
N TYR D 188 21.24 4.30 -31.14
CA TYR D 188 21.91 3.87 -29.92
C TYR D 188 23.01 2.88 -30.25
N ASN D 189 24.00 2.81 -29.35
CA ASN D 189 25.02 1.77 -29.42
C ASN D 189 24.51 0.53 -28.70
N MET D 190 24.83 -0.64 -29.26
CA MET D 190 24.21 -1.87 -28.78
C MET D 190 24.65 -2.22 -27.36
N ASN D 191 25.89 -1.90 -27.00
CA ASN D 191 26.36 -2.18 -25.65
C ASN D 191 25.54 -1.41 -24.62
N GLU D 192 25.10 -0.20 -24.96
CA GLU D 192 24.23 0.56 -24.06
C GLU D 192 22.90 -0.17 -23.88
N LEU D 193 22.34 -0.73 -24.96
CA LEU D 193 21.10 -1.50 -24.84
C LEU D 193 21.31 -2.73 -23.97
N LEU D 194 22.44 -3.42 -24.13
CA LEU D 194 22.71 -4.59 -23.31
C LEU D 194 22.84 -4.21 -21.84
N VAL D 195 23.49 -3.08 -21.55
CA VAL D 195 23.59 -2.59 -20.18
C VAL D 195 22.20 -2.28 -19.63
N GLU D 196 21.36 -1.63 -20.44
CA GLU D 196 20.02 -1.28 -19.98
C GLU D 196 19.19 -2.53 -19.68
N ILE D 197 19.28 -3.55 -20.53
CA ILE D 197 18.51 -4.77 -20.29
C ILE D 197 19.10 -5.60 -19.17
N THR D 198 20.39 -5.38 -18.83
CA THR D 198 20.96 -6.03 -17.66
C THR D 198 20.46 -5.41 -16.36
N SER D 199 20.25 -4.10 -16.33
CA SER D 199 19.84 -3.39 -15.13
C SER D 199 18.42 -3.77 -14.71
N PRO D 200 18.13 -3.72 -13.41
CA PRO D 200 16.77 -4.02 -12.95
C PRO D 200 15.76 -3.01 -13.46
N ALA D 201 14.52 -3.46 -13.60
CA ALA D 201 13.42 -2.64 -14.09
C ALA D 201 12.56 -2.18 -12.92
N THR D 202 12.36 -0.87 -12.80
CA THR D 202 11.58 -0.31 -11.71
C THR D 202 10.08 -0.42 -12.02
N SER D 203 9.29 -0.54 -10.95
CA SER D 203 7.84 -0.59 -11.09
C SER D 203 7.31 0.73 -11.62
N VAL D 204 6.18 0.66 -12.31
CA VAL D 204 5.59 1.82 -12.97
C VAL D 204 4.13 1.98 -12.55
N VAL D 205 3.83 1.65 -11.29
CA VAL D 205 2.46 1.64 -10.81
C VAL D 205 1.80 3.00 -11.03
N LYS D 206 0.59 2.96 -11.58
CA LYS D 206 -0.15 4.18 -11.87
C LYS D 206 -0.62 4.85 -10.58
N PRO D 207 -0.44 6.16 -10.43
CA PRO D 207 -0.95 6.84 -9.23
C PRO D 207 -2.47 6.87 -9.20
N VAL D 208 -3.07 6.15 -8.25
CA VAL D 208 -4.50 6.09 -8.09
C VAL D 208 -4.88 6.88 -6.83
N ARG D 209 -5.81 7.81 -6.99
CA ARG D 209 -6.19 8.67 -5.87
C ARG D 209 -6.86 7.85 -4.77
N VAL D 210 -6.48 8.14 -3.53
CA VAL D 210 -7.01 7.42 -2.37
C VAL D 210 -8.05 8.24 -1.60
N PHE D 211 -7.83 9.53 -1.41
CA PHE D 211 -8.73 10.35 -0.62
C PHE D 211 -9.06 11.61 -1.41
N SER D 212 -10.28 12.10 -1.22
CA SER D 212 -10.72 13.36 -1.84
C SER D 212 -11.66 14.05 -0.87
N GLY D 213 -11.23 15.21 -0.36
CA GLY D 213 -11.99 15.93 0.64
C GLY D 213 -11.43 17.30 0.90
N GLU D 214 -11.36 17.69 2.16
CA GLU D 214 -10.90 19.04 2.52
C GLU D 214 -9.88 18.96 3.64
N LEU D 215 -8.87 19.83 3.57
CA LEU D 215 -7.88 20.01 4.63
C LEU D 215 -8.28 21.27 5.38
N ARG D 216 -9.06 21.10 6.45
CA ARG D 216 -9.70 22.21 7.14
C ARG D 216 -9.09 22.39 8.52
N LEU D 217 -8.75 23.63 8.84
CA LEU D 217 -8.30 24.01 10.17
C LEU D 217 -9.35 24.91 10.80
N GLY D 218 -9.82 24.52 11.99
CA GLY D 218 -10.82 25.30 12.69
C GLY D 218 -12.23 25.13 12.17
N ALA D 219 -12.49 24.13 11.34
CA ALA D 219 -13.84 23.90 10.84
C ALA D 219 -14.75 23.45 11.97
N ASP D 220 -15.98 23.94 11.97
CA ASP D 220 -16.96 23.53 12.97
C ASP D 220 -17.21 22.03 12.85
N ILE D 221 -17.18 21.34 13.99
CA ILE D 221 -17.41 19.89 14.00
C ILE D 221 -18.86 19.52 13.79
N LEU D 222 -19.78 20.48 13.88
CA LEU D 222 -21.19 20.22 13.63
C LEU D 222 -21.52 20.22 12.14
N SER D 223 -20.86 21.06 11.35
CA SER D 223 -21.09 21.15 9.92
C SER D 223 -20.15 20.27 9.11
N THR D 224 -19.24 19.55 9.76
CA THR D 224 -18.29 18.68 9.07
C THR D 224 -18.47 17.20 9.41
N GLN D 225 -19.10 16.87 10.52
CA GLN D 225 -19.34 15.50 10.94
C GLN D 225 -20.79 15.08 10.72
N THR D 226 -21.38 15.54 9.63
CA THR D 226 -22.75 15.23 9.29
C THR D 226 -22.84 14.85 7.82
N SER D 227 -23.69 13.86 7.51
CA SER D 227 -23.92 13.48 6.13
C SER D 227 -24.66 14.61 5.41
N ASN D 228 -23.95 15.37 4.59
CA ASN D 228 -24.50 16.55 3.94
C ASN D 228 -24.03 16.58 2.49
N PRO D 229 -24.84 17.16 1.59
CA PRO D 229 -24.36 17.30 0.20
C PRO D 229 -23.24 18.33 0.09
N SER D 230 -23.29 19.39 0.86
CA SER D 230 -22.26 20.42 0.84
C SER D 230 -21.13 20.06 1.79
N GLY D 231 -19.95 20.63 1.52
CA GLY D 231 -18.77 20.35 2.31
C GLY D 231 -18.68 21.15 3.60
N SER D 232 -17.46 21.56 3.95
CA SER D 232 -17.21 22.29 5.18
C SER D 232 -17.43 23.79 5.04
N MET D 233 -17.75 24.28 3.84
CA MET D 233 -17.87 25.72 3.62
C MET D 233 -19.27 26.23 3.93
N GLN D 234 -19.76 25.89 5.13
CA GLN D 234 -20.95 26.53 5.68
C GLN D 234 -20.60 27.64 6.66
N ASP D 235 -19.37 27.67 7.14
CA ASP D 235 -18.87 28.76 7.97
C ASP D 235 -17.88 29.60 7.17
N GLU D 236 -17.70 30.84 7.59
CA GLU D 236 -16.86 31.79 6.88
C GLU D 236 -15.79 32.38 7.79
N ASN D 237 -15.45 31.66 8.87
CA ASN D 237 -14.38 32.08 9.76
C ASN D 237 -13.42 30.93 10.04
N CYS D 238 -13.28 30.02 9.09
CA CYS D 238 -12.35 28.90 9.17
C CYS D 238 -11.49 28.84 7.91
N LEU D 239 -10.51 27.94 7.95
CA LEU D 239 -9.64 27.67 6.80
C LEU D 239 -10.02 26.33 6.21
N CYS D 240 -10.24 26.29 4.90
CA CYS D 240 -10.63 25.07 4.21
C CYS D 240 -9.97 25.02 2.84
N ILE D 241 -9.31 23.92 2.54
CA ILE D 241 -8.63 23.71 1.26
C ILE D 241 -8.97 22.31 0.77
N LYS D 242 -9.41 22.20 -0.47
CA LYS D 242 -9.71 20.90 -1.05
C LYS D 242 -8.44 20.22 -1.53
N VAL D 243 -8.22 19.00 -1.04
CA VAL D 243 -7.00 18.26 -1.34
C VAL D 243 -7.35 16.82 -1.67
N GLU D 244 -6.42 16.13 -2.33
CA GLU D 244 -6.55 14.71 -2.59
C GLU D 244 -5.26 14.00 -2.20
N ALA D 245 -5.38 12.73 -1.83
CA ALA D 245 -4.27 11.95 -1.32
C ALA D 245 -3.99 10.76 -2.23
N PHE D 246 -2.73 10.61 -2.61
CA PHE D 246 -2.25 9.50 -3.41
C PHE D 246 -1.19 8.73 -2.63
N PRO D 247 -1.01 7.44 -2.91
CA PRO D 247 0.07 6.69 -2.25
C PRO D 247 1.42 7.32 -2.55
N ALA D 248 2.29 7.28 -1.55
CA ALA D 248 3.65 7.81 -1.67
C ALA D 248 4.73 6.80 -1.38
N THR D 249 4.48 5.84 -0.49
CA THR D 249 5.47 4.81 -0.17
C THR D 249 4.69 3.58 0.27
N LYS D 250 4.52 2.62 -0.64
CA LYS D 250 3.75 1.42 -0.37
C LYS D 250 4.65 0.20 -0.57
N ALA D 251 4.55 -0.75 0.35
CA ALA D 251 5.39 -1.94 0.30
C ALA D 251 5.08 -2.76 -0.94
N VAL D 252 6.11 -3.40 -1.49
CA VAL D 252 6.01 -4.22 -2.69
C VAL D 252 6.01 -5.68 -2.27
N SER D 253 5.08 -6.46 -2.83
CA SER D 253 5.09 -7.88 -2.61
C SER D 253 6.16 -8.55 -3.48
N GLY D 254 6.46 -9.80 -3.16
CA GLY D 254 7.40 -10.56 -3.96
C GLY D 254 6.80 -10.92 -5.31
N LEU D 255 7.57 -11.59 -6.16
CA LEU D 255 7.06 -11.96 -7.47
C LEU D 255 5.94 -12.97 -7.34
N ASN D 256 4.90 -12.79 -8.14
CA ASN D 256 3.70 -13.61 -8.02
C ASN D 256 4.02 -15.08 -8.32
N ARG D 257 3.51 -15.96 -7.47
CA ARG D 257 3.56 -17.40 -7.68
C ARG D 257 2.13 -17.91 -7.75
N LYS D 258 1.98 -19.11 -8.31
CA LYS D 258 0.65 -19.69 -8.49
C LYS D 258 0.66 -21.14 -8.03
N THR D 259 -0.30 -21.50 -7.18
CA THR D 259 -0.47 -22.89 -6.78
C THR D 259 -1.32 -23.62 -7.81
N ALA D 260 -0.84 -24.79 -8.25
CA ALA D 260 -1.48 -25.50 -9.36
C ALA D 260 -1.39 -27.00 -9.13
N VAL D 261 -2.16 -27.73 -9.93
CA VAL D 261 -2.18 -29.19 -9.90
C VAL D 261 -1.76 -29.69 -11.27
N GLU D 262 -0.83 -30.65 -11.29
CA GLU D 262 -0.36 -31.22 -12.54
C GLU D 262 -1.46 -32.03 -13.22
N VAL D 263 -1.58 -31.89 -14.54
CA VAL D 263 -2.57 -32.60 -15.32
C VAL D 263 -1.88 -33.26 -16.51
N GLU D 264 -2.68 -33.92 -17.34
CA GLU D 264 -2.16 -34.70 -18.46
C GLU D 264 -1.64 -33.79 -19.56
N ASP D 265 -0.97 -34.41 -20.53
CA ASP D 265 -0.42 -33.70 -21.69
C ASP D 265 -0.27 -34.70 -22.83
N SER D 266 -0.10 -34.17 -24.05
CA SER D 266 0.03 -35.02 -25.23
C SER D 266 1.24 -35.93 -25.13
N GLN D 267 2.39 -35.38 -24.71
CA GLN D 267 3.61 -36.15 -24.53
C GLN D 267 3.95 -36.35 -23.06
N LYS D 268 2.95 -36.32 -22.19
CA LYS D 268 3.15 -36.42 -20.74
C LYS D 268 4.14 -35.35 -20.24
N LYS D 269 3.96 -34.13 -20.74
CA LYS D 269 4.75 -33.00 -20.28
C LYS D 269 4.10 -32.41 -19.03
N GLU D 270 4.56 -31.25 -18.61
CA GLU D 270 4.02 -30.57 -17.43
C GLU D 270 3.07 -29.46 -17.86
N ARG D 271 1.81 -29.58 -17.47
CA ARG D 271 0.82 -28.53 -17.68
C ARG D 271 0.16 -28.25 -16.34
N TYR D 272 0.20 -27.00 -15.90
CA TYR D 272 -0.25 -26.61 -14.58
C TYR D 272 -1.40 -25.63 -14.71
N VAL D 273 -2.48 -25.88 -13.98
CA VAL D 273 -3.67 -25.01 -13.98
C VAL D 273 -3.93 -24.58 -12.54
N GLY D 274 -4.13 -23.28 -12.35
CA GLY D 274 -4.32 -22.75 -11.02
C GLY D 274 -5.62 -23.26 -10.40
N VAL D 275 -5.54 -23.56 -9.10
CA VAL D 275 -6.68 -24.09 -8.36
C VAL D 275 -7.58 -22.95 -7.92
N LYS D 276 -8.79 -23.27 -7.47
CA LYS D 276 -9.72 -22.30 -6.94
C LYS D 276 -9.92 -22.53 -5.46
N SER D 277 -9.85 -21.46 -4.68
CA SER D 277 -9.94 -21.52 -3.23
C SER D 277 -11.37 -21.21 -2.81
N ILE D 278 -12.01 -22.14 -2.12
CA ILE D 278 -13.34 -21.96 -1.55
C ILE D 278 -13.22 -22.03 -0.03
N ILE D 279 -13.89 -21.13 0.66
CA ILE D 279 -13.91 -21.16 2.12
C ILE D 279 -15.01 -22.09 2.59
N GLU D 280 -14.75 -22.80 3.68
CA GLU D 280 -15.68 -23.81 4.18
C GLU D 280 -15.56 -23.87 5.69
N TYR D 281 -16.71 -23.95 6.36
CA TYR D 281 -16.78 -23.94 7.80
C TYR D 281 -17.18 -25.32 8.32
N GLU D 282 -16.63 -25.67 9.48
CA GLU D 282 -16.86 -26.98 10.07
C GLU D 282 -16.94 -26.85 11.59
N ILE D 283 -17.55 -27.85 12.20
CA ILE D 283 -17.60 -27.97 13.65
C ILE D 283 -17.05 -29.34 14.04
N HIS D 284 -16.56 -29.44 15.27
CA HIS D 284 -16.00 -30.68 15.77
C HIS D 284 -16.97 -31.30 16.77
N ASN D 285 -17.54 -32.45 16.41
CA ASN D 285 -18.37 -33.22 17.34
C ASN D 285 -17.44 -33.94 18.30
N GLU D 286 -17.54 -33.61 19.59
CA GLU D 286 -16.61 -34.09 20.60
C GLU D 286 -16.93 -35.48 21.11
N GLY D 287 -17.73 -36.27 20.39
CA GLY D 287 -17.94 -37.65 20.76
C GLY D 287 -16.65 -38.44 20.69
N ASN D 288 -16.09 -38.77 21.84
CA ASN D 288 -14.77 -39.42 21.91
C ASN D 288 -14.72 -40.46 23.02
N LYS D 289 -15.87 -41.07 23.35
CA LYS D 289 -15.93 -42.02 24.44
C LYS D 289 -15.16 -43.28 24.11
N LYS D 290 -14.38 -43.76 25.09
CA LYS D 290 -13.61 -44.99 24.96
C LYS D 290 -14.02 -45.96 26.07
N ASN D 291 -14.15 -47.23 25.69
CA ASN D 291 -14.58 -48.26 26.62
C ASN D 291 -13.43 -48.69 27.53
N VAL D 292 -13.78 -49.05 28.77
CA VAL D 292 -12.78 -49.49 29.72
C VAL D 292 -12.34 -50.92 29.41
N SER D 293 -11.10 -51.23 29.78
CA SER D 293 -10.54 -52.55 29.55
C SER D 293 -9.36 -52.75 30.48
N GLU D 294 -8.97 -54.02 30.63
CA GLU D 294 -7.82 -54.39 31.45
C GLU D 294 -6.52 -54.47 30.65
N ASP D 295 -6.47 -53.84 29.49
CA ASP D 295 -5.30 -53.88 28.63
C ASP D 295 -5.21 -52.55 27.88
N ASP D 296 -4.41 -52.53 26.81
CA ASP D 296 -4.18 -51.29 26.05
C ASP D 296 -5.36 -50.89 25.18
N GLN D 297 -6.47 -51.63 25.22
CA GLN D 297 -7.63 -51.30 24.40
C GLN D 297 -8.21 -49.95 24.78
N SER D 298 -8.06 -48.95 23.90
CA SER D 298 -8.55 -47.60 24.17
C SER D 298 -9.15 -46.99 22.91
N GLY D 299 -9.77 -47.80 22.05
CA GLY D 299 -10.30 -47.28 20.80
C GLY D 299 -11.40 -46.26 21.01
N SER D 300 -11.44 -45.29 20.11
CA SER D 300 -12.42 -44.21 20.16
C SER D 300 -12.56 -43.62 18.77
N SER D 301 -13.22 -42.46 18.67
CA SER D 301 -13.42 -41.80 17.38
C SER D 301 -13.44 -40.30 17.59
N TYR D 302 -13.14 -39.57 16.52
CA TYR D 302 -13.14 -38.12 16.54
C TYR D 302 -13.25 -37.63 15.10
N ILE D 303 -14.40 -37.06 14.75
CA ILE D 303 -14.64 -36.63 13.37
C ILE D 303 -15.24 -35.23 13.34
N PRO D 304 -15.00 -34.44 12.29
CA PRO D 304 -15.66 -33.14 12.16
C PRO D 304 -16.95 -33.23 11.36
N VAL D 305 -17.67 -32.11 11.25
CA VAL D 305 -18.90 -32.04 10.47
C VAL D 305 -18.95 -30.68 9.79
N THR D 306 -19.22 -30.68 8.48
CA THR D 306 -19.28 -29.45 7.72
C THR D 306 -20.66 -28.80 7.85
N ILE D 307 -20.69 -27.49 8.10
CA ILE D 307 -21.92 -26.73 8.20
C ILE D 307 -21.81 -25.51 7.30
N SER D 308 -22.96 -25.01 6.87
CA SER D 308 -23.01 -23.89 5.94
C SER D 308 -22.60 -22.59 6.63
N LYS D 309 -22.29 -21.58 5.82
CA LYS D 309 -21.94 -20.26 6.32
C LYS D 309 -23.15 -19.47 6.77
N ASP D 310 -24.37 -19.88 6.39
CA ASP D 310 -25.57 -19.16 6.80
C ASP D 310 -25.76 -19.23 8.31
N SER D 311 -25.57 -20.42 8.89
CA SER D 311 -25.75 -20.62 10.33
C SER D 311 -24.42 -20.43 11.07
N VAL D 312 -23.79 -19.30 10.81
CA VAL D 312 -22.54 -18.94 11.46
C VAL D 312 -22.59 -17.45 11.80
N THR D 313 -22.28 -17.11 13.04
CA THR D 313 -22.30 -15.74 13.50
C THR D 313 -21.02 -15.43 14.25
N LYS D 314 -20.62 -14.16 14.21
CA LYS D 314 -19.41 -13.71 14.90
C LYS D 314 -19.71 -13.50 16.38
N ALA D 315 -18.87 -14.09 17.23
CA ALA D 315 -18.94 -13.88 18.67
C ALA D 315 -17.74 -13.05 19.09
N TYR D 316 -17.95 -11.76 19.31
CA TYR D 316 -16.87 -10.86 19.69
C TYR D 316 -16.42 -11.16 21.12
N ARG D 317 -15.20 -10.73 21.42
CA ARG D 317 -14.56 -11.01 22.71
C ARG D 317 -14.51 -9.76 23.57
N TYR D 318 -14.92 -9.89 24.82
CA TYR D 318 -14.79 -8.84 25.82
C TYR D 318 -14.24 -9.49 27.09
N GLY D 319 -12.92 -9.46 27.24
CA GLY D 319 -12.28 -10.11 28.37
C GLY D 319 -12.41 -11.62 28.29
N ALA D 320 -13.15 -12.21 29.21
CA ALA D 320 -13.39 -13.64 29.23
C ALA D 320 -14.74 -14.03 28.63
N ASP D 321 -15.49 -13.07 28.09
CA ASP D 321 -16.84 -13.32 27.60
C ASP D 321 -16.85 -13.22 26.08
N TYR D 322 -17.26 -14.30 25.43
CA TYR D 322 -17.52 -14.31 23.98
C TYR D 322 -19.03 -14.21 23.79
N VAL D 323 -19.49 -13.06 23.28
CA VAL D 323 -20.91 -12.79 23.15
C VAL D 323 -21.24 -12.50 21.69
N VAL D 324 -22.47 -12.79 21.31
CA VAL D 324 -22.97 -12.47 19.97
C VAL D 324 -23.90 -11.26 20.08
N LEU D 325 -23.69 -10.29 19.22
CA LEU D 325 -24.44 -9.05 19.31
C LEU D 325 -25.74 -9.15 18.53
N PRO D 326 -26.86 -8.68 19.08
CA PRO D 326 -28.10 -8.60 18.28
C PRO D 326 -27.90 -7.73 17.06
N SER D 327 -28.85 -7.85 16.12
CA SER D 327 -28.72 -7.20 14.83
C SER D 327 -28.65 -5.67 14.96
N VAL D 328 -29.49 -5.11 15.82
CA VAL D 328 -29.53 -3.65 15.98
C VAL D 328 -28.21 -3.14 16.57
N LEU D 329 -27.64 -3.87 17.52
CA LEU D 329 -26.42 -3.40 18.17
C LEU D 329 -25.22 -3.50 17.24
N VAL D 330 -25.26 -4.42 16.28
CA VAL D 330 -24.18 -4.52 15.30
C VAL D 330 -24.08 -3.24 14.49
N ASP D 331 -25.22 -2.65 14.14
CA ASP D 331 -25.20 -1.35 13.48
C ASP D 331 -24.66 -0.27 14.40
N GLN D 332 -24.79 -0.46 15.72
CA GLN D 332 -24.30 0.51 16.69
C GLN D 332 -22.84 0.31 17.08
N THR D 333 -22.26 -0.84 16.76
CA THR D 333 -20.88 -1.15 17.16
C THR D 333 -19.85 -0.55 16.23
N VAL D 334 -20.27 0.21 15.22
CA VAL D 334 -19.37 0.81 14.25
C VAL D 334 -19.38 2.33 14.44
N TYR D 335 -18.19 2.93 14.37
CA TYR D 335 -18.07 4.38 14.47
C TYR D 335 -18.30 5.00 13.10
N GLU D 336 -19.29 5.89 12.99
CA GLU D 336 -19.63 6.53 11.74
C GLU D 336 -18.78 7.79 11.59
N SER D 337 -17.76 7.73 10.73
CA SER D 337 -16.86 8.84 10.49
C SER D 337 -17.17 9.47 9.14
N PHE D 338 -16.53 10.62 8.89
CA PHE D 338 -16.74 11.35 7.65
C PHE D 338 -15.38 11.78 7.09
N PRO D 339 -15.23 11.75 5.77
CA PRO D 339 -13.93 12.08 5.18
C PRO D 339 -13.52 13.52 5.43
N GLY D 340 -12.22 13.73 5.53
CA GLY D 340 -11.67 15.05 5.70
C GLY D 340 -10.36 15.00 6.47
N LEU D 341 -9.61 16.09 6.37
CA LEU D 341 -8.34 16.27 7.07
C LEU D 341 -8.48 17.46 8.00
N ASP D 342 -8.57 17.20 9.30
CA ASP D 342 -8.77 18.24 10.30
C ASP D 342 -7.47 18.51 11.04
N LEU D 343 -6.94 19.71 10.89
CA LEU D 343 -5.66 20.06 11.51
C LEU D 343 -5.82 20.22 13.01
N ARG D 344 -4.91 19.61 13.77
CA ARG D 344 -4.88 19.73 15.22
C ARG D 344 -3.84 20.72 15.72
N GLY D 345 -2.72 20.86 15.03
CA GLY D 345 -1.70 21.80 15.43
C GLY D 345 -0.41 21.56 14.69
N PHE D 346 0.51 22.50 14.85
CA PHE D 346 1.81 22.49 14.17
C PHE D 346 2.92 22.35 15.22
N LEU D 347 3.76 21.34 15.04
CA LEU D 347 4.89 21.10 15.92
C LEU D 347 6.16 20.98 15.09
N ASN D 348 7.30 21.28 15.73
CA ASN D 348 8.58 21.26 15.03
C ASN D 348 8.95 19.83 14.63
N ARG D 349 9.85 19.73 13.65
CA ARG D 349 10.21 18.42 13.10
C ARG D 349 10.85 17.54 14.15
N GLU D 350 11.74 18.10 14.98
CA GLU D 350 12.38 17.32 16.03
C GLU D 350 11.51 17.13 17.26
N ALA D 351 10.41 17.87 17.37
CA ALA D 351 9.48 17.70 18.49
C ALA D 351 8.57 16.49 18.30
N LEU D 352 8.57 15.87 17.13
CA LEU D 352 7.83 14.65 16.88
C LEU D 352 8.81 13.49 16.77
N PRO D 353 8.82 12.55 17.72
CA PRO D 353 9.75 11.42 17.61
C PRO D 353 9.52 10.63 16.34
N ARG D 354 10.63 10.20 15.73
CA ARG D 354 10.56 9.53 14.44
C ARG D 354 9.87 8.17 14.54
N TYR D 355 9.96 7.49 15.68
CA TYR D 355 9.34 6.17 15.83
C TYR D 355 7.82 6.24 15.96
N PHE D 356 7.24 7.44 16.06
CA PHE D 356 5.79 7.55 16.16
C PHE D 356 5.10 7.09 14.88
N LEU D 357 5.66 7.45 13.73
CA LEU D 357 5.06 7.09 12.45
C LEU D 357 4.89 5.58 12.34
N THR D 358 3.70 5.15 11.92
CA THR D 358 3.28 3.77 12.12
C THR D 358 2.70 3.12 10.87
N SER D 359 2.72 3.78 9.72
CA SER D 359 2.11 3.19 8.53
C SER D 359 2.79 3.72 7.28
N GLU D 360 2.28 3.26 6.13
CA GLU D 360 2.80 3.68 4.84
C GLU D 360 2.55 5.17 4.62
N SER D 361 3.45 5.79 3.86
CA SER D 361 3.36 7.21 3.58
C SER D 361 2.33 7.49 2.48
N SER D 362 1.87 8.73 2.43
CA SER D 362 0.88 9.14 1.43
C SER D 362 1.11 10.59 1.05
N PHE D 363 0.72 10.93 -0.18
CA PHE D 363 0.82 12.30 -0.65
C PHE D 363 -0.40 13.11 -0.25
N ILE D 364 -0.21 14.41 -0.11
CA ILE D 364 -1.32 15.37 0.02
C ILE D 364 -1.04 16.50 -0.95
N THR D 365 -1.98 16.77 -1.85
CA THR D 365 -1.81 17.83 -2.83
C THR D 365 -3.16 18.47 -3.10
N ALA D 366 -3.11 19.73 -3.54
CA ALA D 366 -4.34 20.47 -3.80
C ALA D 366 -5.14 19.80 -4.91
N ASP D 367 -6.45 19.73 -4.72
CA ASP D 367 -7.34 19.12 -5.71
C ASP D 367 -7.51 20.09 -6.88
N THR D 368 -7.13 19.65 -8.07
CA THR D 368 -7.21 20.48 -9.26
C THR D 368 -8.28 20.03 -10.24
N ARG D 369 -8.73 18.78 -10.17
CA ARG D 369 -9.74 18.27 -11.07
C ARG D 369 -11.16 18.50 -10.57
N LEU D 370 -11.31 18.94 -9.32
CA LEU D 370 -12.63 19.26 -8.78
C LEU D 370 -12.63 20.57 -8.02
N GLY D 371 -11.46 21.15 -7.74
CA GLY D 371 -11.40 22.42 -7.05
C GLY D 371 -10.90 23.53 -7.95
N CYS D 372 -10.47 24.64 -7.37
CA CYS D 372 -9.99 25.80 -8.11
C CYS D 372 -8.52 26.02 -7.82
N GLN D 373 -7.92 26.97 -8.54
CA GLN D 373 -6.51 27.29 -8.37
C GLN D 373 -6.27 28.15 -7.13
N SER D 374 -7.33 28.73 -6.55
CA SER D 374 -7.21 29.33 -5.23
C SER D 374 -6.79 28.29 -4.21
N ASP D 375 -7.33 27.08 -4.32
CA ASP D 375 -6.85 25.96 -3.50
C ASP D 375 -5.36 25.73 -3.74
N LEU D 376 -4.91 25.87 -4.99
CA LEU D 376 -3.50 25.67 -5.28
C LEU D 376 -2.63 26.69 -4.56
N MET D 377 -3.01 27.97 -4.62
CA MET D 377 -2.23 28.98 -3.90
C MET D 377 -2.26 28.74 -2.40
N ALA D 378 -3.43 28.44 -1.84
CA ALA D 378 -3.52 28.23 -0.40
C ALA D 378 -2.66 27.06 0.05
N PHE D 379 -2.77 25.93 -0.65
CA PHE D 379 -1.98 24.76 -0.31
C PHE D 379 -0.48 25.03 -0.45
N SER D 380 -0.09 25.70 -1.54
CA SER D 380 1.32 25.97 -1.76
C SER D 380 1.88 26.91 -0.69
N ALA D 381 1.10 27.92 -0.30
CA ALA D 381 1.55 28.82 0.76
C ALA D 381 1.70 28.08 2.08
N LEU D 382 0.74 27.21 2.41
CA LEU D 382 0.83 26.45 3.64
C LEU D 382 2.06 25.55 3.64
N VAL D 383 2.31 24.84 2.53
CA VAL D 383 3.48 23.98 2.44
C VAL D 383 4.76 24.79 2.54
N ASP D 384 4.78 25.96 1.88
CA ASP D 384 5.97 26.80 1.89
C ASP D 384 6.30 27.29 3.30
N VAL D 385 5.28 27.74 4.03
CA VAL D 385 5.55 28.24 5.38
C VAL D 385 5.93 27.10 6.32
N MET D 386 5.31 25.92 6.13
CA MET D 386 5.70 24.76 6.93
C MET D 386 7.16 24.39 6.68
N LEU D 387 7.59 24.45 5.42
CA LEU D 387 8.99 24.17 5.09
C LEU D 387 9.90 25.25 5.68
N GLU D 388 9.49 26.52 5.57
CA GLU D 388 10.33 27.62 6.04
C GLU D 388 10.55 27.54 7.55
N ASN D 389 9.50 27.22 8.30
CA ASN D 389 9.61 27.12 9.75
C ASN D 389 9.93 25.70 10.22
N ARG D 390 10.10 24.75 9.30
CA ARG D 390 10.44 23.37 9.61
C ARG D 390 9.40 22.76 10.56
N LYS D 391 8.17 22.69 10.07
CA LYS D 391 7.03 22.28 10.88
C LYS D 391 6.43 20.98 10.35
N ILE D 392 5.85 20.23 11.27
CA ILE D 392 4.97 19.11 10.97
C ILE D 392 3.62 19.41 11.59
N ALA D 393 2.57 18.90 10.97
CA ALA D 393 1.21 19.14 11.43
C ALA D 393 0.54 17.80 11.72
N VAL D 394 -0.09 17.69 12.89
CA VAL D 394 -0.85 16.51 13.26
C VAL D 394 -2.31 16.76 12.93
N ALA D 395 -2.96 15.78 12.31
CA ALA D 395 -4.31 15.94 11.82
C ALA D 395 -5.14 14.69 12.07
N ARG D 396 -6.44 14.89 12.19
CA ARG D 396 -7.40 13.79 12.32
C ARG D 396 -7.85 13.40 10.92
N TYR D 397 -7.41 12.24 10.46
CA TYR D 397 -7.53 11.85 9.06
C TYR D 397 -8.50 10.69 8.91
N VAL D 398 -9.58 10.92 8.16
CA VAL D 398 -10.48 9.87 7.71
C VAL D 398 -10.48 9.92 6.18
N SER D 399 -10.01 8.84 5.55
CA SER D 399 -9.90 8.83 4.09
C SER D 399 -11.28 8.83 3.44
N LYS D 400 -12.08 7.81 3.72
CA LYS D 400 -13.44 7.71 3.20
C LYS D 400 -14.40 7.50 4.37
N LYS D 401 -15.70 7.63 4.06
CA LYS D 401 -16.71 7.68 5.11
C LYS D 401 -16.71 6.43 5.99
N ASP D 402 -16.50 5.26 5.41
CA ASP D 402 -16.55 4.02 6.15
C ASP D 402 -15.23 3.66 6.82
N SER D 403 -14.15 4.36 6.50
CA SER D 403 -12.82 3.97 6.95
C SER D 403 -12.57 4.40 8.40
N GLU D 404 -11.45 3.94 8.95
CA GLU D 404 -11.08 4.24 10.33
C GLU D 404 -10.78 5.73 10.49
N VAL D 405 -10.63 6.14 11.75
CA VAL D 405 -10.15 7.47 12.10
C VAL D 405 -8.69 7.37 12.48
N ASN D 406 -7.86 8.23 11.92
CA ASN D 406 -6.43 8.20 12.14
C ASN D 406 -5.93 9.60 12.53
N MET D 407 -4.93 9.62 13.39
CA MET D 407 -4.15 10.83 13.65
C MET D 407 -2.87 10.75 12.83
N CYS D 408 -2.67 11.71 11.94
CA CYS D 408 -1.60 11.65 10.96
C CYS D 408 -0.73 12.89 11.03
N ALA D 409 0.52 12.74 10.61
CA ALA D 409 1.48 13.83 10.58
C ALA D 409 1.68 14.30 9.15
N LEU D 410 1.58 15.61 8.93
CA LEU D 410 1.72 16.21 7.61
C LEU D 410 3.11 16.82 7.50
N CYS D 411 3.91 16.31 6.57
CA CYS D 411 5.26 16.81 6.35
C CYS D 411 5.33 17.55 5.03
N PRO D 412 5.78 18.81 5.02
CA PRO D 412 5.88 19.54 3.75
C PRO D 412 7.09 19.09 2.96
N VAL D 413 6.89 18.80 1.67
CA VAL D 413 7.95 18.30 0.80
C VAL D 413 7.81 18.97 -0.56
N LEU D 414 8.94 19.30 -1.17
CA LEU D 414 8.97 19.79 -2.54
C LEU D 414 9.28 18.64 -3.49
N ILE D 415 8.76 18.74 -4.70
CA ILE D 415 8.95 17.72 -5.73
C ILE D 415 9.36 18.42 -7.02
N GLU D 416 10.41 17.91 -7.66
CA GLU D 416 11.01 18.56 -8.82
C GLU D 416 10.35 18.09 -10.10
N HIS D 417 9.95 19.06 -10.93
CA HIS D 417 9.33 18.79 -12.23
C HIS D 417 10.20 19.40 -13.33
N SER D 418 10.34 18.68 -14.43
CA SER D 418 11.04 19.26 -15.59
C SER D 418 10.24 20.41 -16.19
N ASN D 419 8.93 20.24 -16.30
CA ASN D 419 8.00 21.24 -16.82
C ASN D 419 8.24 21.50 -18.31
N ILE D 420 7.27 22.13 -18.98
CA ILE D 420 7.43 22.44 -20.40
C ILE D 420 8.54 23.47 -20.59
N ASN D 421 8.73 24.34 -19.61
CA ASN D 421 9.76 25.37 -19.68
C ASN D 421 11.03 24.89 -18.97
N SER D 422 12.14 25.56 -19.28
CA SER D 422 13.42 25.24 -18.64
C SER D 422 13.37 25.46 -17.14
N GLU D 423 12.54 26.40 -16.69
CA GLU D 423 12.37 26.62 -15.25
C GLU D 423 11.76 25.38 -14.61
N LYS D 424 12.38 24.92 -13.52
CA LYS D 424 11.99 23.65 -12.91
C LYS D 424 10.70 23.76 -12.11
N LYS D 425 10.50 24.87 -11.39
CA LYS D 425 9.21 25.16 -10.75
C LYS D 425 8.80 24.05 -9.78
N PHE D 426 9.56 23.96 -8.70
CA PHE D 426 9.27 23.02 -7.61
C PHE D 426 7.78 23.02 -7.27
N VAL D 427 7.23 21.82 -7.04
CA VAL D 427 5.83 21.63 -6.71
C VAL D 427 5.70 21.34 -5.22
N LYS D 428 4.81 22.08 -4.56
CA LYS D 428 4.66 22.02 -3.11
C LYS D 428 3.54 21.05 -2.75
N SER D 429 3.83 20.13 -1.84
CA SER D 429 2.83 19.15 -1.40
C SER D 429 3.20 18.67 -0.01
N LEU D 430 2.20 18.21 0.72
CA LEU D 430 2.41 17.61 2.03
C LEU D 430 2.52 16.09 1.91
N THR D 431 3.08 15.48 2.95
CA THR D 431 3.25 14.04 3.01
C THR D 431 2.66 13.55 4.33
N LEU D 432 1.81 12.53 4.25
CA LEU D 432 0.97 12.11 5.36
C LEU D 432 1.37 10.72 5.86
N CYS D 433 1.60 10.61 7.17
CA CYS D 433 1.87 9.34 7.83
C CYS D 433 1.15 9.36 9.17
N ARG D 434 0.57 8.23 9.55
CA ARG D 434 -0.30 8.18 10.72
C ARG D 434 0.50 7.98 12.00
N LEU D 435 0.03 8.61 13.07
CA LEU D 435 0.58 8.52 14.40
C LEU D 435 -0.26 7.59 15.26
N PRO D 436 0.33 7.00 16.30
CA PRO D 436 -0.40 5.99 17.08
C PRO D 436 -1.45 6.61 17.99
N PHE D 437 -2.36 5.76 18.43
CA PHE D 437 -3.38 6.11 19.40
C PHE D 437 -2.96 5.66 20.79
N ALA D 438 -3.86 5.83 21.75
CA ALA D 438 -3.59 5.37 23.12
C ALA D 438 -3.42 3.86 23.16
N GLU D 439 -4.24 3.13 22.41
CA GLU D 439 -4.20 1.67 22.46
C GLU D 439 -3.08 1.11 21.59
N ASP D 440 -2.48 1.92 20.72
CA ASP D 440 -1.39 1.43 19.89
C ASP D 440 -0.08 1.34 20.65
N GLU D 441 0.08 2.14 21.70
CA GLU D 441 1.36 2.27 22.38
C GLU D 441 1.63 1.03 23.24
N ARG D 442 2.77 0.37 22.98
CA ARG D 442 3.20 -0.80 23.74
C ARG D 442 4.51 -0.54 24.48
N VAL D 443 4.80 0.72 24.80
CA VAL D 443 6.11 1.07 25.33
C VAL D 443 6.24 0.55 26.76
N THR D 444 7.28 -0.25 27.00
CA THR D 444 7.63 -0.77 28.31
C THR D 444 8.91 -0.11 28.80
N ASP D 445 9.40 -0.58 29.93
CA ASP D 445 10.67 -0.13 30.49
C ASP D 445 11.70 -1.26 30.38
N PHE D 446 12.85 -0.94 29.81
CA PHE D 446 13.92 -1.90 29.58
C PHE D 446 15.12 -1.58 30.46
N PRO D 447 15.96 -2.57 30.76
CA PRO D 447 17.16 -2.30 31.56
C PRO D 447 18.07 -1.28 30.88
N LYS D 448 18.71 -0.46 31.70
CA LYS D 448 19.58 0.59 31.17
C LYS D 448 20.80 -0.03 30.48
N LEU D 449 21.38 0.74 29.56
CA LEU D 449 22.46 0.25 28.70
C LEU D 449 23.80 0.92 28.96
N LEU D 450 23.84 2.26 28.99
CA LEU D 450 25.10 2.96 29.11
C LEU D 450 25.79 2.64 30.45
N ASP D 451 25.17 3.03 31.54
CA ASP D 451 25.68 2.73 32.89
C ASP D 451 24.71 1.72 33.52
N ARG D 452 25.05 0.44 33.40
CA ARG D 452 24.15 -0.61 33.86
C ARG D 452 24.02 -0.60 35.37
N THR D 453 22.78 -0.79 35.83
CA THR D 453 22.48 -0.99 37.24
C THR D 453 21.70 -2.28 37.39
N THR D 454 21.71 -2.84 38.60
CA THR D 454 20.94 -4.05 38.86
C THR D 454 19.46 -3.75 38.78
N THR D 455 18.63 -4.79 38.92
CA THR D 455 17.18 -4.58 38.88
C THR D 455 16.72 -3.69 40.04
N SER D 456 17.33 -3.86 41.21
CA SER D 456 16.99 -3.01 42.35
C SER D 456 17.52 -1.59 42.22
N GLY D 457 18.47 -1.34 41.32
CA GLY D 457 18.93 0.01 41.04
C GLY D 457 20.35 0.32 41.44
N VAL D 458 21.01 -0.54 42.21
CA VAL D 458 22.40 -0.26 42.60
C VAL D 458 23.30 -0.45 41.38
N PRO D 459 24.39 0.32 41.26
CA PRO D 459 25.22 0.23 40.05
C PRO D 459 25.88 -1.14 39.91
N LEU D 460 26.08 -1.54 38.66
CA LEU D 460 26.73 -2.80 38.33
C LEU D 460 28.24 -2.63 38.30
N LYS D 461 28.94 -3.77 38.31
CA LYS D 461 30.40 -3.75 38.27
C LYS D 461 30.89 -3.16 36.96
N LYS D 462 32.04 -2.48 37.02
CA LYS D 462 32.63 -1.82 35.86
C LYS D 462 33.51 -2.76 35.05
N GLU D 463 33.34 -4.09 35.21
CA GLU D 463 34.06 -5.08 34.43
C GLU D 463 35.57 -4.91 34.53
N THR D 464 36.28 -5.10 33.43
CA THR D 464 37.74 -5.01 33.43
C THR D 464 38.22 -3.62 33.03
N ASP D 465 37.89 -3.19 31.82
CA ASP D 465 38.32 -1.88 31.32
C ASP D 465 37.57 -1.52 30.05
N GLY D 466 37.06 -0.29 29.98
CA GLY D 466 36.31 0.14 28.81
C GLY D 466 36.94 1.31 28.08
N HIS D 467 38.20 1.62 28.38
CA HIS D 467 38.88 2.74 27.75
C HIS D 467 39.08 2.49 26.26
N GLN D 468 39.63 1.33 25.90
CA GLN D 468 39.91 1.01 24.51
C GLN D 468 38.66 0.57 23.75
N ILE D 469 37.61 0.15 24.45
CA ILE D 469 36.43 -0.40 23.79
C ILE D 469 35.80 0.64 22.88
N ASP D 470 35.54 1.84 23.42
CA ASP D 470 34.92 2.89 22.63
C ASP D 470 35.85 3.45 21.57
N GLU D 471 37.16 3.49 21.80
CA GLU D 471 38.07 3.96 20.77
C GLU D 471 38.06 3.01 19.57
N LEU D 472 38.12 1.70 19.84
CA LEU D 472 38.09 0.73 18.75
C LEU D 472 36.75 0.75 18.02
N MET D 473 35.64 0.86 18.76
CA MET D 473 34.35 0.98 18.10
C MET D 473 34.22 2.26 17.28
N GLU D 474 34.84 3.35 17.75
CA GLU D 474 34.84 4.58 16.99
C GLU D 474 35.58 4.39 15.67
N GLN D 475 36.76 3.77 15.73
CA GLN D 475 37.48 3.46 14.50
C GLN D 475 36.65 2.58 13.59
N PHE D 476 35.89 1.66 14.18
CA PHE D 476 35.01 0.80 13.38
C PHE D 476 33.94 1.62 12.66
N VAL D 477 33.34 2.60 13.35
CA VAL D 477 32.29 3.38 12.70
C VAL D 477 32.88 4.31 11.63
N ASP D 478 34.10 4.80 11.84
CA ASP D 478 34.70 5.60 10.76
C ASP D 478 35.17 4.74 9.59
N SER D 479 35.40 3.44 9.81
CA SER D 479 35.83 2.58 8.72
C SER D 479 34.75 2.45 7.65
N MET D 480 33.49 2.33 8.06
CA MET D 480 32.38 2.06 7.16
C MET D 480 31.55 3.30 6.85
N ASP D 481 32.08 4.50 7.11
CA ASP D 481 31.33 5.72 6.87
C ASP D 481 30.98 5.85 5.39
N THR D 482 29.72 6.18 5.10
CA THR D 482 29.26 6.38 3.74
C THR D 482 28.89 7.82 3.46
N ASP D 483 29.48 8.77 4.18
CA ASP D 483 29.20 10.18 3.94
C ASP D 483 29.75 10.67 2.61
N GLU D 484 30.70 9.95 2.01
CA GLU D 484 31.21 10.33 0.70
C GLU D 484 30.22 10.04 -0.43
N LEU D 485 29.27 9.13 -0.22
CA LEU D 485 28.21 8.91 -1.18
C LEU D 485 27.17 10.01 -1.02
N PRO D 486 26.93 10.84 -2.03
CA PRO D 486 25.94 11.90 -1.87
C PRO D 486 24.53 11.35 -1.77
N GLU D 487 23.69 12.09 -1.04
CA GLU D 487 22.29 11.75 -0.93
C GLU D 487 21.49 12.50 -1.99
N ILE D 488 20.35 11.91 -2.37
CA ILE D 488 19.52 12.54 -3.40
C ILE D 488 19.05 13.91 -2.91
N PRO D 489 19.05 14.93 -3.76
CA PRO D 489 18.68 16.28 -3.29
C PRO D 489 17.24 16.33 -2.80
N LEU D 490 16.98 17.32 -1.95
CA LEU D 490 15.65 17.53 -1.38
C LEU D 490 14.73 17.99 -2.50
N GLY D 491 13.86 17.09 -2.95
CA GLY D 491 12.98 17.38 -4.06
C GLY D 491 12.98 16.30 -5.11
N ASN D 492 14.13 15.66 -5.30
CA ASN D 492 14.28 14.58 -6.26
C ASN D 492 14.03 13.20 -5.65
N TYR D 493 13.74 13.13 -4.35
CA TYR D 493 13.39 11.85 -3.74
C TYR D 493 12.13 11.28 -4.37
N TYR D 494 11.12 12.13 -4.57
CA TYR D 494 9.89 11.75 -5.24
C TYR D 494 9.91 12.33 -6.65
N GLN D 495 9.78 11.48 -7.66
CA GLN D 495 9.75 11.94 -9.04
C GLN D 495 8.36 11.67 -9.63
N PRO D 496 7.80 12.60 -10.40
CA PRO D 496 6.47 12.40 -10.95
C PRO D 496 6.47 11.39 -12.08
N ILE D 497 5.27 10.88 -12.39
CA ILE D 497 5.13 9.96 -13.51
C ILE D 497 5.48 10.63 -14.83
N GLY D 498 5.27 11.96 -14.91
CA GLY D 498 5.58 12.67 -16.14
C GLY D 498 7.04 12.57 -16.53
N GLU D 499 7.92 12.30 -15.58
CA GLU D 499 9.34 12.14 -15.86
C GLU D 499 9.72 10.71 -16.21
N VAL D 500 8.77 9.76 -16.17
CA VAL D 500 9.07 8.35 -16.38
C VAL D 500 8.23 7.73 -17.49
N THR D 501 7.18 8.40 -17.95
CA THR D 501 6.34 7.82 -18.99
C THR D 501 7.07 7.81 -20.32
N THR D 502 6.90 6.72 -21.07
CA THR D 502 7.48 6.56 -22.39
C THR D 502 6.40 6.09 -23.36
N ASP D 503 6.53 6.52 -24.62
CA ASP D 503 5.53 6.19 -25.64
C ASP D 503 5.67 4.77 -26.16
N THR D 504 6.76 4.07 -25.84
CA THR D 504 6.99 2.72 -26.32
C THR D 504 7.40 1.81 -25.18
N THR D 505 6.91 0.57 -25.20
CA THR D 505 7.27 -0.40 -24.18
C THR D 505 8.49 -1.21 -24.62
N LEU D 506 9.55 -0.50 -24.98
CA LEU D 506 10.80 -1.13 -25.39
C LEU D 506 11.91 -0.67 -24.46
N PRO D 507 12.73 -1.57 -23.91
CA PRO D 507 13.84 -1.13 -23.04
C PRO D 507 14.86 -0.30 -23.79
N LEU D 508 14.99 0.96 -23.39
CA LEU D 508 15.91 1.91 -23.99
C LEU D 508 16.69 2.62 -22.89
N PRO D 509 17.89 3.14 -23.21
CA PRO D 509 18.72 3.76 -22.17
C PRO D 509 18.13 5.03 -21.56
N SER D 510 16.95 5.44 -22.03
CA SER D 510 16.20 6.56 -21.47
C SER D 510 16.89 7.90 -21.70
N LEU D 511 16.12 8.99 -21.61
CA LEU D 511 16.65 10.33 -21.80
C LEU D 511 16.79 11.12 -20.51
N ASN D 512 16.21 10.66 -19.41
CA ASN D 512 16.30 11.36 -18.13
C ASN D 512 17.71 11.18 -17.58
N LYS D 513 18.57 12.16 -17.87
CA LYS D 513 19.98 12.09 -17.48
C LYS D 513 20.23 12.55 -16.06
N ASP D 514 19.20 13.08 -15.38
CA ASP D 514 19.38 13.49 -13.99
C ASP D 514 19.56 12.29 -13.07
N GLN D 515 18.89 11.17 -13.38
CA GLN D 515 19.00 9.97 -12.57
C GLN D 515 20.37 9.31 -12.65
N GLU D 516 21.21 9.71 -13.60
CA GLU D 516 22.57 9.20 -13.69
C GLU D 516 23.43 9.88 -12.65
N GLU D 517 24.32 9.11 -12.01
CA GLU D 517 25.22 9.55 -10.95
C GLU D 517 24.47 9.98 -9.68
N ASN D 518 23.14 9.83 -9.66
CA ASN D 518 22.36 10.05 -8.45
C ASN D 518 21.86 8.76 -7.84
N LYS D 519 22.30 7.61 -8.36
CA LYS D 519 22.05 6.32 -7.74
C LYS D 519 23.14 5.93 -6.75
N LYS D 520 24.10 6.82 -6.51
CA LYS D 520 25.14 6.55 -5.53
C LYS D 520 24.59 6.50 -4.11
N ASP D 521 23.38 7.03 -3.91
CA ASP D 521 22.71 7.04 -2.62
C ASP D 521 22.68 5.65 -2.03
N PRO D 522 23.40 5.40 -0.92
CA PRO D 522 23.46 4.03 -0.37
C PRO D 522 22.14 3.53 0.16
N LEU D 523 21.20 4.42 0.48
CA LEU D 523 19.92 4.01 1.05
C LEU D 523 18.86 3.69 0.02
N ARG D 524 18.92 4.32 -1.16
CA ARG D 524 17.98 4.06 -2.24
C ARG D 524 18.58 2.97 -3.12
N ILE D 525 18.20 1.72 -2.85
CA ILE D 525 18.68 0.59 -3.62
C ILE D 525 17.49 -0.05 -4.32
N PRO D 526 17.66 -0.61 -5.51
CA PRO D 526 16.54 -1.30 -6.18
C PRO D 526 16.11 -2.52 -5.38
N THR D 527 14.84 -2.87 -5.51
CA THR D 527 14.35 -4.10 -4.92
C THR D 527 15.17 -5.27 -5.46
N VAL D 528 15.59 -6.18 -4.58
CA VAL D 528 16.58 -7.16 -4.97
C VAL D 528 16.01 -8.58 -5.04
N PHE D 529 15.08 -8.92 -4.14
CA PHE D 529 14.48 -10.26 -4.21
C PHE D 529 13.61 -10.41 -5.45
N VAL D 530 12.81 -9.39 -5.77
CA VAL D 530 11.95 -9.45 -6.94
C VAL D 530 12.78 -9.57 -8.21
N TYR D 531 13.82 -8.73 -8.33
CA TYR D 531 14.67 -8.80 -9.51
C TYR D 531 15.42 -10.12 -9.56
N ARG D 532 15.82 -10.64 -8.40
CA ARG D 532 16.52 -11.92 -8.37
C ARG D 532 15.66 -13.04 -8.92
N GLN D 533 14.40 -13.13 -8.46
CA GLN D 533 13.54 -14.19 -8.97
C GLN D 533 13.14 -13.95 -10.42
N GLN D 534 13.00 -12.69 -10.83
CA GLN D 534 12.71 -12.40 -12.24
C GLN D 534 13.87 -12.85 -13.12
N GLN D 535 15.10 -12.56 -12.72
CA GLN D 535 16.27 -12.98 -13.48
C GLN D 535 16.41 -14.50 -13.48
N VAL D 536 16.09 -15.14 -12.35
CA VAL D 536 16.15 -16.60 -12.30
C VAL D 536 15.14 -17.21 -13.26
N LEU D 537 13.92 -16.66 -13.32
CA LEU D 537 12.94 -17.16 -14.26
C LEU D 537 13.38 -16.92 -15.71
N LEU D 538 13.95 -15.74 -15.99
CA LEU D 538 14.44 -15.45 -17.33
C LEU D 538 15.51 -16.44 -17.75
N GLU D 539 16.47 -16.70 -16.86
CA GLU D 539 17.54 -17.65 -17.18
C GLU D 539 17.02 -19.07 -17.27
N TRP D 540 16.03 -19.43 -16.45
CA TRP D 540 15.44 -20.76 -16.56
C TRP D 540 14.81 -20.95 -17.92
N ILE D 541 13.99 -19.97 -18.35
CA ILE D 541 13.38 -20.06 -19.67
C ILE D 541 14.45 -20.18 -20.74
N HIS D 542 15.44 -19.29 -20.70
CA HIS D 542 16.51 -19.29 -21.69
C HIS D 542 17.19 -20.64 -21.78
N GLN D 543 17.83 -21.07 -20.68
CA GLN D 543 18.61 -22.31 -20.70
C GLN D 543 17.74 -23.52 -21.01
N LEU D 544 16.64 -23.70 -20.28
CA LEU D 544 15.90 -24.95 -20.34
C LEU D 544 14.90 -25.01 -21.48
N MET D 545 14.70 -23.93 -22.23
CA MET D 545 13.74 -24.01 -23.34
C MET D 545 14.33 -23.53 -24.66
N ILE D 546 15.17 -22.51 -24.64
CA ILE D 546 15.72 -21.98 -25.88
C ILE D 546 17.01 -22.69 -26.27
N ASN D 547 17.91 -22.89 -25.31
CA ASN D 547 19.16 -23.61 -25.57
C ASN D 547 19.02 -25.11 -25.42
N ASP D 548 17.84 -25.61 -25.06
CA ASP D 548 17.58 -27.04 -24.90
C ASP D 548 18.53 -27.69 -23.90
N SER D 549 18.88 -26.96 -22.85
CA SER D 549 19.78 -27.51 -21.83
C SER D 549 19.04 -28.55 -20.99
N ARG D 550 19.82 -29.26 -20.17
CA ARG D 550 19.28 -30.31 -19.32
C ARG D 550 19.29 -29.97 -17.84
N GLU D 551 20.36 -29.38 -17.32
CA GLU D 551 20.47 -29.04 -15.91
C GLU D 551 20.55 -27.53 -15.76
N PHE D 552 19.77 -26.99 -14.82
CA PHE D 552 19.80 -25.55 -14.57
C PHE D 552 21.15 -25.13 -14.02
N GLU D 553 21.54 -23.91 -14.34
CA GLU D 553 22.89 -23.39 -14.07
C GLU D 553 22.76 -22.02 -13.39
N ILE D 554 22.01 -21.99 -12.29
CA ILE D 554 21.51 -20.78 -11.62
C ILE D 554 22.55 -19.67 -11.66
N PRO D 555 22.21 -18.51 -12.21
CA PRO D 555 23.20 -17.43 -12.37
C PRO D 555 23.57 -16.81 -11.03
N GLU D 556 24.65 -16.04 -11.07
CA GLU D 556 25.14 -15.30 -9.91
C GLU D 556 24.48 -13.93 -9.87
N LEU D 557 24.12 -13.49 -8.68
CA LEU D 557 23.53 -12.16 -8.53
C LEU D 557 24.53 -11.11 -8.99
N PRO D 558 24.13 -10.17 -9.85
CA PRO D 558 25.10 -9.21 -10.40
C PRO D 558 25.81 -8.41 -9.31
N ASP D 559 27.07 -8.07 -9.57
CA ASP D 559 27.84 -7.27 -8.63
C ASP D 559 27.26 -5.87 -8.43
N SER D 560 26.48 -5.37 -9.41
CA SER D 560 25.81 -4.10 -9.21
C SER D 560 24.76 -4.19 -8.11
N LEU D 561 24.06 -5.32 -8.01
CA LEU D 561 23.09 -5.52 -6.94
C LEU D 561 23.78 -5.89 -5.64
N LYS D 562 24.80 -6.75 -5.69
CA LYS D 562 25.48 -7.18 -4.48
C LYS D 562 26.21 -6.04 -3.80
N ASN D 563 26.65 -5.04 -4.56
CA ASN D 563 27.43 -3.95 -3.98
C ASN D 563 26.62 -3.17 -2.96
N LYS D 564 25.35 -2.93 -3.24
CA LYS D 564 24.50 -2.14 -2.35
C LYS D 564 23.96 -2.94 -1.18
N ILE D 565 24.11 -4.27 -1.19
CA ILE D 565 23.64 -5.12 -0.10
C ILE D 565 24.80 -5.86 0.57
N SER D 566 26.02 -5.38 0.38
CA SER D 566 27.22 -5.93 0.98
C SER D 566 27.95 -4.83 1.73
N PRO D 567 28.79 -5.19 2.71
CA PRO D 567 29.41 -4.17 3.54
C PRO D 567 30.21 -3.16 2.73
N TYR D 568 30.10 -1.89 3.13
CA TYR D 568 30.82 -0.79 2.52
C TYR D 568 32.23 -0.72 3.10
N THR D 569 33.10 0.00 2.39
CA THR D 569 34.48 0.16 2.84
C THR D 569 34.95 1.56 2.47
N HIS D 570 35.11 2.42 3.48
CA HIS D 570 35.67 3.75 3.30
C HIS D 570 37.14 3.79 3.71
N LYS D 571 37.44 3.37 4.94
CA LYS D 571 38.80 3.26 5.43
C LYS D 571 39.07 1.82 5.85
N LYS D 572 40.24 1.32 5.46
CA LYS D 572 40.63 -0.04 5.81
C LYS D 572 40.83 -0.15 7.31
N PHE D 573 40.29 -1.21 7.91
CA PHE D 573 40.33 -1.38 9.36
C PHE D 573 40.07 -2.84 9.70
N ASP D 574 40.77 -3.34 10.71
CA ASP D 574 40.63 -4.70 11.19
C ASP D 574 40.02 -4.66 12.59
N SER D 575 38.96 -5.45 12.79
CA SER D 575 38.21 -5.45 14.05
C SER D 575 38.56 -6.64 14.94
N THR D 576 39.60 -7.41 14.60
CA THR D 576 39.93 -8.60 15.38
C THR D 576 40.28 -8.25 16.81
N LYS D 577 41.07 -7.20 17.01
CA LYS D 577 41.41 -6.78 18.37
C LYS D 577 40.18 -6.33 19.14
N LEU D 578 39.27 -5.62 18.47
CA LEU D 578 38.04 -5.18 19.12
C LEU D 578 37.19 -6.37 19.53
N VAL D 579 37.13 -7.40 18.67
CA VAL D 579 36.42 -8.62 19.04
C VAL D 579 37.06 -9.27 20.25
N GLU D 580 38.39 -9.33 20.27
CA GLU D 580 39.08 -9.97 21.39
C GLU D 580 38.86 -9.23 22.70
N VAL D 581 38.86 -7.90 22.66
CA VAL D 581 38.71 -7.14 23.89
C VAL D 581 37.25 -6.96 24.30
N LEU D 582 36.30 -7.18 23.39
CA LEU D 582 34.89 -7.14 23.76
C LEU D 582 34.38 -8.47 24.30
N GLY D 583 35.17 -9.53 24.22
CA GLY D 583 34.78 -10.80 24.81
C GLY D 583 33.55 -11.44 24.19
N ILE D 584 33.49 -11.47 22.86
CA ILE D 584 32.33 -12.03 22.17
C ILE D 584 32.54 -13.52 21.94
N LYS D 585 31.61 -14.34 22.42
CA LYS D 585 31.65 -15.79 22.24
C LYS D 585 30.24 -16.28 21.98
N LYS D 586 30.06 -17.00 20.88
CA LYS D 586 28.75 -17.57 20.57
C LYS D 586 28.42 -18.67 21.58
N VAL D 587 27.17 -18.67 22.03
CA VAL D 587 26.70 -19.68 22.98
C VAL D 587 25.85 -20.72 22.26
N LYS E 1 -20.90 -4.06 5.28
CA LYS E 1 -20.15 -3.13 4.45
C LYS E 1 -18.98 -3.86 3.80
N ALA E 2 -18.54 -3.37 2.64
CA ALA E 2 -17.46 -3.99 1.85
C ALA E 2 -17.82 -5.42 1.46
N SER E 3 -19.12 -5.69 1.34
CA SER E 3 -19.63 -6.96 0.87
C SER E 3 -20.81 -6.66 -0.06
N PHE E 4 -21.61 -7.68 -0.38
CA PHE E 4 -22.74 -7.40 -1.25
C PHE E 4 -24.05 -8.09 -0.84
N THR E 5 -24.11 -8.73 0.34
CA THR E 5 -25.37 -8.96 1.03
C THR E 5 -26.47 -9.47 0.12
N ASP E 6 -26.40 -10.75 -0.29
CA ASP E 6 -27.03 -11.30 -1.49
C ASP E 6 -28.38 -10.70 -1.85
N GLU E 7 -29.21 -10.35 -0.85
CA GLU E 7 -30.42 -9.61 -1.13
C GLU E 7 -30.12 -8.34 -1.93
N GLU E 8 -28.98 -7.70 -1.66
CA GLU E 8 -28.56 -6.55 -2.44
C GLU E 8 -28.27 -6.93 -3.89
N ASP E 9 -27.62 -8.08 -4.08
CA ASP E 9 -27.36 -8.58 -5.43
C ASP E 9 -28.66 -8.79 -6.18
N GLU E 10 -29.65 -9.40 -5.53
CA GLU E 10 -30.93 -9.61 -6.17
C GLU E 10 -31.64 -8.29 -6.47
N PHE E 11 -31.52 -7.31 -5.57
CA PHE E 11 -32.12 -6.00 -5.80
C PHE E 11 -31.53 -5.35 -7.05
N ILE E 12 -30.21 -5.29 -7.13
CA ILE E 12 -29.59 -4.62 -8.29
C ILE E 12 -29.82 -5.43 -9.56
N LEU E 13 -29.90 -6.77 -9.45
CA LEU E 13 -30.23 -7.59 -10.62
C LEU E 13 -31.63 -7.27 -11.12
N ASP E 14 -32.58 -7.11 -10.20
CA ASP E 14 -33.95 -6.75 -10.60
C ASP E 14 -33.98 -5.36 -11.23
N VAL E 15 -33.22 -4.41 -10.68
CA VAL E 15 -33.19 -3.06 -11.25
C VAL E 15 -32.63 -3.10 -12.66
N VAL E 16 -31.56 -3.89 -12.87
CA VAL E 16 -31.02 -4.05 -14.22
C VAL E 16 -32.06 -4.69 -15.14
N ARG E 17 -32.77 -5.71 -14.63
CA ARG E 17 -33.80 -6.38 -15.42
C ARG E 17 -34.90 -5.42 -15.84
N LYS E 18 -35.22 -4.43 -15.00
CA LYS E 18 -36.25 -3.46 -15.35
C LYS E 18 -35.84 -2.59 -16.53
N ASN E 19 -34.54 -2.36 -16.72
CA ASN E 19 -34.03 -1.56 -17.84
C ASN E 19 -32.99 -2.37 -18.60
N PRO E 20 -33.44 -3.35 -19.40
CA PRO E 20 -32.48 -4.13 -20.20
C PRO E 20 -31.76 -3.31 -21.26
N THR E 21 -32.28 -2.13 -21.61
CA THR E 21 -31.64 -1.25 -22.57
C THR E 21 -30.50 -0.45 -21.96
N ARG E 22 -30.28 -0.56 -20.65
CA ARG E 22 -29.21 0.16 -19.98
C ARG E 22 -28.31 -0.80 -19.18
N ARG E 23 -28.26 -2.07 -19.55
CA ARG E 23 -27.51 -3.06 -18.79
C ARG E 23 -26.01 -2.77 -18.81
N THR E 24 -25.47 -2.38 -19.96
CA THR E 24 -24.05 -2.14 -20.11
C THR E 24 -23.68 -0.67 -19.99
N THR E 25 -24.65 0.20 -19.70
CA THR E 25 -24.36 1.63 -19.58
C THR E 25 -23.62 1.92 -18.28
N HIS E 26 -23.35 3.20 -18.04
CA HIS E 26 -22.67 3.63 -16.83
C HIS E 26 -23.50 4.55 -15.94
N THR E 27 -24.53 5.20 -16.48
CA THR E 27 -25.37 6.06 -15.66
C THR E 27 -26.34 5.27 -14.79
N LEU E 28 -26.82 4.13 -15.29
CA LEU E 28 -27.80 3.34 -14.55
C LEU E 28 -27.22 2.87 -13.22
N TYR E 29 -25.97 2.40 -13.24
CA TYR E 29 -25.36 1.95 -11.99
C TYR E 29 -25.03 3.12 -11.07
N ASP E 30 -24.80 4.31 -11.63
CA ASP E 30 -24.66 5.49 -10.79
C ASP E 30 -25.96 5.80 -10.06
N GLU E 31 -27.09 5.70 -10.77
CA GLU E 31 -28.39 5.89 -10.12
C GLU E 31 -28.64 4.82 -9.06
N ILE E 32 -28.28 3.58 -9.36
CA ILE E 32 -28.44 2.50 -8.38
C ILE E 32 -27.61 2.77 -7.14
N SER E 33 -26.36 3.18 -7.33
CA SER E 33 -25.49 3.53 -6.19
C SER E 33 -26.04 4.71 -5.42
N HIS E 34 -26.72 5.63 -6.10
CA HIS E 34 -27.40 6.71 -5.39
C HIS E 34 -28.52 6.15 -4.51
N TYR E 35 -29.32 5.23 -5.05
CA TYR E 35 -30.42 4.67 -4.27
C TYR E 35 -29.92 3.69 -3.22
N VAL E 36 -28.95 2.86 -3.57
CA VAL E 36 -28.38 1.92 -2.60
C VAL E 36 -27.51 2.70 -1.62
N PRO E 37 -27.68 2.52 -0.29
CA PRO E 37 -26.89 3.32 0.67
C PRO E 37 -25.39 3.12 0.54
N ASN E 38 -24.97 1.90 0.18
CA ASN E 38 -23.55 1.58 0.05
C ASN E 38 -23.19 1.35 -1.41
N HIS E 39 -21.89 1.17 -1.65
CA HIS E 39 -21.33 0.80 -2.95
C HIS E 39 -21.46 1.92 -3.97
N THR E 40 -20.48 2.02 -4.86
CA THR E 40 -20.45 3.05 -5.89
C THR E 40 -20.84 2.45 -7.23
N GLY E 41 -21.13 3.34 -8.19
CA GLY E 41 -21.54 2.88 -9.51
C GLY E 41 -20.52 1.99 -10.19
N ASN E 42 -19.24 2.31 -10.06
CA ASN E 42 -18.19 1.46 -10.62
C ASN E 42 -18.23 0.07 -9.99
N SER E 43 -18.36 0.02 -8.66
CA SER E 43 -18.39 -1.26 -7.97
C SER E 43 -19.62 -2.07 -8.33
N ILE E 44 -20.78 -1.42 -8.41
CA ILE E 44 -22.01 -2.12 -8.76
C ILE E 44 -21.93 -2.66 -10.18
N ARG E 45 -21.41 -1.84 -11.11
CA ARG E 45 -21.28 -2.29 -12.49
C ARG E 45 -20.31 -3.46 -12.59
N HIS E 46 -19.19 -3.40 -11.86
CA HIS E 46 -18.25 -4.51 -11.87
C HIS E 46 -18.88 -5.78 -11.31
N ARG E 47 -19.62 -5.65 -10.20
CA ARG E 47 -20.30 -6.80 -9.61
C ARG E 47 -21.26 -7.43 -10.60
N PHE E 48 -22.10 -6.62 -11.24
CA PHE E 48 -23.06 -7.17 -12.20
C PHE E 48 -22.34 -7.81 -13.39
N ARG E 49 -21.32 -7.12 -13.91
CA ARG E 49 -20.66 -7.58 -15.12
C ARG E 49 -19.93 -8.90 -14.89
N VAL E 50 -19.27 -9.05 -13.74
CA VAL E 50 -18.47 -10.25 -13.51
C VAL E 50 -19.33 -11.39 -12.96
N TYR E 51 -20.14 -11.11 -11.94
CA TYR E 51 -20.85 -12.17 -11.23
C TYR E 51 -22.33 -12.24 -11.60
N LEU E 52 -23.04 -11.12 -11.52
CA LEU E 52 -24.49 -11.17 -11.67
C LEU E 52 -24.95 -11.22 -13.12
N SER E 53 -24.03 -11.02 -14.07
CA SER E 53 -24.40 -11.20 -15.48
C SER E 53 -24.67 -12.66 -15.81
N LYS E 54 -24.17 -13.59 -15.00
CA LYS E 54 -24.42 -15.00 -15.21
C LYS E 54 -25.79 -15.44 -14.70
N ARG E 55 -26.46 -14.61 -13.89
CA ARG E 55 -27.73 -14.96 -13.28
C ARG E 55 -28.86 -14.07 -13.75
N LEU E 56 -28.67 -13.33 -14.84
CA LEU E 56 -29.74 -12.47 -15.35
C LEU E 56 -30.93 -13.28 -15.82
N GLU E 57 -30.67 -14.39 -16.52
CA GLU E 57 -31.70 -15.33 -16.95
C GLU E 57 -32.72 -14.68 -17.87
N TYR E 58 -33.51 -13.75 -17.34
CA TYR E 58 -34.60 -13.12 -18.07
C TYR E 58 -34.58 -11.62 -17.82
N VAL E 59 -35.22 -10.88 -18.72
CA VAL E 59 -35.41 -9.44 -18.59
C VAL E 59 -36.89 -9.16 -18.75
N TYR E 60 -37.42 -8.26 -17.93
CA TYR E 60 -38.83 -7.91 -18.02
C TYR E 60 -39.13 -7.28 -19.37
N GLU E 61 -40.33 -7.56 -19.89
CA GLU E 61 -40.65 -7.23 -21.27
C GLU E 61 -40.52 -5.73 -21.52
N VAL E 62 -39.80 -5.38 -22.59
CA VAL E 62 -39.58 -3.99 -22.97
C VAL E 62 -39.76 -3.89 -24.49
N ASP E 63 -40.55 -2.92 -24.91
CA ASP E 63 -40.76 -2.64 -26.33
C ASP E 63 -40.43 -1.17 -26.59
N LYS E 64 -40.40 -0.80 -27.87
CA LYS E 64 -40.16 0.59 -28.22
C LYS E 64 -41.26 1.50 -27.67
N PHE E 65 -42.50 1.02 -27.66
CA PHE E 65 -43.63 1.72 -27.05
C PHE E 65 -44.40 0.70 -26.21
N GLY E 66 -44.00 0.53 -24.95
CA GLY E 66 -42.84 1.23 -24.38
C GLY E 66 -42.16 0.40 -23.31
N LYS E 67 -41.79 1.05 -22.21
CA LYS E 67 -41.18 0.37 -21.07
C LYS E 67 -41.85 0.85 -19.80
N LEU E 68 -42.36 -0.09 -19.00
CA LEU E 68 -42.29 -1.52 -19.30
C LEU E 68 -43.46 -1.98 -20.18
N VAL E 69 -43.57 -3.29 -20.37
CA VAL E 69 -44.64 -3.89 -21.15
C VAL E 69 -45.39 -4.84 -20.24
N ARG E 70 -46.71 -4.63 -20.13
CA ARG E 70 -47.58 -5.47 -19.30
C ARG E 70 -48.59 -6.18 -20.19
N ASP E 71 -49.33 -7.11 -19.58
CA ASP E 71 -50.39 -7.84 -20.25
C ASP E 71 -51.73 -7.14 -20.00
N ASP E 72 -52.82 -7.80 -20.38
CA ASP E 72 -54.14 -7.22 -20.17
C ASP E 72 -54.44 -7.06 -18.69
N ASP E 73 -54.09 -8.06 -17.88
CA ASP E 73 -54.31 -7.96 -16.44
C ASP E 73 -53.41 -6.91 -15.82
N GLY E 74 -52.16 -6.83 -16.27
CA GLY E 74 -51.21 -5.87 -15.73
C GLY E 74 -49.99 -6.51 -15.12
N ASN E 75 -49.75 -7.78 -15.46
CA ASN E 75 -48.61 -8.52 -14.94
C ASN E 75 -47.37 -8.26 -15.78
N LEU E 76 -46.22 -8.62 -15.21
CA LEU E 76 -44.93 -8.37 -15.86
C LEU E 76 -44.46 -9.64 -16.57
N ILE E 77 -44.21 -9.53 -17.87
CA ILE E 77 -43.75 -10.65 -18.69
C ILE E 77 -42.23 -10.66 -18.70
N LYS E 78 -41.66 -11.86 -18.64
CA LYS E 78 -40.22 -12.06 -18.64
C LYS E 78 -39.81 -12.76 -19.93
N THR E 79 -38.82 -12.19 -20.61
CA THR E 79 -38.35 -12.73 -21.88
C THR E 79 -36.88 -13.10 -21.79
N LYS E 80 -36.47 -14.07 -22.60
CA LYS E 80 -35.12 -14.59 -22.58
C LYS E 80 -34.23 -13.99 -23.67
N VAL E 81 -34.73 -13.01 -24.42
CA VAL E 81 -33.94 -12.31 -25.43
C VAL E 81 -33.72 -10.88 -24.96
N LEU E 82 -32.47 -10.48 -24.87
CA LEU E 82 -32.10 -9.16 -24.39
C LEU E 82 -32.12 -8.15 -25.53
N PRO E 83 -32.80 -7.03 -25.37
CA PRO E 83 -32.85 -6.02 -26.44
C PRO E 83 -31.45 -5.47 -26.71
N PRO E 84 -31.18 -5.04 -27.95
CA PRO E 84 -29.84 -4.55 -28.30
C PRO E 84 -29.47 -3.31 -27.51
N SER E 85 -28.19 -2.94 -27.60
CA SER E 85 -27.66 -1.80 -26.89
C SER E 85 -28.17 -0.50 -27.52
N ILE E 86 -27.79 0.63 -26.92
CA ILE E 86 -28.17 1.93 -27.45
C ILE E 86 -27.17 2.48 -28.45
N LYS E 87 -25.95 1.94 -28.49
CA LYS E 87 -24.92 2.34 -29.44
C LYS E 87 -24.72 1.19 -30.42
N ARG E 88 -25.29 1.30 -31.61
CA ARG E 88 -25.17 0.26 -32.62
C ARG E 88 -23.78 0.30 -33.25
N LYS E 89 -23.04 -0.80 -33.12
CA LYS E 89 -21.73 -0.88 -33.74
C LYS E 89 -21.86 -0.96 -35.26
N PHE E 90 -20.82 -0.50 -35.95
CA PHE E 90 -20.75 -0.56 -37.40
C PHE E 90 -20.10 -1.86 -37.85
N SER E 91 -20.41 -2.25 -39.08
CA SER E 91 -19.91 -3.48 -39.67
C SER E 91 -19.32 -3.18 -41.04
N ALA E 92 -18.73 -4.21 -41.65
CA ALA E 92 -18.08 -4.05 -42.94
C ALA E 92 -19.07 -3.67 -44.03
N ASP E 93 -20.25 -4.30 -44.01
CA ASP E 93 -21.25 -4.02 -45.04
C ASP E 93 -21.74 -2.58 -44.98
N GLU E 94 -21.95 -2.06 -43.76
CA GLU E 94 -22.38 -0.68 -43.62
C GLU E 94 -21.33 0.29 -44.16
N ASP E 95 -20.05 0.04 -43.84
CA ASP E 95 -18.99 0.90 -44.33
C ASP E 95 -18.88 0.82 -45.84
N TYR E 96 -19.03 -0.39 -46.41
CA TYR E 96 -19.00 -0.55 -47.86
C TYR E 96 -20.15 0.21 -48.52
N THR E 97 -21.35 0.12 -47.96
CA THR E 97 -22.50 0.83 -48.50
C THR E 97 -22.29 2.34 -48.43
N LEU E 98 -21.77 2.83 -47.30
CA LEU E 98 -21.52 4.27 -47.17
C LEU E 98 -20.47 4.72 -48.17
N ALA E 99 -19.40 3.94 -48.36
CA ALA E 99 -18.37 4.30 -49.32
C ALA E 99 -18.93 4.35 -50.73
N ILE E 100 -19.75 3.36 -51.10
CA ILE E 100 -20.34 3.34 -52.43
C ILE E 100 -21.25 4.54 -52.62
N ALA E 101 -22.06 4.86 -51.61
CA ALA E 101 -22.98 5.99 -51.72
C ALA E 101 -22.22 7.30 -51.89
N VAL E 102 -21.16 7.50 -51.10
CA VAL E 102 -20.39 8.73 -51.21
C VAL E 102 -19.68 8.82 -52.55
N LYS E 103 -19.12 7.70 -53.02
CA LYS E 103 -18.46 7.69 -54.32
C LYS E 103 -19.42 8.03 -55.43
N LYS E 104 -20.63 7.45 -55.39
CA LYS E 104 -21.61 7.72 -56.44
C LYS E 104 -22.11 9.16 -56.37
N GLN E 105 -22.27 9.71 -55.17
CA GLN E 105 -22.69 11.10 -55.04
C GLN E 105 -21.63 12.04 -55.59
N PHE E 106 -20.35 11.77 -55.27
CA PHE E 106 -19.28 12.61 -55.81
C PHE E 106 -19.19 12.50 -57.31
N TYR E 107 -19.39 11.30 -57.85
CA TYR E 107 -19.36 11.11 -59.30
C TYR E 107 -20.52 11.86 -59.97
N ARG E 108 -21.70 11.80 -59.35
CA ARG E 108 -22.87 12.51 -59.87
C ARG E 108 -22.63 14.02 -59.87
N ASP E 109 -21.99 14.53 -58.82
CA ASP E 109 -21.81 15.97 -58.70
C ASP E 109 -20.99 16.51 -59.87
N LEU E 110 -19.94 15.79 -60.27
CA LEU E 110 -19.06 16.29 -61.32
C LEU E 110 -19.54 15.89 -62.71
N PHE E 111 -19.73 14.60 -62.97
CA PHE E 111 -20.08 14.18 -64.33
C PHE E 111 -21.57 14.28 -64.63
N GLN E 112 -22.39 14.69 -63.66
CA GLN E 112 -23.84 14.89 -63.87
C GLN E 112 -24.52 13.63 -64.40
N ILE E 113 -23.95 12.48 -64.10
CA ILE E 113 -24.52 11.19 -64.48
C ILE E 113 -24.49 10.26 -63.27
N ASP E 114 -25.52 9.42 -63.15
CA ASP E 114 -25.63 8.49 -62.03
C ASP E 114 -25.40 7.08 -62.54
N PRO E 115 -24.49 6.31 -61.94
CA PRO E 115 -24.34 4.90 -62.33
C PRO E 115 -25.66 4.15 -62.15
N ASP E 116 -25.90 3.19 -63.04
CA ASP E 116 -24.94 2.82 -64.08
C ASP E 116 -25.21 3.49 -65.42
N THR E 117 -26.48 3.60 -65.78
CA THR E 117 -26.85 3.95 -67.15
C THR E 117 -27.38 5.38 -67.30
N GLY E 118 -28.43 5.73 -66.56
CA GLY E 118 -29.19 6.94 -66.82
C GLY E 118 -28.41 8.25 -66.87
N ARG E 119 -28.99 9.25 -67.55
CA ARG E 119 -28.36 10.53 -67.75
C ARG E 119 -29.31 11.65 -67.33
N SER E 120 -28.75 12.85 -67.18
CA SER E 120 -29.53 14.00 -66.74
C SER E 120 -30.55 14.40 -67.81
N LEU E 121 -31.70 14.90 -67.36
CA LEU E 121 -32.76 15.33 -68.26
C LEU E 121 -33.41 16.59 -67.68
N ILE E 122 -33.93 17.42 -68.58
CA ILE E 122 -34.61 18.66 -68.21
C ILE E 122 -35.98 18.69 -68.88
N THR E 123 -36.98 19.16 -68.14
CA THR E 123 -38.34 19.18 -68.65
C THR E 123 -38.50 20.23 -69.74
N ASP E 124 -39.12 19.83 -70.85
CA ASP E 124 -39.49 20.75 -71.92
C ASP E 124 -41.00 20.84 -72.09
N GLU E 125 -41.67 19.71 -72.30
CA GLU E 125 -43.13 19.67 -72.37
C GLU E 125 -43.75 18.55 -71.53
N ASP E 126 -43.01 17.51 -71.19
CA ASP E 126 -43.49 16.43 -70.34
C ASP E 126 -42.57 16.29 -69.15
N THR E 127 -43.16 16.10 -67.97
CA THR E 127 -42.34 16.10 -66.76
C THR E 127 -42.01 14.68 -66.31
N PRO E 128 -40.88 14.51 -65.62
CA PRO E 128 -40.55 13.21 -65.01
C PRO E 128 -41.32 12.90 -63.74
N THR E 129 -42.42 13.60 -63.49
CA THR E 129 -43.27 13.48 -62.29
C THR E 129 -42.59 14.10 -61.08
N ALA E 130 -42.51 13.35 -59.99
CA ALA E 130 -42.00 13.90 -58.73
C ALA E 130 -40.56 14.38 -58.90
N ILE E 131 -40.30 15.58 -58.38
CA ILE E 131 -38.96 16.17 -58.46
C ILE E 131 -38.13 15.92 -57.21
N ALA E 132 -38.72 15.31 -56.17
CA ALA E 132 -37.95 15.03 -54.96
C ALA E 132 -36.81 14.06 -55.25
N ARG E 133 -37.07 13.04 -56.05
CA ARG E 133 -36.05 12.08 -56.45
C ARG E 133 -35.38 12.54 -57.75
N ARG E 134 -34.36 11.78 -58.15
CA ARG E 134 -33.61 12.14 -59.35
C ARG E 134 -34.46 12.02 -60.60
N ASN E 135 -34.40 13.04 -61.45
CA ASN E 135 -35.10 13.04 -62.74
C ASN E 135 -34.16 12.38 -63.74
N MET E 136 -34.32 11.06 -63.89
CA MET E 136 -33.34 10.24 -64.60
C MET E 136 -34.05 9.45 -65.71
N THR E 137 -33.33 9.25 -66.81
CA THR E 137 -33.85 8.53 -67.97
C THR E 137 -32.80 7.53 -68.44
N MET E 138 -33.23 6.28 -68.66
CA MET E 138 -32.34 5.20 -69.07
C MET E 138 -32.26 5.01 -70.58
N ASP E 139 -33.01 5.78 -71.37
CA ASP E 139 -33.08 5.54 -72.80
C ASP E 139 -31.74 5.71 -73.52
N PRO E 140 -30.96 6.83 -73.32
CA PRO E 140 -29.71 7.01 -74.06
C PRO E 140 -28.56 6.13 -73.56
N ASN E 141 -28.80 4.83 -73.51
CA ASN E 141 -27.79 3.87 -73.07
C ASN E 141 -27.86 2.62 -73.92
N HIS E 142 -26.70 2.01 -74.18
CA HIS E 142 -25.41 2.48 -73.65
C HIS E 142 -24.80 3.58 -74.51
N VAL E 143 -24.19 4.55 -73.85
CA VAL E 143 -23.56 5.69 -74.52
C VAL E 143 -22.39 5.20 -75.36
N PRO E 144 -22.12 5.82 -76.52
CA PRO E 144 -20.99 5.38 -77.34
C PRO E 144 -19.65 5.88 -76.80
N GLY E 145 -19.69 6.96 -76.03
CA GLY E 145 -18.47 7.52 -75.49
C GLY E 145 -17.85 6.66 -74.41
N SER E 146 -16.56 6.89 -74.17
CA SER E 146 -15.81 6.16 -73.16
C SER E 146 -15.69 7.03 -71.91
N GLU E 147 -16.20 6.54 -70.79
CA GLU E 147 -16.18 7.23 -69.52
C GLU E 147 -15.68 6.29 -68.42
N PRO E 148 -15.15 6.84 -67.32
CA PRO E 148 -14.68 5.97 -66.22
C PRO E 148 -15.82 5.38 -65.40
N ASN E 149 -17.05 5.53 -65.90
CA ASN E 149 -18.27 5.05 -65.23
C ASN E 149 -18.23 3.56 -64.97
N PHE E 150 -18.14 3.14 -63.71
CA PHE E 150 -17.96 4.05 -62.58
C PHE E 150 -16.83 3.54 -61.69
N ALA E 151 -16.47 2.27 -61.86
CA ALA E 151 -15.45 1.66 -61.02
C ALA E 151 -14.08 2.29 -61.24
N ALA E 152 -13.85 2.87 -62.43
CA ALA E 152 -12.57 3.48 -62.73
C ALA E 152 -12.43 4.88 -62.14
N TYR E 153 -13.48 5.43 -61.55
CA TYR E 153 -13.42 6.76 -60.96
C TYR E 153 -12.50 6.75 -59.74
N ARG E 154 -11.64 7.75 -59.65
CA ARG E 154 -10.73 7.93 -58.52
C ARG E 154 -11.25 9.09 -57.67
N THR E 155 -11.61 8.80 -56.43
CA THR E 155 -12.32 9.74 -55.57
C THR E 155 -11.42 10.43 -54.55
N GLN E 156 -10.11 10.17 -54.57
CA GLN E 156 -9.23 10.77 -53.59
C GLN E 156 -9.18 12.28 -53.75
N SER E 157 -8.90 12.97 -52.64
CA SER E 157 -8.78 14.43 -52.51
C SER E 157 -10.13 15.12 -52.65
N ARG E 158 -11.24 14.39 -52.77
CA ARG E 158 -12.57 14.97 -52.85
C ARG E 158 -13.27 14.82 -51.51
N ARG E 159 -13.77 15.93 -50.97
CA ARG E 159 -14.40 15.94 -49.65
C ARG E 159 -15.76 16.61 -49.65
N GLY E 160 -16.30 16.95 -50.82
CA GLY E 160 -17.59 17.59 -50.92
C GLY E 160 -17.87 18.09 -52.31
N PRO E 161 -19.00 18.81 -52.50
CA PRO E 161 -20.01 19.16 -51.49
C PRO E 161 -20.95 17.99 -51.18
N ILE E 162 -21.44 17.92 -49.94
CA ILE E 162 -22.34 16.86 -49.49
C ILE E 162 -23.61 17.44 -48.87
N ALA E 163 -23.46 18.34 -47.89
CA ALA E 163 -24.56 19.03 -47.21
C ALA E 163 -25.37 18.08 -46.34
N ARG E 164 -26.50 18.57 -45.82
CA ARG E 164 -27.39 17.77 -44.99
C ARG E 164 -28.38 16.95 -45.80
N GLU E 165 -28.72 17.42 -47.00
CA GLU E 165 -29.70 16.70 -47.83
C GLU E 165 -29.21 15.31 -48.18
N PHE E 166 -27.93 15.17 -48.52
CA PHE E 166 -27.41 13.87 -48.94
C PHE E 166 -27.55 12.83 -47.83
N PHE E 167 -27.22 13.20 -46.60
CA PHE E 167 -27.28 12.23 -45.51
C PHE E 167 -28.72 11.92 -45.10
N LYS E 168 -29.61 12.90 -45.17
CA LYS E 168 -31.03 12.63 -44.94
C LYS E 168 -31.57 11.64 -45.98
N HIS E 169 -31.23 11.87 -47.25
CA HIS E 169 -31.65 10.94 -48.30
C HIS E 169 -31.03 9.56 -48.10
N PHE E 170 -29.77 9.49 -47.67
CA PHE E 170 -29.13 8.21 -47.41
C PHE E 170 -29.86 7.46 -46.30
N ALA E 171 -30.13 8.15 -45.18
CA ALA E 171 -30.81 7.50 -44.06
C ALA E 171 -32.23 7.09 -44.43
N GLU E 172 -32.89 7.84 -45.31
CA GLU E 172 -34.24 7.49 -45.71
C GLU E 172 -34.25 6.30 -46.67
N GLU E 173 -33.45 6.37 -47.73
CA GLU E 173 -33.41 5.30 -48.73
C GLU E 173 -32.91 4.00 -48.13
N HIS E 174 -31.85 4.06 -47.32
CA HIS E 174 -31.35 2.84 -46.67
C HIS E 174 -32.24 2.39 -45.53
N ALA E 175 -33.12 3.25 -45.04
CA ALA E 175 -33.97 2.98 -43.88
C ALA E 175 -33.11 2.51 -42.69
N ALA E 176 -32.08 3.31 -42.42
CA ALA E 176 -31.09 3.00 -41.40
C ALA E 176 -31.27 3.95 -40.21
N HIS E 177 -30.33 3.88 -39.28
CA HIS E 177 -30.43 4.66 -38.05
C HIS E 177 -30.08 6.12 -38.31
N THR E 178 -29.91 6.87 -37.22
CA THR E 178 -29.82 8.32 -37.22
C THR E 178 -28.78 8.88 -38.20
N GLU E 179 -29.00 10.11 -38.66
CA GLU E 179 -28.12 10.73 -39.64
C GLU E 179 -26.80 11.15 -39.00
N ASN E 180 -26.83 11.54 -37.72
CA ASN E 180 -25.62 12.00 -37.06
C ASN E 180 -24.57 10.89 -36.98
N ALA E 181 -25.01 9.67 -36.69
CA ALA E 181 -24.08 8.54 -36.63
C ALA E 181 -23.42 8.30 -37.98
N TRP E 182 -24.22 8.34 -39.06
CA TRP E 182 -23.66 8.18 -40.40
C TRP E 182 -22.68 9.29 -40.72
N ARG E 183 -23.04 10.54 -40.39
CA ARG E 183 -22.15 11.67 -40.68
C ARG E 183 -20.82 11.53 -39.95
N ASP E 184 -20.88 11.18 -38.67
CA ASP E 184 -19.64 11.04 -37.90
C ASP E 184 -18.82 9.86 -38.38
N ARG E 185 -19.46 8.72 -38.65
CA ARG E 185 -18.76 7.58 -39.22
C ARG E 185 -18.02 7.97 -40.49
N PHE E 186 -18.75 8.59 -41.43
CA PHE E 186 -18.17 9.04 -42.68
C PHE E 186 -16.97 9.93 -42.44
N ARG E 187 -17.19 11.09 -41.80
CA ARG E 187 -16.14 12.09 -41.69
C ARG E 187 -14.93 11.58 -40.92
N LYS E 188 -15.16 10.83 -39.84
CA LYS E 188 -14.06 10.45 -38.97
C LYS E 188 -13.35 9.18 -39.40
N PHE E 189 -13.99 8.34 -40.22
CA PHE E 189 -13.38 7.07 -40.61
C PHE E 189 -13.12 6.96 -42.10
N LEU E 190 -14.13 7.20 -42.95
CA LEU E 190 -13.96 6.95 -44.37
C LEU E 190 -13.03 7.97 -45.00
N LEU E 191 -13.22 9.24 -44.69
CA LEU E 191 -12.37 10.28 -45.27
C LEU E 191 -10.94 10.19 -44.76
N ALA E 192 -10.76 9.95 -43.47
CA ALA E 192 -9.41 9.79 -42.92
C ALA E 192 -8.76 8.48 -43.37
N TYR E 193 -9.55 7.51 -43.81
CA TYR E 193 -9.05 6.24 -44.33
C TYR E 193 -8.91 6.26 -45.84
N GLY E 194 -9.80 6.95 -46.54
CA GLY E 194 -9.80 6.94 -47.99
C GLY E 194 -10.95 6.13 -48.55
N ILE E 195 -11.85 6.78 -49.29
CA ILE E 195 -12.99 6.09 -49.86
C ILE E 195 -12.54 5.01 -50.83
N ASP E 196 -11.65 5.36 -51.75
CA ASP E 196 -11.17 4.40 -52.73
C ASP E 196 -10.32 3.32 -52.08
N ASP E 197 -9.54 3.69 -51.06
CA ASP E 197 -8.73 2.70 -50.35
C ASP E 197 -9.60 1.62 -49.71
N TYR E 198 -10.64 2.04 -48.99
CA TYR E 198 -11.54 1.07 -48.38
C TYR E 198 -12.33 0.30 -49.43
N ILE E 199 -12.71 0.96 -50.51
CA ILE E 199 -13.43 0.27 -51.59
C ILE E 199 -12.58 -0.85 -52.16
N SER E 200 -11.32 -0.55 -52.47
CA SER E 200 -10.42 -1.55 -53.03
C SER E 200 -10.15 -2.66 -52.03
N TYR E 201 -9.94 -2.30 -50.76
CA TYR E 201 -9.68 -3.32 -49.74
C TYR E 201 -10.87 -4.26 -49.59
N TYR E 202 -12.08 -3.70 -49.53
CA TYR E 202 -13.28 -4.52 -49.38
C TYR E 202 -13.48 -5.42 -50.60
N GLU E 203 -13.30 -4.87 -51.80
CA GLU E 203 -13.47 -5.67 -53.01
C GLU E 203 -12.45 -6.79 -53.09
N ALA E 204 -11.18 -6.48 -52.77
CA ALA E 204 -10.14 -7.50 -52.80
C ALA E 204 -10.41 -8.60 -51.79
N GLU E 205 -10.80 -8.22 -50.57
CA GLU E 205 -11.07 -9.23 -49.55
C GLU E 205 -12.27 -10.09 -49.94
N LYS E 206 -13.31 -9.48 -50.51
CA LYS E 206 -14.46 -10.26 -50.97
C LYS E 206 -14.08 -11.19 -52.11
N ALA E 207 -13.15 -10.78 -52.96
CA ALA E 207 -12.71 -11.63 -54.06
C ALA E 207 -12.01 -12.88 -53.55
N GLN E 208 -11.17 -12.74 -52.54
CA GLN E 208 -10.42 -13.86 -51.98
C GLN E 208 -11.20 -14.67 -50.96
N ASN E 209 -12.53 -14.48 -50.88
CA ASN E 209 -13.39 -15.22 -49.96
C ASN E 209 -12.94 -15.04 -48.52
N ARG E 210 -12.72 -13.79 -48.14
CA ARG E 210 -12.35 -13.44 -46.78
C ARG E 210 -13.20 -12.26 -46.33
N GLU E 211 -13.56 -12.25 -45.05
CA GLU E 211 -14.38 -11.17 -44.51
C GLU E 211 -13.50 -9.97 -44.18
N PRO E 212 -13.70 -8.82 -44.82
CA PRO E 212 -12.88 -7.66 -44.50
C PRO E 212 -13.28 -7.03 -43.17
N GLU E 213 -12.28 -6.64 -42.40
CA GLU E 213 -12.55 -5.97 -41.13
C GLU E 213 -13.01 -4.54 -41.39
N PRO E 214 -14.02 -4.06 -40.66
CA PRO E 214 -14.40 -2.65 -40.77
C PRO E 214 -13.31 -1.75 -40.22
N MET E 215 -13.41 -0.46 -40.57
CA MET E 215 -12.41 0.51 -40.15
C MET E 215 -12.34 0.56 -38.63
N LYS E 216 -11.13 0.68 -38.11
CA LYS E 216 -10.90 0.66 -36.67
C LYS E 216 -9.69 1.51 -36.35
N ASN E 217 -9.63 1.96 -35.09
CA ASN E 217 -8.51 2.72 -34.56
C ASN E 217 -8.22 3.96 -35.41
N LEU E 218 -9.29 4.68 -35.76
CA LEU E 218 -9.19 5.90 -36.54
C LEU E 218 -9.81 7.07 -35.80
N THR E 219 -9.44 7.24 -34.52
CA THR E 219 -9.98 8.31 -33.69
C THR E 219 -9.87 9.66 -34.39
N ASN E 220 -8.63 10.05 -34.73
CA ASN E 220 -8.28 11.27 -35.46
C ASN E 220 -8.54 12.54 -34.67
N ARG E 221 -9.11 12.45 -33.47
CA ARG E 221 -9.41 13.63 -32.66
C ARG E 221 -8.84 13.44 -31.26
N PRO E 222 -8.44 14.54 -30.62
CA PRO E 222 -7.85 14.42 -29.27
C PRO E 222 -8.90 14.03 -28.23
N LYS E 223 -8.39 13.51 -27.12
CA LYS E 223 -9.21 13.20 -25.96
C LYS E 223 -9.39 14.40 -25.04
N ARG E 224 -8.84 15.56 -25.41
CA ARG E 224 -8.92 16.81 -24.67
C ARG E 224 -8.32 16.66 -23.28
N PRO E 225 -7.01 16.50 -23.15
CA PRO E 225 -6.40 16.44 -21.81
C PRO E 225 -6.42 17.81 -21.15
N GLY E 226 -6.41 17.80 -19.82
CA GLY E 226 -6.43 19.03 -19.04
C GLY E 226 -7.79 19.38 -18.47
N VAL E 227 -8.83 18.67 -18.84
CA VAL E 227 -10.18 18.93 -18.33
C VAL E 227 -10.71 17.65 -17.69
N PRO E 228 -11.64 17.74 -16.75
CA PRO E 228 -12.19 16.53 -16.13
C PRO E 228 -12.83 15.61 -17.16
N THR E 229 -12.69 14.31 -16.93
CA THR E 229 -13.23 13.33 -17.85
C THR E 229 -14.74 13.44 -17.93
N PRO E 230 -15.33 13.36 -19.13
CA PRO E 230 -16.78 13.50 -19.24
C PRO E 230 -17.52 12.27 -18.72
N GLY E 231 -17.73 12.23 -17.41
CA GLY E 231 -18.41 11.12 -16.76
C GLY E 231 -17.54 10.41 -15.75
N ASN E 232 -17.83 10.63 -14.47
CA ASN E 232 -17.10 9.99 -13.38
C ASN E 232 -18.11 9.44 -12.39
N TYR E 233 -17.95 8.17 -12.02
CA TYR E 233 -18.89 7.48 -11.14
C TYR E 233 -18.13 6.78 -10.02
N ASN E 234 -17.20 7.50 -9.41
CA ASN E 234 -16.39 7.00 -8.30
C ASN E 234 -16.96 7.52 -6.98
N SER E 235 -16.24 7.27 -5.88
CA SER E 235 -16.74 7.64 -4.56
C SER E 235 -16.94 9.14 -4.42
N ALA E 236 -16.31 9.95 -5.27
CA ALA E 236 -16.56 11.39 -5.25
C ALA E 236 -18.01 11.70 -5.61
N ALA E 237 -18.55 10.99 -6.60
CA ALA E 237 -19.94 11.18 -7.01
C ALA E 237 -20.40 9.94 -7.77
N LYS E 238 -21.45 9.25 -7.30
CA LYS E 238 -22.30 9.55 -6.12
C LYS E 238 -22.92 10.95 -6.10
N ARG E 239 -23.65 11.28 -7.16
CA ARG E 239 -24.31 12.57 -7.26
C ARG E 239 -25.63 12.56 -6.50
N ALA E 240 -26.02 13.74 -6.01
CA ALA E 240 -27.28 13.88 -5.30
C ALA E 240 -28.43 14.02 -6.28
N ARG E 241 -29.47 13.21 -6.11
CA ARG E 241 -30.62 13.21 -6.98
C ARG E 241 -31.88 13.62 -6.20
N ASN E 242 -32.83 14.18 -6.93
CA ASN E 242 -34.09 14.63 -6.32
C ASN E 242 -35.28 14.30 -7.21
#